data_7NVK
# 
_entry.id   7NVK 
# 
_audit_conform.dict_name       mmcif_pdbx.dic 
_audit_conform.dict_version    5.384 
_audit_conform.dict_location   http://mmcif.pdb.org/dictionaries/ascii/mmcif_pdbx.dic 
# 
loop_
_database_2.database_id 
_database_2.database_code 
_database_2.pdbx_database_accession 
_database_2.pdbx_DOI 
PDB   7NVK         pdb_00007nvk 10.2210/pdb7nvk/pdb 
WWPDB D_1292114549 ?            ?                   
# 
loop_
_pdbx_audit_revision_history.ordinal 
_pdbx_audit_revision_history.data_content_type 
_pdbx_audit_revision_history.major_revision 
_pdbx_audit_revision_history.minor_revision 
_pdbx_audit_revision_history.revision_date 
1 'Structure model' 1 0 2021-09-29 
2 'Structure model' 1 1 2022-05-11 
3 'Structure model' 1 2 2024-01-31 
# 
_pdbx_audit_revision_details.ordinal             1 
_pdbx_audit_revision_details.revision_ordinal    1 
_pdbx_audit_revision_details.data_content_type   'Structure model' 
_pdbx_audit_revision_details.provider            repository 
_pdbx_audit_revision_details.type                'Initial release' 
_pdbx_audit_revision_details.description         ? 
_pdbx_audit_revision_details.details             ? 
# 
loop_
_pdbx_audit_revision_group.ordinal 
_pdbx_audit_revision_group.revision_ordinal 
_pdbx_audit_revision_group.data_content_type 
_pdbx_audit_revision_group.group 
1 2 'Structure model' 'Database references'    
2 3 'Structure model' 'Data collection'        
3 3 'Structure model' 'Derived calculations'   
4 3 'Structure model' 'Refinement description' 
# 
loop_
_pdbx_audit_revision_category.ordinal 
_pdbx_audit_revision_category.revision_ordinal 
_pdbx_audit_revision_category.data_content_type 
_pdbx_audit_revision_category.category 
1 2 'Structure model' citation                      
2 2 'Structure model' citation_author               
3 3 'Structure model' atom_type                     
4 3 'Structure model' chem_comp_atom                
5 3 'Structure model' chem_comp_bond                
6 3 'Structure model' pdbx_initial_refinement_model 
# 
loop_
_pdbx_audit_revision_item.ordinal 
_pdbx_audit_revision_item.revision_ordinal 
_pdbx_audit_revision_item.data_content_type 
_pdbx_audit_revision_item.item 
1  2 'Structure model' '_citation.country'                 
2  2 'Structure model' '_citation.journal_abbrev'          
3  2 'Structure model' '_citation.journal_id_CSD'          
4  2 'Structure model' '_citation.journal_id_ISSN'         
5  2 'Structure model' '_citation.journal_volume'          
6  2 'Structure model' '_citation.page_first'              
7  2 'Structure model' '_citation.page_last'               
8  2 'Structure model' '_citation.pdbx_database_id_DOI'    
9  2 'Structure model' '_citation.pdbx_database_id_PubMed' 
10 2 'Structure model' '_citation.title'                   
11 2 'Structure model' '_citation.year'                    
12 3 'Structure model' '_atom_type.pdbx_N_electrons'       
13 3 'Structure model' '_atom_type.pdbx_scat_Z'            
# 
_pdbx_database_status.status_code                     REL 
_pdbx_database_status.status_code_sf                  REL 
_pdbx_database_status.status_code_mr                  ? 
_pdbx_database_status.entry_id                        7NVK 
_pdbx_database_status.recvd_initial_deposition_date   2021-03-15 
_pdbx_database_status.SG_entry                        N 
_pdbx_database_status.deposit_site                    PDBE 
_pdbx_database_status.process_site                    PDBE 
_pdbx_database_status.status_code_cs                  ? 
_pdbx_database_status.status_code_nmr_data            ? 
_pdbx_database_status.methods_development_category    ? 
_pdbx_database_status.pdb_format_compatible           N 
# 
loop_
_audit_author.name 
_audit_author.pdbx_ordinal 
_audit_author.identifier_ORCID 
'Manoj Kumar, P.' 1 0000-0002-7083-5690 
'Padala, P.'      2 0000-0002-6370-9805 
'Isupov, M.N.'    3 0000-0001-6842-4289 
'Wiener, R.'      4 0000-0002-4219-550X 
# 
_citation.abstract                  ? 
_citation.abstract_id_CAS           ? 
_citation.book_id_ISBN              ? 
_citation.book_publisher            ? 
_citation.book_publisher_city       ? 
_citation.book_title                ? 
_citation.coordinate_linkage        ? 
_citation.country                   UK 
_citation.database_id_Medline       ? 
_citation.details                   ? 
_citation.id                        primary 
_citation.journal_abbrev            'Nat Commun' 
_citation.journal_id_ASTM           ? 
_citation.journal_id_CSD            ? 
_citation.journal_id_ISSN           2041-1723 
_citation.journal_full              ? 
_citation.journal_issue             ? 
_citation.journal_volume            12 
_citation.language                  ? 
_citation.page_first                5708 
_citation.page_last                 5708 
_citation.title                     'Structural basis for UFM1 transfer from UBA5 to UFC1.' 
_citation.year                      2021 
_citation.database_id_CSD           ? 
_citation.pdbx_database_id_DOI      10.1038/s41467-021-25994-6 
_citation.pdbx_database_id_PubMed   34588452 
_citation.pdbx_database_id_patent   ? 
_citation.unpublished_flag          ? 
# 
loop_
_citation_author.citation_id 
_citation_author.name 
_citation_author.ordinal 
_citation_author.identifier_ORCID 
primary 'Kumar, M.'           1  ?                   
primary 'Padala, P.'          2  ?                   
primary 'Fahoum, J.'          3  ?                   
primary 'Hassouna, F.'        4  ?                   
primary 'Tsaban, T.'          5  ?                   
primary 'Zoltsman, G.'        6  ?                   
primary 'Banerjee, S.'        7  ?                   
primary 'Cohen-Kfir, E.'      8  ?                   
primary 'Dessau, M.'          9  0000-0002-1954-3625 
primary 'Rosenzweig, R.'      10 0000-0002-4019-5135 
primary 'Isupov, M.N.'        11 ?                   
primary 'Schueler-Furman, O.' 12 0000-0002-1624-0362 
primary 'Wiener, R.'          13 0000-0002-4219-550X 
# 
_entity.id                         1 
_entity.type                       polymer 
_entity.src_method                 man 
_entity.pdbx_description           'Ubiquitin-like modifier-activating enzyme 5,Ubiquitin-fold modifier-conjugating enzyme 1' 
_entity.formula_weight             25917.533 
_entity.pdbx_number_of_molecules   1 
_entity.pdbx_ec                    ? 
_entity.pdbx_mutation              ? 
_entity.pdbx_fragment              ? 
_entity.details                    ? 
# 
_entity_name_com.entity_id   1 
_entity_name_com.name        
;Ubiquitin-activating enzyme 5,ThiFP1,UFM1-activating enzyme,Ubiquitin-activating enzyme E1 domain-containing protein 1,Ufm1-conjugating enzyme 1
;
# 
_entity_poly.entity_id                      1 
_entity_poly.type                           'polypeptide(L)' 
_entity_poly.nstd_linkage                   no 
_entity_poly.nstd_monomer                   no 
_entity_poly.pdbx_seq_one_letter_code       
;GSEVSEEELKNFSGPVPDLPEGITVAYTIPKKQEDSVTELTVEDSGESLEDLMAKMKNMMADEATRRVVSEIPVLKTNAG
PRDRELWVQRLKEEYQSLIRYVENNKNADNDWFRLESNKEGTRWFGKCWYIHDLLKYEFDIEFDIPITYPTTAPEIAVPE
LDGKTAKMYRGGKICLTDHFKPLWARNVPKFGLAHLMALGLGPWLAVEIPDLIQKGVIQHKEKCNQ
;
_entity_poly.pdbx_seq_one_letter_code_can   
;GSEVSEEELKNFSGPVPDLPEGITVAYTIPKKQEDSVTELTVEDSGESLEDLMAKMKNMMADEATRRVVSEIPVLKTNAG
PRDRELWVQRLKEEYQSLIRYVENNKNADNDWFRLESNKEGTRWFGKCWYIHDLLKYEFDIEFDIPITYPTTAPEIAVPE
LDGKTAKMYRGGKICLTDHFKPLWARNVPKFGLAHLMALGLGPWLAVEIPDLIQKGVIQHKEKCNQ
;
_entity_poly.pdbx_strand_id                 AAA 
_entity_poly.pdbx_target_identifier         ? 
# 
loop_
_entity_poly_seq.entity_id 
_entity_poly_seq.num 
_entity_poly_seq.mon_id 
_entity_poly_seq.hetero 
1 1   GLY n 
1 2   SER n 
1 3   GLU n 
1 4   VAL n 
1 5   SER n 
1 6   GLU n 
1 7   GLU n 
1 8   GLU n 
1 9   LEU n 
1 10  LYS n 
1 11  ASN n 
1 12  PHE n 
1 13  SER n 
1 14  GLY n 
1 15  PRO n 
1 16  VAL n 
1 17  PRO n 
1 18  ASP n 
1 19  LEU n 
1 20  PRO n 
1 21  GLU n 
1 22  GLY n 
1 23  ILE n 
1 24  THR n 
1 25  VAL n 
1 26  ALA n 
1 27  TYR n 
1 28  THR n 
1 29  ILE n 
1 30  PRO n 
1 31  LYS n 
1 32  LYS n 
1 33  GLN n 
1 34  GLU n 
1 35  ASP n 
1 36  SER n 
1 37  VAL n 
1 38  THR n 
1 39  GLU n 
1 40  LEU n 
1 41  THR n 
1 42  VAL n 
1 43  GLU n 
1 44  ASP n 
1 45  SER n 
1 46  GLY n 
1 47  GLU n 
1 48  SER n 
1 49  LEU n 
1 50  GLU n 
1 51  ASP n 
1 52  LEU n 
1 53  MET n 
1 54  ALA n 
1 55  LYS n 
1 56  MET n 
1 57  LYS n 
1 58  ASN n 
1 59  MET n 
1 60  MET n 
1 61  ALA n 
1 62  ASP n 
1 63  GLU n 
1 64  ALA n 
1 65  THR n 
1 66  ARG n 
1 67  ARG n 
1 68  VAL n 
1 69  VAL n 
1 70  SER n 
1 71  GLU n 
1 72  ILE n 
1 73  PRO n 
1 74  VAL n 
1 75  LEU n 
1 76  LYS n 
1 77  THR n 
1 78  ASN n 
1 79  ALA n 
1 80  GLY n 
1 81  PRO n 
1 82  ARG n 
1 83  ASP n 
1 84  ARG n 
1 85  GLU n 
1 86  LEU n 
1 87  TRP n 
1 88  VAL n 
1 89  GLN n 
1 90  ARG n 
1 91  LEU n 
1 92  LYS n 
1 93  GLU n 
1 94  GLU n 
1 95  TYR n 
1 96  GLN n 
1 97  SER n 
1 98  LEU n 
1 99  ILE n 
1 100 ARG n 
1 101 TYR n 
1 102 VAL n 
1 103 GLU n 
1 104 ASN n 
1 105 ASN n 
1 106 LYS n 
1 107 ASN n 
1 108 ALA n 
1 109 ASP n 
1 110 ASN n 
1 111 ASP n 
1 112 TRP n 
1 113 PHE n 
1 114 ARG n 
1 115 LEU n 
1 116 GLU n 
1 117 SER n 
1 118 ASN n 
1 119 LYS n 
1 120 GLU n 
1 121 GLY n 
1 122 THR n 
1 123 ARG n 
1 124 TRP n 
1 125 PHE n 
1 126 GLY n 
1 127 LYS n 
1 128 CYS n 
1 129 TRP n 
1 130 TYR n 
1 131 ILE n 
1 132 HIS n 
1 133 ASP n 
1 134 LEU n 
1 135 LEU n 
1 136 LYS n 
1 137 TYR n 
1 138 GLU n 
1 139 PHE n 
1 140 ASP n 
1 141 ILE n 
1 142 GLU n 
1 143 PHE n 
1 144 ASP n 
1 145 ILE n 
1 146 PRO n 
1 147 ILE n 
1 148 THR n 
1 149 TYR n 
1 150 PRO n 
1 151 THR n 
1 152 THR n 
1 153 ALA n 
1 154 PRO n 
1 155 GLU n 
1 156 ILE n 
1 157 ALA n 
1 158 VAL n 
1 159 PRO n 
1 160 GLU n 
1 161 LEU n 
1 162 ASP n 
1 163 GLY n 
1 164 LYS n 
1 165 THR n 
1 166 ALA n 
1 167 LYS n 
1 168 MET n 
1 169 TYR n 
1 170 ARG n 
1 171 GLY n 
1 172 GLY n 
1 173 LYS n 
1 174 ILE n 
1 175 CYS n 
1 176 LEU n 
1 177 THR n 
1 178 ASP n 
1 179 HIS n 
1 180 PHE n 
1 181 LYS n 
1 182 PRO n 
1 183 LEU n 
1 184 TRP n 
1 185 ALA n 
1 186 ARG n 
1 187 ASN n 
1 188 VAL n 
1 189 PRO n 
1 190 LYS n 
1 191 PHE n 
1 192 GLY n 
1 193 LEU n 
1 194 ALA n 
1 195 HIS n 
1 196 LEU n 
1 197 MET n 
1 198 ALA n 
1 199 LEU n 
1 200 GLY n 
1 201 LEU n 
1 202 GLY n 
1 203 PRO n 
1 204 TRP n 
1 205 LEU n 
1 206 ALA n 
1 207 VAL n 
1 208 GLU n 
1 209 ILE n 
1 210 PRO n 
1 211 ASP n 
1 212 LEU n 
1 213 ILE n 
1 214 GLN n 
1 215 LYS n 
1 216 GLY n 
1 217 VAL n 
1 218 ILE n 
1 219 GLN n 
1 220 HIS n 
1 221 LYS n 
1 222 GLU n 
1 223 LYS n 
1 224 CYS n 
1 225 ASN n 
1 226 GLN n 
# 
loop_
_entity_src_gen.entity_id 
_entity_src_gen.pdbx_src_id 
_entity_src_gen.pdbx_alt_source_flag 
_entity_src_gen.pdbx_seq_type 
_entity_src_gen.pdbx_beg_seq_num 
_entity_src_gen.pdbx_end_seq_num 
_entity_src_gen.gene_src_common_name 
_entity_src_gen.gene_src_genus 
_entity_src_gen.pdbx_gene_src_gene 
_entity_src_gen.gene_src_species 
_entity_src_gen.gene_src_strain 
_entity_src_gen.gene_src_tissue 
_entity_src_gen.gene_src_tissue_fraction 
_entity_src_gen.gene_src_details 
_entity_src_gen.pdbx_gene_src_fragment 
_entity_src_gen.pdbx_gene_src_scientific_name 
_entity_src_gen.pdbx_gene_src_ncbi_taxonomy_id 
_entity_src_gen.pdbx_gene_src_variant 
_entity_src_gen.pdbx_gene_src_cell_line 
_entity_src_gen.pdbx_gene_src_atcc 
_entity_src_gen.pdbx_gene_src_organ 
_entity_src_gen.pdbx_gene_src_organelle 
_entity_src_gen.pdbx_gene_src_cell 
_entity_src_gen.pdbx_gene_src_cellular_location 
_entity_src_gen.host_org_common_name 
_entity_src_gen.pdbx_host_org_scientific_name 
_entity_src_gen.pdbx_host_org_ncbi_taxonomy_id 
_entity_src_gen.host_org_genus 
_entity_src_gen.pdbx_host_org_gene 
_entity_src_gen.pdbx_host_org_organ 
_entity_src_gen.host_org_species 
_entity_src_gen.pdbx_host_org_tissue 
_entity_src_gen.pdbx_host_org_tissue_fraction 
_entity_src_gen.pdbx_host_org_strain 
_entity_src_gen.pdbx_host_org_variant 
_entity_src_gen.pdbx_host_org_cell_line 
_entity_src_gen.pdbx_host_org_atcc 
_entity_src_gen.pdbx_host_org_culture_collection 
_entity_src_gen.pdbx_host_org_cell 
_entity_src_gen.pdbx_host_org_organelle 
_entity_src_gen.pdbx_host_org_cellular_location 
_entity_src_gen.pdbx_host_org_vector_type 
_entity_src_gen.pdbx_host_org_vector 
_entity_src_gen.host_org_details 
_entity_src_gen.expression_system_id 
_entity_src_gen.plasmid_name 
_entity_src_gen.plasmid_details 
_entity_src_gen.pdbx_description 
1 1 sample 'Biological sequence' 1  59  Human ? 'UBA5, UBE1DC1'          ? ? ? ? ? ? 'Homo sapiens' 9606 ? ? ? ? ? ? ? ? 
'Escherichia coli' 562 ? ? ? ? ? ? ? ? ? ? ? ? ? ? ? ? ? ? pET32A ? ? 
1 2 sample 'Biological sequence' 60 226 Human ? 'UFC1, CGI-126, HSPC155' ? ? ? ? ? ? 'Homo sapiens' 9606 ? ? ? ? ? ? ? ? 
'Escherichia coli' 562 ? ? ? ? ? ? ? ? ? ? ? ? ? ? ? ? ? ? pET32A ? ? 
# 
loop_
_chem_comp.id 
_chem_comp.type 
_chem_comp.mon_nstd_flag 
_chem_comp.name 
_chem_comp.pdbx_synonyms 
_chem_comp.formula 
_chem_comp.formula_weight 
ALA 'L-peptide linking' y ALANINE         ? 'C3 H7 N O2'     89.093  
ARG 'L-peptide linking' y ARGININE        ? 'C6 H15 N4 O2 1' 175.209 
ASN 'L-peptide linking' y ASPARAGINE      ? 'C4 H8 N2 O3'    132.118 
ASP 'L-peptide linking' y 'ASPARTIC ACID' ? 'C4 H7 N O4'     133.103 
CYS 'L-peptide linking' y CYSTEINE        ? 'C3 H7 N O2 S'   121.158 
GLN 'L-peptide linking' y GLUTAMINE       ? 'C5 H10 N2 O3'   146.144 
GLU 'L-peptide linking' y 'GLUTAMIC ACID' ? 'C5 H9 N O4'     147.129 
GLY 'peptide linking'   y GLYCINE         ? 'C2 H5 N O2'     75.067  
HIS 'L-peptide linking' y HISTIDINE       ? 'C6 H10 N3 O2 1' 156.162 
ILE 'L-peptide linking' y ISOLEUCINE      ? 'C6 H13 N O2'    131.173 
LEU 'L-peptide linking' y LEUCINE         ? 'C6 H13 N O2'    131.173 
LYS 'L-peptide linking' y LYSINE          ? 'C6 H15 N2 O2 1' 147.195 
MET 'L-peptide linking' y METHIONINE      ? 'C5 H11 N O2 S'  149.211 
PHE 'L-peptide linking' y PHENYLALANINE   ? 'C9 H11 N O2'    165.189 
PRO 'L-peptide linking' y PROLINE         ? 'C5 H9 N O2'     115.130 
SER 'L-peptide linking' y SERINE          ? 'C3 H7 N O3'     105.093 
THR 'L-peptide linking' y THREONINE       ? 'C4 H9 N O3'     119.119 
TRP 'L-peptide linking' y TRYPTOPHAN      ? 'C11 H12 N2 O2'  204.225 
TYR 'L-peptide linking' y TYROSINE        ? 'C9 H11 N O3'    181.189 
VAL 'L-peptide linking' y VALINE          ? 'C5 H11 N O2'    117.146 
# 
loop_
_pdbx_poly_seq_scheme.asym_id 
_pdbx_poly_seq_scheme.entity_id 
_pdbx_poly_seq_scheme.seq_id 
_pdbx_poly_seq_scheme.mon_id 
_pdbx_poly_seq_scheme.ndb_seq_num 
_pdbx_poly_seq_scheme.pdb_seq_num 
_pdbx_poly_seq_scheme.auth_seq_num 
_pdbx_poly_seq_scheme.pdb_mon_id 
_pdbx_poly_seq_scheme.auth_mon_id 
_pdbx_poly_seq_scheme.pdb_strand_id 
_pdbx_poly_seq_scheme.pdb_ins_code 
_pdbx_poly_seq_scheme.hetero 
A 1 1   GLY 1   0   ?   ?   ?   AAA . n 
A 1 2   SER 2   1   ?   ?   ?   AAA . n 
A 1 3   GLU 3   2   ?   ?   ?   AAA . n 
A 1 4   VAL 4   3   ?   ?   ?   AAA . n 
A 1 5   SER 5   4   ?   ?   ?   AAA . n 
A 1 6   GLU 6   5   ?   ?   ?   AAA . n 
A 1 7   GLU 7   6   ?   ?   ?   AAA . n 
A 1 8   GLU 8   7   ?   ?   ?   AAA . n 
A 1 9   LEU 9   8   ?   ?   ?   AAA . n 
A 1 10  LYS 10  9   ?   ?   ?   AAA . n 
A 1 11  ASN 11  10  ?   ?   ?   AAA . n 
A 1 12  PHE 12  11  ?   ?   ?   AAA . n 
A 1 13  SER 13  12  ?   ?   ?   AAA . n 
A 1 14  GLY 14  13  ?   ?   ?   AAA . n 
A 1 15  PRO 15  14  ?   ?   ?   AAA . n 
A 1 16  VAL 16  15  ?   ?   ?   AAA . n 
A 1 17  PRO 17  16  ?   ?   ?   AAA . n 
A 1 18  ASP 18  17  ?   ?   ?   AAA . n 
A 1 19  LEU 19  18  ?   ?   ?   AAA . n 
A 1 20  PRO 20  19  ?   ?   ?   AAA . n 
A 1 21  GLU 21  20  ?   ?   ?   AAA . n 
A 1 22  GLY 22  21  ?   ?   ?   AAA . n 
A 1 23  ILE 23  22  ?   ?   ?   AAA . n 
A 1 24  THR 24  23  ?   ?   ?   AAA . n 
A 1 25  VAL 25  24  ?   ?   ?   AAA . n 
A 1 26  ALA 26  25  ?   ?   ?   AAA . n 
A 1 27  TYR 27  26  ?   ?   ?   AAA . n 
A 1 28  THR 28  27  ?   ?   ?   AAA . n 
A 1 29  ILE 29  28  ?   ?   ?   AAA . n 
A 1 30  PRO 30  29  ?   ?   ?   AAA . n 
A 1 31  LYS 31  30  ?   ?   ?   AAA . n 
A 1 32  LYS 32  31  ?   ?   ?   AAA . n 
A 1 33  GLN 33  32  ?   ?   ?   AAA . n 
A 1 34  GLU 34  33  ?   ?   ?   AAA . n 
A 1 35  ASP 35  34  ?   ?   ?   AAA . n 
A 1 36  SER 36  35  ?   ?   ?   AAA . n 
A 1 37  VAL 37  36  36  VAL VAL AAA . n 
A 1 38  THR 38  37  37  THR THR AAA . n 
A 1 39  GLU 39  38  38  GLU GLU AAA . n 
A 1 40  LEU 40  39  39  LEU LEU AAA . n 
A 1 41  THR 41  40  40  THR THR AAA . n 
A 1 42  VAL 42  41  41  VAL VAL AAA . n 
A 1 43  GLU 43  42  42  GLU GLU AAA . n 
A 1 44  ASP 44  43  43  ASP ASP AAA . n 
A 1 45  SER 45  44  44  SER SER AAA . n 
A 1 46  GLY 46  45  45  GLY GLY AAA . n 
A 1 47  GLU 47  46  46  GLU GLU AAA . n 
A 1 48  SER 48  47  47  SER SER AAA . n 
A 1 49  LEU 49  48  48  LEU LEU AAA . n 
A 1 50  GLU 50  49  49  GLU GLU AAA . n 
A 1 51  ASP 51  50  50  ASP ASP AAA . n 
A 1 52  LEU 52  51  51  LEU LEU AAA . n 
A 1 53  MET 53  52  52  MET MET AAA . n 
A 1 54  ALA 54  53  53  ALA ALA AAA . n 
A 1 55  LYS 55  54  54  LYS LYS AAA . n 
A 1 56  MET 56  55  55  MET MET AAA . n 
A 1 57  LYS 57  56  56  LYS LYS AAA . n 
A 1 58  ASN 58  57  57  ASN ASN AAA . n 
A 1 59  MET 59  58  58  MET MET AAA . n 
A 1 60  MET 60  59  59  MET MET AAA . n 
A 1 61  ALA 61  60  60  ALA ALA AAA . n 
A 1 62  ASP 62  61  61  ASP ASP AAA . n 
A 1 63  GLU 63  62  62  GLU GLU AAA . n 
A 1 64  ALA 64  63  63  ALA ALA AAA . n 
A 1 65  THR 65  64  64  THR THR AAA . n 
A 1 66  ARG 66  65  65  ARG ARG AAA . n 
A 1 67  ARG 67  66  66  ARG ARG AAA . n 
A 1 68  VAL 68  67  67  VAL VAL AAA . n 
A 1 69  VAL 69  68  68  VAL VAL AAA . n 
A 1 70  SER 70  69  69  SER SER AAA . n 
A 1 71  GLU 71  70  70  GLU GLU AAA . n 
A 1 72  ILE 72  71  71  ILE ILE AAA . n 
A 1 73  PRO 73  72  72  PRO PRO AAA . n 
A 1 74  VAL 74  73  73  VAL VAL AAA . n 
A 1 75  LEU 75  74  74  LEU LEU AAA . n 
A 1 76  LYS 76  75  75  LYS LYS AAA . n 
A 1 77  THR 77  76  76  THR THR AAA . n 
A 1 78  ASN 78  77  77  ASN ASN AAA . n 
A 1 79  ALA 79  78  78  ALA ALA AAA . n 
A 1 80  GLY 80  79  79  GLY GLY AAA . n 
A 1 81  PRO 81  80  80  PRO PRO AAA . n 
A 1 82  ARG 82  81  81  ARG ARG AAA . n 
A 1 83  ASP 83  82  82  ASP ASP AAA . n 
A 1 84  ARG 84  83  83  ARG ARG AAA . n 
A 1 85  GLU 85  84  84  GLU GLU AAA . n 
A 1 86  LEU 86  85  85  LEU LEU AAA . n 
A 1 87  TRP 87  86  86  TRP TRP AAA . n 
A 1 88  VAL 88  87  87  VAL VAL AAA . n 
A 1 89  GLN 89  88  88  GLN GLN AAA . n 
A 1 90  ARG 90  89  89  ARG ARG AAA . n 
A 1 91  LEU 91  90  90  LEU LEU AAA . n 
A 1 92  LYS 92  91  91  LYS LYS AAA . n 
A 1 93  GLU 93  92  92  GLU GLU AAA . n 
A 1 94  GLU 94  93  93  GLU GLU AAA . n 
A 1 95  TYR 95  94  94  TYR TYR AAA . n 
A 1 96  GLN 96  95  95  GLN GLN AAA . n 
A 1 97  SER 97  96  96  SER SER AAA . n 
A 1 98  LEU 98  97  97  LEU LEU AAA . n 
A 1 99  ILE 99  98  98  ILE ILE AAA . n 
A 1 100 ARG 100 99  99  ARG ARG AAA . n 
A 1 101 TYR 101 100 100 TYR TYR AAA . n 
A 1 102 VAL 102 101 101 VAL VAL AAA . n 
A 1 103 GLU 103 102 102 GLU GLU AAA . n 
A 1 104 ASN 104 103 103 ASN ASN AAA . n 
A 1 105 ASN 105 104 104 ASN ASN AAA . n 
A 1 106 LYS 106 105 105 LYS LYS AAA . n 
A 1 107 ASN 107 106 106 ASN ASN AAA . n 
A 1 108 ALA 108 107 107 ALA ALA AAA . n 
A 1 109 ASP 109 108 108 ASP ASP AAA . n 
A 1 110 ASN 110 109 109 ASN ASN AAA . n 
A 1 111 ASP 111 110 110 ASP ASP AAA . n 
A 1 112 TRP 112 111 111 TRP TRP AAA . n 
A 1 113 PHE 113 112 112 PHE PHE AAA . n 
A 1 114 ARG 114 113 113 ARG ARG AAA . n 
A 1 115 LEU 115 114 114 LEU LEU AAA . n 
A 1 116 GLU 116 115 115 GLU GLU AAA . n 
A 1 117 SER 117 116 116 SER SER AAA . n 
A 1 118 ASN 118 117 117 ASN ASN AAA . n 
A 1 119 LYS 119 118 118 LYS LYS AAA . n 
A 1 120 GLU 120 119 119 GLU GLU AAA . n 
A 1 121 GLY 121 120 120 GLY GLY AAA . n 
A 1 122 THR 122 121 121 THR THR AAA . n 
A 1 123 ARG 123 122 122 ARG ARG AAA . n 
A 1 124 TRP 124 123 123 TRP TRP AAA . n 
A 1 125 PHE 125 124 124 PHE PHE AAA . n 
A 1 126 GLY 126 125 125 GLY GLY AAA . n 
A 1 127 LYS 127 126 126 LYS LYS AAA . n 
A 1 128 CYS 128 127 127 CYS CYS AAA . n 
A 1 129 TRP 129 128 128 TRP TRP AAA . n 
A 1 130 TYR 130 129 129 TYR TYR AAA . n 
A 1 131 ILE 131 130 130 ILE ILE AAA . n 
A 1 132 HIS 132 131 131 HIS HIS AAA . n 
A 1 133 ASP 133 132 132 ASP ASP AAA . n 
A 1 134 LEU 134 133 133 LEU LEU AAA . n 
A 1 135 LEU 135 134 134 LEU LEU AAA . n 
A 1 136 LYS 136 135 135 LYS LYS AAA . n 
A 1 137 TYR 137 136 136 TYR TYR AAA . n 
A 1 138 GLU 138 137 137 GLU GLU AAA . n 
A 1 139 PHE 139 138 138 PHE PHE AAA . n 
A 1 140 ASP 140 139 139 ASP ASP AAA . n 
A 1 141 ILE 141 140 140 ILE ILE AAA . n 
A 1 142 GLU 142 141 141 GLU GLU AAA . n 
A 1 143 PHE 143 142 142 PHE PHE AAA . n 
A 1 144 ASP 144 143 143 ASP ASP AAA . n 
A 1 145 ILE 145 144 144 ILE ILE AAA . n 
A 1 146 PRO 146 145 145 PRO PRO AAA . n 
A 1 147 ILE 147 146 146 ILE ILE AAA . n 
A 1 148 THR 148 147 147 THR THR AAA . n 
A 1 149 TYR 149 148 148 TYR TYR AAA . n 
A 1 150 PRO 150 149 149 PRO PRO AAA . n 
A 1 151 THR 151 150 150 THR THR AAA . n 
A 1 152 THR 152 151 151 THR THR AAA . n 
A 1 153 ALA 153 152 152 ALA ALA AAA . n 
A 1 154 PRO 154 153 153 PRO PRO AAA . n 
A 1 155 GLU 155 154 154 GLU GLU AAA . n 
A 1 156 ILE 156 155 155 ILE ILE AAA . n 
A 1 157 ALA 157 156 156 ALA ALA AAA . n 
A 1 158 VAL 158 157 157 VAL VAL AAA . n 
A 1 159 PRO 159 158 158 PRO PRO AAA . n 
A 1 160 GLU 160 159 159 GLU GLU AAA . n 
A 1 161 LEU 161 160 160 LEU LEU AAA . n 
A 1 162 ASP 162 161 161 ASP ASP AAA . n 
A 1 163 GLY 163 162 162 GLY GLY AAA . n 
A 1 164 LYS 164 163 163 LYS LYS AAA . n 
A 1 165 THR 165 164 164 THR THR AAA . n 
A 1 166 ALA 166 165 165 ALA ALA AAA . n 
A 1 167 LYS 167 166 166 LYS LYS AAA . n 
A 1 168 MET 168 167 167 MET MET AAA . n 
A 1 169 TYR 169 168 168 TYR TYR AAA . n 
A 1 170 ARG 170 169 169 ARG ARG AAA . n 
A 1 171 GLY 171 170 170 GLY GLY AAA . n 
A 1 172 GLY 172 171 171 GLY GLY AAA . n 
A 1 173 LYS 173 172 172 LYS LYS AAA . n 
A 1 174 ILE 174 173 173 ILE ILE AAA . n 
A 1 175 CYS 175 174 174 CYS CYS AAA . n 
A 1 176 LEU 176 175 175 LEU LEU AAA . n 
A 1 177 THR 177 176 176 THR THR AAA . n 
A 1 178 ASP 178 177 177 ASP ASP AAA . n 
A 1 179 HIS 179 178 178 HIS HIS AAA . n 
A 1 180 PHE 180 179 179 PHE PHE AAA . n 
A 1 181 LYS 181 180 180 LYS LYS AAA . n 
A 1 182 PRO 182 181 181 PRO PRO AAA . n 
A 1 183 LEU 183 182 182 LEU LEU AAA . n 
A 1 184 TRP 184 183 183 TRP TRP AAA . n 
A 1 185 ALA 185 184 184 ALA ALA AAA . n 
A 1 186 ARG 186 185 185 ARG ARG AAA . n 
A 1 187 ASN 187 186 186 ASN ASN AAA . n 
A 1 188 VAL 188 187 187 VAL VAL AAA . n 
A 1 189 PRO 189 188 188 PRO PRO AAA . n 
A 1 190 LYS 190 189 189 LYS LYS AAA . n 
A 1 191 PHE 191 190 190 PHE PHE AAA . n 
A 1 192 GLY 192 191 191 GLY GLY AAA . n 
A 1 193 LEU 193 192 192 LEU LEU AAA . n 
A 1 194 ALA 194 193 193 ALA ALA AAA . n 
A 1 195 HIS 195 194 194 HIS HIS AAA . n 
A 1 196 LEU 196 195 195 LEU LEU AAA . n 
A 1 197 MET 197 196 196 MET MET AAA . n 
A 1 198 ALA 198 197 197 ALA ALA AAA . n 
A 1 199 LEU 199 198 198 LEU LEU AAA . n 
A 1 200 GLY 200 199 199 GLY GLY AAA . n 
A 1 201 LEU 201 200 200 LEU LEU AAA . n 
A 1 202 GLY 202 201 201 GLY GLY AAA . n 
A 1 203 PRO 203 202 202 PRO PRO AAA . n 
A 1 204 TRP 204 203 203 TRP TRP AAA . n 
A 1 205 LEU 205 204 204 LEU LEU AAA . n 
A 1 206 ALA 206 205 205 ALA ALA AAA . n 
A 1 207 VAL 207 206 206 VAL VAL AAA . n 
A 1 208 GLU 208 207 207 GLU GLU AAA . n 
A 1 209 ILE 209 208 208 ILE ILE AAA . n 
A 1 210 PRO 210 209 209 PRO PRO AAA . n 
A 1 211 ASP 211 210 210 ASP ASP AAA . n 
A 1 212 LEU 212 211 211 LEU LEU AAA . n 
A 1 213 ILE 213 212 212 ILE ILE AAA . n 
A 1 214 GLN 214 213 213 GLN GLN AAA . n 
A 1 215 LYS 215 214 214 LYS LYS AAA . n 
A 1 216 GLY 216 215 215 GLY GLY AAA . n 
A 1 217 VAL 217 216 216 VAL VAL AAA . n 
A 1 218 ILE 218 217 217 ILE ILE AAA . n 
A 1 219 GLN 219 218 218 GLN GLN AAA . n 
A 1 220 HIS 220 219 ?   ?   ?   AAA . n 
A 1 221 LYS 221 220 ?   ?   ?   AAA . n 
A 1 222 GLU 222 221 ?   ?   ?   AAA . n 
A 1 223 LYS 223 222 ?   ?   ?   AAA . n 
A 1 224 CYS 224 223 ?   ?   ?   AAA . n 
A 1 225 ASN 225 224 ?   ?   ?   AAA . n 
A 1 226 GLN 226 225 ?   ?   ?   AAA . n 
# 
loop_
_software.citation_id 
_software.classification 
_software.compiler_name 
_software.compiler_version 
_software.contact_author 
_software.contact_author_email 
_software.date 
_software.description 
_software.dependencies 
_software.hardware 
_software.language 
_software.location 
_software.mods 
_software.name 
_software.os 
_software.os_version 
_software.type 
_software.version 
_software.pdbx_ordinal 
? refinement       ? ? ? ? ? ? ? ? ? ? ? REFMAC ? ? ? 5.8.0258 1 
? 'data reduction' ? ? ? ? ? ? ? ? ? ? ? XDS    ? ? ? .        2 
? 'data scaling'   ? ? ? ? ? ? ? ? ? ? ? XSCALE ? ? ? .        3 
? phasing          ? ? ? ? ? ? ? ? ? ? ? MoRDa  ? ? ? .        4 
# 
_cell.angle_alpha                  90.000 
_cell.angle_alpha_esd              ? 
_cell.angle_beta                   90.000 
_cell.angle_beta_esd               ? 
_cell.angle_gamma                  120.000 
_cell.angle_gamma_esd              ? 
_cell.entry_id                     7NVK 
_cell.details                      ? 
_cell.formula_units_Z              ? 
_cell.length_a                     84.630 
_cell.length_a_esd                 ? 
_cell.length_b                     84.630 
_cell.length_b_esd                 ? 
_cell.length_c                     60.770 
_cell.length_c_esd                 ? 
_cell.volume                       ? 
_cell.volume_esd                   ? 
_cell.Z_PDB                        6 
_cell.reciprocal_angle_alpha       ? 
_cell.reciprocal_angle_beta        ? 
_cell.reciprocal_angle_gamma       ? 
_cell.reciprocal_angle_alpha_esd   ? 
_cell.reciprocal_angle_beta_esd    ? 
_cell.reciprocal_angle_gamma_esd   ? 
_cell.reciprocal_length_a          ? 
_cell.reciprocal_length_b          ? 
_cell.reciprocal_length_c          ? 
_cell.reciprocal_length_a_esd      ? 
_cell.reciprocal_length_b_esd      ? 
_cell.reciprocal_length_c_esd      ? 
_cell.pdbx_unique_axis             ? 
# 
_symmetry.entry_id                         7NVK 
_symmetry.cell_setting                     ? 
_symmetry.Int_Tables_number                172 
_symmetry.space_group_name_Hall            ? 
_symmetry.space_group_name_H-M             'P 64' 
_symmetry.pdbx_full_space_group_name_H-M   ? 
# 
_exptl.absorpt_coefficient_mu     ? 
_exptl.absorpt_correction_T_max   ? 
_exptl.absorpt_correction_T_min   ? 
_exptl.absorpt_correction_type    ? 
_exptl.absorpt_process_details    ? 
_exptl.entry_id                   7NVK 
_exptl.crystals_number            1 
_exptl.details                    ? 
_exptl.method                     'X-RAY DIFFRACTION' 
_exptl.method_details             ? 
# 
_exptl_crystal.colour                      ? 
_exptl_crystal.density_diffrn              ? 
_exptl_crystal.density_Matthews            2.51 
_exptl_crystal.density_method              ? 
_exptl_crystal.density_percent_sol         51 
_exptl_crystal.description                 ? 
_exptl_crystal.F_000                       ? 
_exptl_crystal.id                          1 
_exptl_crystal.preparation                 ? 
_exptl_crystal.size_max                    ? 
_exptl_crystal.size_mid                    ? 
_exptl_crystal.size_min                    ? 
_exptl_crystal.size_rad                    ? 
_exptl_crystal.colour_lustre               ? 
_exptl_crystal.colour_modifier             ? 
_exptl_crystal.colour_primary              ? 
_exptl_crystal.density_meas                ? 
_exptl_crystal.density_meas_esd            ? 
_exptl_crystal.density_meas_gt             ? 
_exptl_crystal.density_meas_lt             ? 
_exptl_crystal.density_meas_temp           ? 
_exptl_crystal.density_meas_temp_esd       ? 
_exptl_crystal.density_meas_temp_gt        ? 
_exptl_crystal.density_meas_temp_lt        ? 
_exptl_crystal.pdbx_crystal_image_url      ? 
_exptl_crystal.pdbx_crystal_image_format   ? 
_exptl_crystal.pdbx_mosaicity              ? 
_exptl_crystal.pdbx_mosaicity_esd          ? 
# 
_exptl_crystal_grow.apparatus       ? 
_exptl_crystal_grow.atmosphere      ? 
_exptl_crystal_grow.crystal_id      1 
_exptl_crystal_grow.details         ? 
_exptl_crystal_grow.method          'VAPOR DIFFUSION, HANGING DROP' 
_exptl_crystal_grow.method_ref      ? 
_exptl_crystal_grow.pH              7.5 
_exptl_crystal_grow.pressure        ? 
_exptl_crystal_grow.pressure_esd    ? 
_exptl_crystal_grow.seeding         ? 
_exptl_crystal_grow.seeding_ref     ? 
_exptl_crystal_grow.temp            293 
_exptl_crystal_grow.temp_details    ? 
_exptl_crystal_grow.temp_esd        ? 
_exptl_crystal_grow.time            ? 
_exptl_crystal_grow.pdbx_details    '2% (v/v) Tacsimate pH 7.0, 20% PEG 3350, 0.1M HEPES pH 7.5, 6mM zinc sulfate' 
_exptl_crystal_grow.pdbx_pH_range   ? 
# 
_diffrn.ambient_environment              ? 
_diffrn.ambient_temp                     298 
_diffrn.ambient_temp_details             ? 
_diffrn.ambient_temp_esd                 ? 
_diffrn.crystal_id                       1 
_diffrn.crystal_support                  ? 
_diffrn.crystal_treatment                ? 
_diffrn.details                          ? 
_diffrn.id                               1 
_diffrn.ambient_pressure                 ? 
_diffrn.ambient_pressure_esd             ? 
_diffrn.ambient_pressure_gt              ? 
_diffrn.ambient_pressure_lt              ? 
_diffrn.ambient_temp_gt                  ? 
_diffrn.ambient_temp_lt                  ? 
_diffrn.pdbx_serial_crystal_experiment   N 
# 
_diffrn_detector.details                      ? 
_diffrn_detector.detector                     PIXEL 
_diffrn_detector.diffrn_id                    1 
_diffrn_detector.type                         'DECTRIS PILATUS3 6M' 
_diffrn_detector.area_resol_mean              ? 
_diffrn_detector.dtime                        ? 
_diffrn_detector.pdbx_frames_total            ? 
_diffrn_detector.pdbx_collection_time_total   ? 
_diffrn_detector.pdbx_collection_date         2019-12-20 
_diffrn_detector.pdbx_frequency               ? 
# 
_diffrn_radiation.collimation                      ? 
_diffrn_radiation.diffrn_id                        1 
_diffrn_radiation.filter_edge                      ? 
_diffrn_radiation.inhomogeneity                    ? 
_diffrn_radiation.monochromator                    ? 
_diffrn_radiation.polarisn_norm                    ? 
_diffrn_radiation.polarisn_ratio                   ? 
_diffrn_radiation.probe                            ? 
_diffrn_radiation.type                             ? 
_diffrn_radiation.xray_symbol                      ? 
_diffrn_radiation.wavelength_id                    1 
_diffrn_radiation.pdbx_monochromatic_or_laue_m_l   M 
_diffrn_radiation.pdbx_wavelength_list             ? 
_diffrn_radiation.pdbx_wavelength                  ? 
_diffrn_radiation.pdbx_diffrn_protocol             'SINGLE WAVELENGTH' 
_diffrn_radiation.pdbx_analyzer                    ? 
_diffrn_radiation.pdbx_scattering_type             x-ray 
# 
_diffrn_radiation_wavelength.id           1 
_diffrn_radiation_wavelength.wavelength   0.9763 
_diffrn_radiation_wavelength.wt           1.0 
# 
_diffrn_source.current                     ? 
_diffrn_source.details                     ? 
_diffrn_source.diffrn_id                   1 
_diffrn_source.power                       ? 
_diffrn_source.size                        ? 
_diffrn_source.source                      SYNCHROTRON 
_diffrn_source.target                      ? 
_diffrn_source.type                        'BESSY BEAMLINE 14.1' 
_diffrn_source.voltage                     ? 
_diffrn_source.take-off_angle              ? 
_diffrn_source.pdbx_wavelength_list        0.9763 
_diffrn_source.pdbx_wavelength             ? 
_diffrn_source.pdbx_synchrotron_beamline   14.1 
_diffrn_source.pdbx_synchrotron_site       BESSY 
# 
_reflns.B_iso_Wilson_estimate            127.1 
_reflns.entry_id                         7NVK 
_reflns.data_reduction_details           ? 
_reflns.data_reduction_method            ? 
_reflns.d_resolution_high                2.65 
_reflns.d_resolution_low                 46.78 
_reflns.details                          ? 
_reflns.limit_h_max                      ? 
_reflns.limit_h_min                      ? 
_reflns.limit_k_max                      ? 
_reflns.limit_k_min                      ? 
_reflns.limit_l_max                      ? 
_reflns.limit_l_min                      ? 
_reflns.number_all                       ? 
_reflns.number_obs                       7314 
_reflns.observed_criterion               ? 
_reflns.observed_criterion_F_max         ? 
_reflns.observed_criterion_F_min         ? 
_reflns.observed_criterion_I_max         ? 
_reflns.observed_criterion_I_min         ? 
_reflns.observed_criterion_sigma_F       ? 
_reflns.observed_criterion_sigma_I       ? 
_reflns.percent_possible_obs             100 
_reflns.R_free_details                   ? 
_reflns.Rmerge_F_all                     ? 
_reflns.Rmerge_F_obs                     ? 
_reflns.Friedel_coverage                 ? 
_reflns.number_gt                        ? 
_reflns.threshold_expression             ? 
_reflns.pdbx_redundancy                  20.4 
_reflns.pdbx_Rmerge_I_obs                ? 
_reflns.pdbx_Rmerge_I_all                ? 
_reflns.pdbx_Rsym_value                  ? 
_reflns.pdbx_netI_over_av_sigmaI         ? 
_reflns.pdbx_netI_over_sigmaI            13.1 
_reflns.pdbx_res_netI_over_av_sigmaI_2   ? 
_reflns.pdbx_res_netI_over_sigmaI_2      ? 
_reflns.pdbx_chi_squared                 ? 
_reflns.pdbx_scaling_rejects             ? 
_reflns.pdbx_d_res_high_opt              ? 
_reflns.pdbx_d_res_low_opt               ? 
_reflns.pdbx_d_res_opt_method            ? 
_reflns.phase_calculation_details        ? 
_reflns.pdbx_Rrim_I_all                  0.112 
_reflns.pdbx_Rpim_I_all                  ? 
_reflns.pdbx_d_opt                       ? 
_reflns.pdbx_number_measured_all         ? 
_reflns.pdbx_diffrn_id                   1 
_reflns.pdbx_ordinal                     1 
_reflns.pdbx_CC_half                     0.990 
_reflns.pdbx_CC_star                     ? 
_reflns.pdbx_R_split                     ? 
# 
_reflns_shell.d_res_high                  2.65 
_reflns_shell.d_res_low                   2.78 
_reflns_shell.meanI_over_sigI_all         ? 
_reflns_shell.meanI_over_sigI_obs         ? 
_reflns_shell.number_measured_all         ? 
_reflns_shell.number_measured_obs         ? 
_reflns_shell.number_possible             ? 
_reflns_shell.number_unique_all           ? 
_reflns_shell.number_unique_obs           953 
_reflns_shell.percent_possible_all        100 
_reflns_shell.percent_possible_obs        ? 
_reflns_shell.Rmerge_F_all                ? 
_reflns_shell.Rmerge_F_obs                ? 
_reflns_shell.Rmerge_I_all                ? 
_reflns_shell.Rmerge_I_obs                ? 
_reflns_shell.meanI_over_sigI_gt          ? 
_reflns_shell.meanI_over_uI_all           ? 
_reflns_shell.meanI_over_uI_gt            ? 
_reflns_shell.number_measured_gt          ? 
_reflns_shell.number_unique_gt            ? 
_reflns_shell.percent_possible_gt         ? 
_reflns_shell.Rmerge_F_gt                 ? 
_reflns_shell.Rmerge_I_gt                 ? 
_reflns_shell.pdbx_redundancy             21.4 
_reflns_shell.pdbx_Rsym_value             ? 
_reflns_shell.pdbx_chi_squared            ? 
_reflns_shell.pdbx_netI_over_sigmaI_all   ? 
_reflns_shell.pdbx_netI_over_sigmaI_obs   ? 
_reflns_shell.pdbx_Rrim_I_all             0.6 
_reflns_shell.pdbx_Rpim_I_all             ? 
_reflns_shell.pdbx_rejects                ? 
_reflns_shell.pdbx_ordinal                1 
_reflns_shell.pdbx_diffrn_id              1 
_reflns_shell.pdbx_CC_half                0.292 
_reflns_shell.pdbx_CC_star                ? 
_reflns_shell.pdbx_R_split                ? 
# 
_refine.aniso_B[1][1]                            -2.318 
_refine.aniso_B[1][2]                            -1.159 
_refine.aniso_B[1][3]                            -0.000 
_refine.aniso_B[2][2]                            -2.318 
_refine.aniso_B[2][3]                            -0.000 
_refine.aniso_B[3][3]                            7.519 
_refine.B_iso_max                                ? 
_refine.B_iso_mean                               157.069 
_refine.B_iso_min                                ? 
_refine.correlation_coeff_Fo_to_Fc               0.957 
_refine.correlation_coeff_Fo_to_Fc_free          0.968 
_refine.details                                  'Hydrogens have been added in their riding positions' 
_refine.diff_density_max                         ? 
_refine.diff_density_max_esd                     ? 
_refine.diff_density_min                         ? 
_refine.diff_density_min_esd                     ? 
_refine.diff_density_rms                         ? 
_refine.diff_density_rms_esd                     ? 
_refine.entry_id                                 7NVK 
_refine.pdbx_refine_id                           'X-RAY DIFFRACTION' 
_refine.ls_abs_structure_details                 ? 
_refine.ls_abs_structure_Flack                   ? 
_refine.ls_abs_structure_Flack_esd               ? 
_refine.ls_abs_structure_Rogers                  ? 
_refine.ls_abs_structure_Rogers_esd              ? 
_refine.ls_d_res_high                            2.651 
_refine.ls_d_res_low                             46.78 
_refine.ls_extinction_coef                       ? 
_refine.ls_extinction_coef_esd                   ? 
_refine.ls_extinction_expression                 ? 
_refine.ls_extinction_method                     ? 
_refine.ls_goodness_of_fit_all                   ? 
_refine.ls_goodness_of_fit_all_esd               ? 
_refine.ls_goodness_of_fit_obs                   ? 
_refine.ls_goodness_of_fit_obs_esd               ? 
_refine.ls_hydrogen_treatment                    ? 
_refine.ls_matrix_type                           ? 
_refine.ls_number_constraints                    ? 
_refine.ls_number_parameters                     ? 
_refine.ls_number_reflns_all                     ? 
_refine.ls_number_reflns_obs                     7296 
_refine.ls_number_reflns_R_free                  373 
_refine.ls_number_reflns_R_work                  6923 
_refine.ls_number_restraints                     ? 
_refine.ls_percent_reflns_obs                    99.986 
_refine.ls_percent_reflns_R_free                 5.112 
_refine.ls_R_factor_all                          0.219 
_refine.ls_R_factor_obs                          ? 
_refine.ls_R_factor_R_free                       0.2638 
_refine.ls_R_factor_R_free_error                 ? 
_refine.ls_R_factor_R_free_error_details         ? 
_refine.ls_R_factor_R_work                       0.2165 
_refine.ls_R_Fsqd_factor_obs                     ? 
_refine.ls_R_I_factor_obs                        ? 
_refine.ls_redundancy_reflns_all                 ? 
_refine.ls_redundancy_reflns_obs                 ? 
_refine.ls_restrained_S_all                      ? 
_refine.ls_restrained_S_obs                      ? 
_refine.ls_shift_over_esd_max                    ? 
_refine.ls_shift_over_esd_mean                   ? 
_refine.ls_structure_factor_coef                 ? 
_refine.ls_weighting_details                     ? 
_refine.ls_weighting_scheme                      ? 
_refine.ls_wR_factor_all                         ? 
_refine.ls_wR_factor_obs                         ? 
_refine.ls_wR_factor_R_free                      ? 
_refine.ls_wR_factor_R_work                      ? 
_refine.occupancy_max                            ? 
_refine.occupancy_min                            ? 
_refine.solvent_model_details                    'BABINET MODEL PLUS MASK' 
_refine.solvent_model_param_bsol                 ? 
_refine.solvent_model_param_ksol                 ? 
_refine.pdbx_R_complete                          ? 
_refine.ls_R_factor_gt                           ? 
_refine.ls_goodness_of_fit_gt                    ? 
_refine.ls_goodness_of_fit_ref                   ? 
_refine.ls_shift_over_su_max                     ? 
_refine.ls_shift_over_su_max_lt                  ? 
_refine.ls_shift_over_su_mean                    ? 
_refine.ls_shift_over_su_mean_lt                 ? 
_refine.pdbx_ls_sigma_I                          ? 
_refine.pdbx_ls_sigma_F                          ? 
_refine.pdbx_ls_sigma_Fsqd                       ? 
_refine.pdbx_data_cutoff_high_absF               ? 
_refine.pdbx_data_cutoff_high_rms_absF           ? 
_refine.pdbx_data_cutoff_low_absF                ? 
_refine.pdbx_isotropic_thermal_model             ? 
_refine.pdbx_ls_cross_valid_method               NONE 
_refine.pdbx_method_to_determine_struct          'MOLECULAR REPLACEMENT' 
_refine.pdbx_starting_model                      2Z6O 
_refine.pdbx_stereochemistry_target_values       ? 
_refine.pdbx_R_Free_selection_details            'Random selection' 
_refine.pdbx_stereochem_target_val_spec_case     ? 
_refine.pdbx_overall_ESU_R                       0.723 
_refine.pdbx_overall_ESU_R_Free                  0.330 
_refine.pdbx_solvent_vdw_probe_radii             1.200 
_refine.pdbx_solvent_ion_probe_radii             0.800 
_refine.pdbx_solvent_shrinkage_radii             0.800 
_refine.pdbx_real_space_R                        ? 
_refine.pdbx_density_correlation                 ? 
_refine.pdbx_pd_number_of_powder_patterns        ? 
_refine.pdbx_pd_number_of_points                 ? 
_refine.pdbx_pd_meas_number_of_points            ? 
_refine.pdbx_pd_proc_ls_prof_R_factor            ? 
_refine.pdbx_pd_proc_ls_prof_wR_factor           ? 
_refine.pdbx_pd_Marquardt_correlation_coeff      ? 
_refine.pdbx_pd_Fsqrd_R_factor                   ? 
_refine.pdbx_pd_ls_matrix_band_width             ? 
_refine.pdbx_overall_phase_error                 ? 
_refine.pdbx_overall_SU_R_free_Cruickshank_DPI   ? 
_refine.pdbx_overall_SU_R_free_Blow_DPI          ? 
_refine.pdbx_overall_SU_R_Blow_DPI               ? 
_refine.pdbx_TLS_residual_ADP_flag               ? 
_refine.pdbx_diffrn_id                           1 
_refine.overall_SU_B                             23.987 
_refine.overall_SU_ML                            0.466 
_refine.overall_SU_R_Cruickshank_DPI             ? 
_refine.overall_SU_R_free                        ? 
_refine.overall_FOM_free_R_set                   ? 
_refine.overall_FOM_work_R_set                   ? 
_refine.pdbx_average_fsc_overall                 ? 
_refine.pdbx_average_fsc_work                    ? 
_refine.pdbx_average_fsc_free                    ? 
# 
_refine_hist.pdbx_refine_id                   'X-RAY DIFFRACTION' 
_refine_hist.cycle_id                         LAST 
_refine_hist.pdbx_number_atoms_protein        1488 
_refine_hist.pdbx_number_atoms_nucleic_acid   0 
_refine_hist.pdbx_number_atoms_ligand         0 
_refine_hist.number_atoms_solvent             0 
_refine_hist.number_atoms_total               1488 
_refine_hist.d_res_high                       2.651 
_refine_hist.d_res_low                        46.78 
# 
loop_
_refine_ls_restr.pdbx_refine_id 
_refine_ls_restr.criterion 
_refine_ls_restr.dev_ideal 
_refine_ls_restr.dev_ideal_target 
_refine_ls_restr.number 
_refine_ls_restr.rejects 
_refine_ls_restr.type 
_refine_ls_restr.weight 
_refine_ls_restr.pdbx_restraint_function 
'X-RAY DIFFRACTION' ? 0.004  0.012   1524 ? r_bond_refined_d               ? ? 
'X-RAY DIFFRACTION' ? 1.454  1.640   2065 ? r_angle_refined_deg            ? ? 
'X-RAY DIFFRACTION' ? 7.844  5.000   182  ? r_dihedral_angle_1_deg         ? ? 
'X-RAY DIFFRACTION' ? 32.881 22.561  82   ? r_dihedral_angle_2_deg         ? ? 
'X-RAY DIFFRACTION' ? 21.976 15.000  275  ? r_dihedral_angle_3_deg         ? ? 
'X-RAY DIFFRACTION' ? 15.222 15.000  10   ? r_dihedral_angle_4_deg         ? ? 
'X-RAY DIFFRACTION' ? 0.109  0.200   193  ? r_chiral_restr                 ? ? 
'X-RAY DIFFRACTION' ? 0.006  0.020   1160 ? r_gen_planes_refined           ? ? 
'X-RAY DIFFRACTION' ? 0.268  0.200   749  ? r_nbd_refined                  ? ? 
'X-RAY DIFFRACTION' ? 0.327  0.200   1011 ? r_nbtor_refined                ? ? 
'X-RAY DIFFRACTION' ? 0.202  0.200   51   ? r_xyhbond_nbd_refined          ? ? 
'X-RAY DIFFRACTION' ? 0.220  0.200   59   ? r_symmetry_nbd_refined         ? ? 
'X-RAY DIFFRACTION' ? 0.293  0.200   4    ? r_symmetry_xyhbond_nbd_refined ? ? 
'X-RAY DIFFRACTION' ? 22.255 30.794  731  ? r_mcbond_it                    ? ? 
'X-RAY DIFFRACTION' ? 30.387 57.365  912  ? r_mcangle_it                   ? ? 
'X-RAY DIFFRACTION' ? 23.011 31.576  792  ? r_scbond_it                    ? ? 
'X-RAY DIFFRACTION' ? 30.946 58.287  1152 ? r_scangle_it                   ? ? 
'X-RAY DIFFRACTION' ? 39.925 293.188 6285 ? r_lrange_it                    ? ? 
# 
loop_
_refine_ls_shell.pdbx_refine_id 
_refine_ls_shell.d_res_high 
_refine_ls_shell.d_res_low 
_refine_ls_shell.number_reflns_all 
_refine_ls_shell.number_reflns_obs 
_refine_ls_shell.number_reflns_R_free 
_refine_ls_shell.number_reflns_R_work 
_refine_ls_shell.percent_reflns_obs 
_refine_ls_shell.percent_reflns_R_free 
_refine_ls_shell.R_factor_all 
_refine_ls_shell.R_factor_obs 
_refine_ls_shell.R_factor_R_free 
_refine_ls_shell.R_factor_R_free_error 
_refine_ls_shell.R_factor_R_work 
_refine_ls_shell.redundancy_reflns_all 
_refine_ls_shell.redundancy_reflns_obs 
_refine_ls_shell.wR_factor_all 
_refine_ls_shell.wR_factor_obs 
_refine_ls_shell.wR_factor_R_free 
_refine_ls_shell.wR_factor_R_work 
_refine_ls_shell.pdbx_R_complete 
_refine_ls_shell.pdbx_total_number_of_bins_used 
_refine_ls_shell.pdbx_phase_error 
_refine_ls_shell.pdbx_fsc_work 
_refine_ls_shell.pdbx_fsc_free 
'X-RAY DIFFRACTION' 2.651  2.719  . . 29 493 100.0000 . . . 0.544 . 0.436 . . . . . . . . . . . 
'X-RAY DIFFRACTION' 2.719  2.794  . . 21 516 100.0000 . . . 0.637 . 0.427 . . . . . . . . . . . 
'X-RAY DIFFRACTION' 2.794  2.875  . . 22 474 100.0000 . . . 0.456 . 0.405 . . . . . . . . . . . 
'X-RAY DIFFRACTION' 2.875  2.963  . . 30 470 100.0000 . . . 0.457 . 0.391 . . . . . . . . . . . 
'X-RAY DIFFRACTION' 2.963  3.060  . . 39 438 100.0000 . . . 0.535 . 0.372 . . . . . . . . . . . 
'X-RAY DIFFRACTION' 3.060  3.167  . . 22 434 100.0000 . . . 0.386 . 0.277 . . . . . . . . . . . 
'X-RAY DIFFRACTION' 3.167  3.287  . . 24 423 100.0000 . . . 0.359 . 0.273 . . . . . . . . . . . 
'X-RAY DIFFRACTION' 3.287  3.421  . . 10 417 100.0000 . . . 0.376 . 0.288 . . . . . . . . . . . 
'X-RAY DIFFRACTION' 3.421  3.572  . . 29 390 100.0000 . . . 0.323 . 0.251 . . . . . . . . . . . 
'X-RAY DIFFRACTION' 3.572  3.746  . . 17 379 100.0000 . . . 0.358 . 0.264 . . . . . . . . . . . 
'X-RAY DIFFRACTION' 3.746  3.948  . . 25 341 100.0000 . . . 0.373 . 0.235 . . . . . . . . . . . 
'X-RAY DIFFRACTION' 3.948  4.187  . . 22 349 100.0000 . . . 0.326 . 0.223 . . . . . . . . . . . 
'X-RAY DIFFRACTION' 4.187  4.475  . . 14 318 100.0000 . . . 0.307 . 0.207 . . . . . . . . . . . 
'X-RAY DIFFRACTION' 4.475  4.832  . . 15 292 100.0000 . . . 0.341 . 0.198 . . . . . . . . . . . 
'X-RAY DIFFRACTION' 4.832  5.291  . . 10 294 100.0000 . . . 0.345 . 0.206 . . . . . . . . . . . 
'X-RAY DIFFRACTION' 5.291  5.912  . . 4  251 100.0000 . . . 0.448 . 0.205 . . . . . . . . . . . 
'X-RAY DIFFRACTION' 5.912  6.819  . . 13 218 100.0000 . . . 0.224 . 0.207 . . . . . . . . . . . 
'X-RAY DIFFRACTION' 6.819  8.333  . . 8  195 100.0000 . . . 0.181 . 0.187 . . . . . . . . . . . 
'X-RAY DIFFRACTION' 8.333  11.710 . . 14 143 100.0000 . . . 0.189 . 0.121 . . . . . . . . . . . 
'X-RAY DIFFRACTION' 11.710 46.78  . . 5  88  98.9362  . . . 0.078 . 0.238 . . . . . . . . . . . 
# 
_struct.entry_id                     7NVK 
_struct.title                        'Crystal structure of UBA5 fragment fused to the N-terminus of UFC1' 
_struct.pdbx_model_details           ? 
_struct.pdbx_formula_weight          ? 
_struct.pdbx_formula_weight_method   ? 
_struct.pdbx_model_type_details      ? 
_struct.pdbx_CASP_flag               N 
# 
_struct_keywords.entry_id        7NVK 
_struct_keywords.text            
;Ubiquitin like fold modifier enzyme 5 (UBA5), E1, Ubiquitin fold modifier 1 (UFM1), Ubiquitin fold modifier conjugating enzyme 1 (UFC1), UFMYLATION, LIGASE
;
_struct_keywords.pdbx_keywords   LIGASE 
# 
_struct_asym.id                            A 
_struct_asym.pdbx_blank_PDB_chainid_flag   N 
_struct_asym.pdbx_modified                 N 
_struct_asym.entity_id                     1 
_struct_asym.details                       ? 
# 
loop_
_struct_ref.id 
_struct_ref.db_name 
_struct_ref.db_code 
_struct_ref.pdbx_db_accession 
_struct_ref.pdbx_db_isoform 
_struct_ref.entity_id 
_struct_ref.pdbx_seq_one_letter_code 
_struct_ref.pdbx_align_begin 
1 UNP UBA5_HUMAN Q9GZZ9 ? 1 SEVSEEELKNFSGPVPDLPEGITVAYTIPKKQEDSVTELTVEDSGESLEDLMAKMKNM 347 
2 UNP UFC1_HUMAN Q9Y3C8 ? 1 
;MADEATRRVVSEIPVLKTNAGPRDRELWVQRLKEEYQSLIRYVENNKNADNDWFRLESNKEGTRWFGKCWYIHDLLKYEF
DIEFDIPITYPTTAPEIAVPELDGKTAKMYRGGKICLTDHFKPLWARNVPKFGLAHLMALGLGPWLAVEIPDLIQKGVIQ
HKEKCNQ
;
1   
# 
loop_
_struct_ref_seq.align_id 
_struct_ref_seq.ref_id 
_struct_ref_seq.pdbx_PDB_id_code 
_struct_ref_seq.pdbx_strand_id 
_struct_ref_seq.seq_align_beg 
_struct_ref_seq.pdbx_seq_align_beg_ins_code 
_struct_ref_seq.seq_align_end 
_struct_ref_seq.pdbx_seq_align_end_ins_code 
_struct_ref_seq.pdbx_db_accession 
_struct_ref_seq.db_align_beg 
_struct_ref_seq.pdbx_db_align_beg_ins_code 
_struct_ref_seq.db_align_end 
_struct_ref_seq.pdbx_db_align_end_ins_code 
_struct_ref_seq.pdbx_auth_seq_align_beg 
_struct_ref_seq.pdbx_auth_seq_align_end 
1 1 7NVK AAA 2  ? 59  ? Q9GZZ9 347 ? 404 ? 1  58  
2 2 7NVK AAA 60 ? 226 ? Q9Y3C8 1   ? 167 ? 59 225 
# 
_struct_ref_seq_dif.align_id                     1 
_struct_ref_seq_dif.pdbx_pdb_id_code             7NVK 
_struct_ref_seq_dif.mon_id                       GLY 
_struct_ref_seq_dif.pdbx_pdb_strand_id           AAA 
_struct_ref_seq_dif.seq_num                      1 
_struct_ref_seq_dif.pdbx_pdb_ins_code            ? 
_struct_ref_seq_dif.pdbx_seq_db_name             UNP 
_struct_ref_seq_dif.pdbx_seq_db_accession_code   Q9GZZ9 
_struct_ref_seq_dif.db_mon_id                    ? 
_struct_ref_seq_dif.pdbx_seq_db_seq_num          ? 
_struct_ref_seq_dif.details                      'expression tag' 
_struct_ref_seq_dif.pdbx_auth_seq_num            0 
_struct_ref_seq_dif.pdbx_ordinal                 1 
# 
_pdbx_struct_assembly.id                   1 
_pdbx_struct_assembly.details              author_and_software_defined_assembly 
_pdbx_struct_assembly.method_details       PISA 
_pdbx_struct_assembly.oligomeric_details   monomeric 
_pdbx_struct_assembly.oligomeric_count     1 
# 
loop_
_pdbx_struct_assembly_prop.biol_id 
_pdbx_struct_assembly_prop.type 
_pdbx_struct_assembly_prop.value 
_pdbx_struct_assembly_prop.details 
1 'ABSA (A^2)' 0     ? 
1 MORE         0     ? 
1 'SSA (A^2)'  11890 ? 
# 
_pdbx_struct_assembly_gen.assembly_id       1 
_pdbx_struct_assembly_gen.oper_expression   1 
_pdbx_struct_assembly_gen.asym_id_list      A 
# 
_pdbx_struct_assembly_auth_evidence.id                     1 
_pdbx_struct_assembly_auth_evidence.assembly_id            1 
_pdbx_struct_assembly_auth_evidence.experimental_support   'gel filtration' 
_pdbx_struct_assembly_auth_evidence.details                ? 
# 
_pdbx_struct_oper_list.id                   1 
_pdbx_struct_oper_list.type                 'identity operation' 
_pdbx_struct_oper_list.name                 1_555 
_pdbx_struct_oper_list.symmetry_operation   x,y,z 
_pdbx_struct_oper_list.matrix[1][1]         1.0000000000 
_pdbx_struct_oper_list.matrix[1][2]         0.0000000000 
_pdbx_struct_oper_list.matrix[1][3]         0.0000000000 
_pdbx_struct_oper_list.vector[1]            0.0000000000 
_pdbx_struct_oper_list.matrix[2][1]         0.0000000000 
_pdbx_struct_oper_list.matrix[2][2]         1.0000000000 
_pdbx_struct_oper_list.matrix[2][3]         0.0000000000 
_pdbx_struct_oper_list.vector[2]            0.0000000000 
_pdbx_struct_oper_list.matrix[3][1]         0.0000000000 
_pdbx_struct_oper_list.matrix[3][2]         0.0000000000 
_pdbx_struct_oper_list.matrix[3][3]         1.0000000000 
_pdbx_struct_oper_list.vector[3]            0.0000000000 
# 
loop_
_struct_conf.conf_type_id 
_struct_conf.id 
_struct_conf.pdbx_PDB_helix_id 
_struct_conf.beg_label_comp_id 
_struct_conf.beg_label_asym_id 
_struct_conf.beg_label_seq_id 
_struct_conf.pdbx_beg_PDB_ins_code 
_struct_conf.end_label_comp_id 
_struct_conf.end_label_asym_id 
_struct_conf.end_label_seq_id 
_struct_conf.pdbx_end_PDB_ins_code 
_struct_conf.beg_auth_comp_id 
_struct_conf.beg_auth_asym_id 
_struct_conf.beg_auth_seq_id 
_struct_conf.end_auth_comp_id 
_struct_conf.end_auth_asym_id 
_struct_conf.end_auth_seq_id 
_struct_conf.pdbx_PDB_helix_class 
_struct_conf.details 
_struct_conf.pdbx_PDB_helix_length 
HELX_P HELX_P1 AA1 SER A 48  ? ALA A 61  ? SER AAA 47  ALA AAA 60  1 ? 14 
HELX_P HELX_P2 AA2 ASP A 62  ? ILE A 72  ? ASP AAA 61  ILE AAA 71  1 ? 11 
HELX_P HELX_P3 AA3 ASP A 83  ? ALA A 108 ? ASP AAA 82  ALA AAA 107 1 ? 26 
HELX_P HELX_P4 AA4 TYR A 169 ? LYS A 173 ? TYR AAA 168 LYS AAA 172 5 ? 5  
HELX_P HELX_P5 AA5 HIS A 179 ? VAL A 188 ? HIS AAA 178 VAL AAA 187 1 ? 10 
HELX_P HELX_P6 AA6 GLY A 192 ? LEU A 199 ? GLY AAA 191 LEU AAA 198 1 ? 8  
HELX_P HELX_P7 AA7 GLY A 200 ? LYS A 215 ? GLY AAA 199 LYS AAA 214 1 ? 16 
# 
_struct_conf_type.id          HELX_P 
_struct_conf_type.criteria    ? 
_struct_conf_type.reference   ? 
# 
loop_
_struct_mon_prot_cis.pdbx_id 
_struct_mon_prot_cis.label_comp_id 
_struct_mon_prot_cis.label_seq_id 
_struct_mon_prot_cis.label_asym_id 
_struct_mon_prot_cis.label_alt_id 
_struct_mon_prot_cis.pdbx_PDB_ins_code 
_struct_mon_prot_cis.auth_comp_id 
_struct_mon_prot_cis.auth_seq_id 
_struct_mon_prot_cis.auth_asym_id 
_struct_mon_prot_cis.pdbx_label_comp_id_2 
_struct_mon_prot_cis.pdbx_label_seq_id_2 
_struct_mon_prot_cis.pdbx_label_asym_id_2 
_struct_mon_prot_cis.pdbx_PDB_ins_code_2 
_struct_mon_prot_cis.pdbx_auth_comp_id_2 
_struct_mon_prot_cis.pdbx_auth_seq_id_2 
_struct_mon_prot_cis.pdbx_auth_asym_id_2 
_struct_mon_prot_cis.pdbx_PDB_model_num 
_struct_mon_prot_cis.pdbx_omega_angle 
1 TYR 149 A . ? TYR 148 AAA PRO 150 A ? PRO 149 AAA 1 1.56 
2 VAL 188 A . ? VAL 187 AAA PRO 189 A ? PRO 188 AAA 1 0.11 
# 
_struct_sheet.id               AA1 
_struct_sheet.type             ? 
_struct_sheet.number_strands   3 
_struct_sheet.details          ? 
# 
loop_
_struct_sheet_order.sheet_id 
_struct_sheet_order.range_id_1 
_struct_sheet_order.range_id_2 
_struct_sheet_order.offset 
_struct_sheet_order.sense 
AA1 1 2 ? anti-parallel 
AA1 2 3 ? anti-parallel 
# 
loop_
_struct_sheet_range.sheet_id 
_struct_sheet_range.id 
_struct_sheet_range.beg_label_comp_id 
_struct_sheet_range.beg_label_asym_id 
_struct_sheet_range.beg_label_seq_id 
_struct_sheet_range.pdbx_beg_PDB_ins_code 
_struct_sheet_range.end_label_comp_id 
_struct_sheet_range.end_label_asym_id 
_struct_sheet_range.end_label_seq_id 
_struct_sheet_range.pdbx_end_PDB_ins_code 
_struct_sheet_range.beg_auth_comp_id 
_struct_sheet_range.beg_auth_asym_id 
_struct_sheet_range.beg_auth_seq_id 
_struct_sheet_range.end_auth_comp_id 
_struct_sheet_range.end_auth_asym_id 
_struct_sheet_range.end_auth_seq_id 
AA1 1 PHE A 113 ? SER A 117 ? PHE AAA 112 SER AAA 116 
AA1 2 TRP A 124 ? ILE A 131 ? TRP AAA 123 ILE AAA 130 
AA1 3 LYS A 136 ? ILE A 141 ? LYS AAA 135 ILE AAA 140 
# 
loop_
_pdbx_struct_sheet_hbond.sheet_id 
_pdbx_struct_sheet_hbond.range_id_1 
_pdbx_struct_sheet_hbond.range_id_2 
_pdbx_struct_sheet_hbond.range_1_label_atom_id 
_pdbx_struct_sheet_hbond.range_1_label_comp_id 
_pdbx_struct_sheet_hbond.range_1_label_asym_id 
_pdbx_struct_sheet_hbond.range_1_label_seq_id 
_pdbx_struct_sheet_hbond.range_1_PDB_ins_code 
_pdbx_struct_sheet_hbond.range_1_auth_atom_id 
_pdbx_struct_sheet_hbond.range_1_auth_comp_id 
_pdbx_struct_sheet_hbond.range_1_auth_asym_id 
_pdbx_struct_sheet_hbond.range_1_auth_seq_id 
_pdbx_struct_sheet_hbond.range_2_label_atom_id 
_pdbx_struct_sheet_hbond.range_2_label_comp_id 
_pdbx_struct_sheet_hbond.range_2_label_asym_id 
_pdbx_struct_sheet_hbond.range_2_label_seq_id 
_pdbx_struct_sheet_hbond.range_2_PDB_ins_code 
_pdbx_struct_sheet_hbond.range_2_auth_atom_id 
_pdbx_struct_sheet_hbond.range_2_auth_comp_id 
_pdbx_struct_sheet_hbond.range_2_auth_asym_id 
_pdbx_struct_sheet_hbond.range_2_auth_seq_id 
AA1 1 2 N GLU A 116 ? N GLU AAA 115 O PHE A 125 ? O PHE AAA 124 
AA1 2 3 N GLY A 126 ? N GLY AAA 125 O ILE A 141 ? O ILE AAA 140 
# 
loop_
_pdbx_validate_torsion.id 
_pdbx_validate_torsion.PDB_model_num 
_pdbx_validate_torsion.auth_comp_id 
_pdbx_validate_torsion.auth_asym_id 
_pdbx_validate_torsion.auth_seq_id 
_pdbx_validate_torsion.PDB_ins_code 
_pdbx_validate_torsion.label_alt_id 
_pdbx_validate_torsion.phi 
_pdbx_validate_torsion.psi 
1  1 SER AAA 44  ? ? -107.96 -166.17 
2  1 LEU AAA 51  ? ? -93.68  -66.11  
3  1 LYS AAA 75  ? ? -123.16 -65.64  
4  1 ARG AAA 83  ? ? 53.45   -123.10 
5  1 GLU AAA 119 ? ? -68.25  8.92    
6  1 HIS AAA 131 ? ? -164.70 109.91  
7  1 ASP AAA 132 ? ? 83.99   25.44   
8  1 LEU AAA 133 ? ? 56.34   17.73   
9  1 PRO AAA 145 ? ? -44.23  155.64  
10 1 PRO AAA 188 ? ? -104.53 41.39   
11 1 VAL AAA 206 ? ? -98.75  -72.88  
# 
loop_
_pdbx_unobs_or_zero_occ_residues.id 
_pdbx_unobs_or_zero_occ_residues.PDB_model_num 
_pdbx_unobs_or_zero_occ_residues.polymer_flag 
_pdbx_unobs_or_zero_occ_residues.occupancy_flag 
_pdbx_unobs_or_zero_occ_residues.auth_asym_id 
_pdbx_unobs_or_zero_occ_residues.auth_comp_id 
_pdbx_unobs_or_zero_occ_residues.auth_seq_id 
_pdbx_unobs_or_zero_occ_residues.PDB_ins_code 
_pdbx_unobs_or_zero_occ_residues.label_asym_id 
_pdbx_unobs_or_zero_occ_residues.label_comp_id 
_pdbx_unobs_or_zero_occ_residues.label_seq_id 
1  1 Y 1 AAA GLY 0   ? A GLY 1   
2  1 Y 1 AAA SER 1   ? A SER 2   
3  1 Y 1 AAA GLU 2   ? A GLU 3   
4  1 Y 1 AAA VAL 3   ? A VAL 4   
5  1 Y 1 AAA SER 4   ? A SER 5   
6  1 Y 1 AAA GLU 5   ? A GLU 6   
7  1 Y 1 AAA GLU 6   ? A GLU 7   
8  1 Y 1 AAA GLU 7   ? A GLU 8   
9  1 Y 1 AAA LEU 8   ? A LEU 9   
10 1 Y 1 AAA LYS 9   ? A LYS 10  
11 1 Y 1 AAA ASN 10  ? A ASN 11  
12 1 Y 1 AAA PHE 11  ? A PHE 12  
13 1 Y 1 AAA SER 12  ? A SER 13  
14 1 Y 1 AAA GLY 13  ? A GLY 14  
15 1 Y 1 AAA PRO 14  ? A PRO 15  
16 1 Y 1 AAA VAL 15  ? A VAL 16  
17 1 Y 1 AAA PRO 16  ? A PRO 17  
18 1 Y 1 AAA ASP 17  ? A ASP 18  
19 1 Y 1 AAA LEU 18  ? A LEU 19  
20 1 Y 1 AAA PRO 19  ? A PRO 20  
21 1 Y 1 AAA GLU 20  ? A GLU 21  
22 1 Y 1 AAA GLY 21  ? A GLY 22  
23 1 Y 1 AAA ILE 22  ? A ILE 23  
24 1 Y 1 AAA THR 23  ? A THR 24  
25 1 Y 1 AAA VAL 24  ? A VAL 25  
26 1 Y 1 AAA ALA 25  ? A ALA 26  
27 1 Y 1 AAA TYR 26  ? A TYR 27  
28 1 Y 1 AAA THR 27  ? A THR 28  
29 1 Y 1 AAA ILE 28  ? A ILE 29  
30 1 Y 1 AAA PRO 29  ? A PRO 30  
31 1 Y 1 AAA LYS 30  ? A LYS 31  
32 1 Y 1 AAA LYS 31  ? A LYS 32  
33 1 Y 1 AAA GLN 32  ? A GLN 33  
34 1 Y 1 AAA GLU 33  ? A GLU 34  
35 1 Y 1 AAA ASP 34  ? A ASP 35  
36 1 Y 1 AAA SER 35  ? A SER 36  
37 1 Y 1 AAA HIS 219 ? A HIS 220 
38 1 Y 1 AAA LYS 220 ? A LYS 221 
39 1 Y 1 AAA GLU 221 ? A GLU 222 
40 1 Y 1 AAA LYS 222 ? A LYS 223 
41 1 Y 1 AAA CYS 223 ? A CYS 224 
42 1 Y 1 AAA ASN 224 ? A ASN 225 
43 1 Y 1 AAA GLN 225 ? A GLN 226 
# 
loop_
_chem_comp_atom.comp_id 
_chem_comp_atom.atom_id 
_chem_comp_atom.type_symbol 
_chem_comp_atom.pdbx_aromatic_flag 
_chem_comp_atom.pdbx_stereo_config 
_chem_comp_atom.pdbx_ordinal 
ALA N    N N N 1   
ALA CA   C N S 2   
ALA C    C N N 3   
ALA O    O N N 4   
ALA CB   C N N 5   
ALA OXT  O N N 6   
ALA H    H N N 7   
ALA H2   H N N 8   
ALA HA   H N N 9   
ALA HB1  H N N 10  
ALA HB2  H N N 11  
ALA HB3  H N N 12  
ALA HXT  H N N 13  
ARG N    N N N 14  
ARG CA   C N S 15  
ARG C    C N N 16  
ARG O    O N N 17  
ARG CB   C N N 18  
ARG CG   C N N 19  
ARG CD   C N N 20  
ARG NE   N N N 21  
ARG CZ   C N N 22  
ARG NH1  N N N 23  
ARG NH2  N N N 24  
ARG OXT  O N N 25  
ARG H    H N N 26  
ARG H2   H N N 27  
ARG HA   H N N 28  
ARG HB2  H N N 29  
ARG HB3  H N N 30  
ARG HG2  H N N 31  
ARG HG3  H N N 32  
ARG HD2  H N N 33  
ARG HD3  H N N 34  
ARG HE   H N N 35  
ARG HH11 H N N 36  
ARG HH12 H N N 37  
ARG HH21 H N N 38  
ARG HH22 H N N 39  
ARG HXT  H N N 40  
ASN N    N N N 41  
ASN CA   C N S 42  
ASN C    C N N 43  
ASN O    O N N 44  
ASN CB   C N N 45  
ASN CG   C N N 46  
ASN OD1  O N N 47  
ASN ND2  N N N 48  
ASN OXT  O N N 49  
ASN H    H N N 50  
ASN H2   H N N 51  
ASN HA   H N N 52  
ASN HB2  H N N 53  
ASN HB3  H N N 54  
ASN HD21 H N N 55  
ASN HD22 H N N 56  
ASN HXT  H N N 57  
ASP N    N N N 58  
ASP CA   C N S 59  
ASP C    C N N 60  
ASP O    O N N 61  
ASP CB   C N N 62  
ASP CG   C N N 63  
ASP OD1  O N N 64  
ASP OD2  O N N 65  
ASP OXT  O N N 66  
ASP H    H N N 67  
ASP H2   H N N 68  
ASP HA   H N N 69  
ASP HB2  H N N 70  
ASP HB3  H N N 71  
ASP HD2  H N N 72  
ASP HXT  H N N 73  
CYS N    N N N 74  
CYS CA   C N R 75  
CYS C    C N N 76  
CYS O    O N N 77  
CYS CB   C N N 78  
CYS SG   S N N 79  
CYS OXT  O N N 80  
CYS H    H N N 81  
CYS H2   H N N 82  
CYS HA   H N N 83  
CYS HB2  H N N 84  
CYS HB3  H N N 85  
CYS HG   H N N 86  
CYS HXT  H N N 87  
GLN N    N N N 88  
GLN CA   C N S 89  
GLN C    C N N 90  
GLN O    O N N 91  
GLN CB   C N N 92  
GLN CG   C N N 93  
GLN CD   C N N 94  
GLN OE1  O N N 95  
GLN NE2  N N N 96  
GLN OXT  O N N 97  
GLN H    H N N 98  
GLN H2   H N N 99  
GLN HA   H N N 100 
GLN HB2  H N N 101 
GLN HB3  H N N 102 
GLN HG2  H N N 103 
GLN HG3  H N N 104 
GLN HE21 H N N 105 
GLN HE22 H N N 106 
GLN HXT  H N N 107 
GLU N    N N N 108 
GLU CA   C N S 109 
GLU C    C N N 110 
GLU O    O N N 111 
GLU CB   C N N 112 
GLU CG   C N N 113 
GLU CD   C N N 114 
GLU OE1  O N N 115 
GLU OE2  O N N 116 
GLU OXT  O N N 117 
GLU H    H N N 118 
GLU H2   H N N 119 
GLU HA   H N N 120 
GLU HB2  H N N 121 
GLU HB3  H N N 122 
GLU HG2  H N N 123 
GLU HG3  H N N 124 
GLU HE2  H N N 125 
GLU HXT  H N N 126 
GLY N    N N N 127 
GLY CA   C N N 128 
GLY C    C N N 129 
GLY O    O N N 130 
GLY OXT  O N N 131 
GLY H    H N N 132 
GLY H2   H N N 133 
GLY HA2  H N N 134 
GLY HA3  H N N 135 
GLY HXT  H N N 136 
HIS N    N N N 137 
HIS CA   C N S 138 
HIS C    C N N 139 
HIS O    O N N 140 
HIS CB   C N N 141 
HIS CG   C Y N 142 
HIS ND1  N Y N 143 
HIS CD2  C Y N 144 
HIS CE1  C Y N 145 
HIS NE2  N Y N 146 
HIS OXT  O N N 147 
HIS H    H N N 148 
HIS H2   H N N 149 
HIS HA   H N N 150 
HIS HB2  H N N 151 
HIS HB3  H N N 152 
HIS HD1  H N N 153 
HIS HD2  H N N 154 
HIS HE1  H N N 155 
HIS HE2  H N N 156 
HIS HXT  H N N 157 
ILE N    N N N 158 
ILE CA   C N S 159 
ILE C    C N N 160 
ILE O    O N N 161 
ILE CB   C N S 162 
ILE CG1  C N N 163 
ILE CG2  C N N 164 
ILE CD1  C N N 165 
ILE OXT  O N N 166 
ILE H    H N N 167 
ILE H2   H N N 168 
ILE HA   H N N 169 
ILE HB   H N N 170 
ILE HG12 H N N 171 
ILE HG13 H N N 172 
ILE HG21 H N N 173 
ILE HG22 H N N 174 
ILE HG23 H N N 175 
ILE HD11 H N N 176 
ILE HD12 H N N 177 
ILE HD13 H N N 178 
ILE HXT  H N N 179 
LEU N    N N N 180 
LEU CA   C N S 181 
LEU C    C N N 182 
LEU O    O N N 183 
LEU CB   C N N 184 
LEU CG   C N N 185 
LEU CD1  C N N 186 
LEU CD2  C N N 187 
LEU OXT  O N N 188 
LEU H    H N N 189 
LEU H2   H N N 190 
LEU HA   H N N 191 
LEU HB2  H N N 192 
LEU HB3  H N N 193 
LEU HG   H N N 194 
LEU HD11 H N N 195 
LEU HD12 H N N 196 
LEU HD13 H N N 197 
LEU HD21 H N N 198 
LEU HD22 H N N 199 
LEU HD23 H N N 200 
LEU HXT  H N N 201 
LYS N    N N N 202 
LYS CA   C N S 203 
LYS C    C N N 204 
LYS O    O N N 205 
LYS CB   C N N 206 
LYS CG   C N N 207 
LYS CD   C N N 208 
LYS CE   C N N 209 
LYS NZ   N N N 210 
LYS OXT  O N N 211 
LYS H    H N N 212 
LYS H2   H N N 213 
LYS HA   H N N 214 
LYS HB2  H N N 215 
LYS HB3  H N N 216 
LYS HG2  H N N 217 
LYS HG3  H N N 218 
LYS HD2  H N N 219 
LYS HD3  H N N 220 
LYS HE2  H N N 221 
LYS HE3  H N N 222 
LYS HZ1  H N N 223 
LYS HZ2  H N N 224 
LYS HZ3  H N N 225 
LYS HXT  H N N 226 
MET N    N N N 227 
MET CA   C N S 228 
MET C    C N N 229 
MET O    O N N 230 
MET CB   C N N 231 
MET CG   C N N 232 
MET SD   S N N 233 
MET CE   C N N 234 
MET OXT  O N N 235 
MET H    H N N 236 
MET H2   H N N 237 
MET HA   H N N 238 
MET HB2  H N N 239 
MET HB3  H N N 240 
MET HG2  H N N 241 
MET HG3  H N N 242 
MET HE1  H N N 243 
MET HE2  H N N 244 
MET HE3  H N N 245 
MET HXT  H N N 246 
PHE N    N N N 247 
PHE CA   C N S 248 
PHE C    C N N 249 
PHE O    O N N 250 
PHE CB   C N N 251 
PHE CG   C Y N 252 
PHE CD1  C Y N 253 
PHE CD2  C Y N 254 
PHE CE1  C Y N 255 
PHE CE2  C Y N 256 
PHE CZ   C Y N 257 
PHE OXT  O N N 258 
PHE H    H N N 259 
PHE H2   H N N 260 
PHE HA   H N N 261 
PHE HB2  H N N 262 
PHE HB3  H N N 263 
PHE HD1  H N N 264 
PHE HD2  H N N 265 
PHE HE1  H N N 266 
PHE HE2  H N N 267 
PHE HZ   H N N 268 
PHE HXT  H N N 269 
PRO N    N N N 270 
PRO CA   C N S 271 
PRO C    C N N 272 
PRO O    O N N 273 
PRO CB   C N N 274 
PRO CG   C N N 275 
PRO CD   C N N 276 
PRO OXT  O N N 277 
PRO H    H N N 278 
PRO HA   H N N 279 
PRO HB2  H N N 280 
PRO HB3  H N N 281 
PRO HG2  H N N 282 
PRO HG3  H N N 283 
PRO HD2  H N N 284 
PRO HD3  H N N 285 
PRO HXT  H N N 286 
SER N    N N N 287 
SER CA   C N S 288 
SER C    C N N 289 
SER O    O N N 290 
SER CB   C N N 291 
SER OG   O N N 292 
SER OXT  O N N 293 
SER H    H N N 294 
SER H2   H N N 295 
SER HA   H N N 296 
SER HB2  H N N 297 
SER HB3  H N N 298 
SER HG   H N N 299 
SER HXT  H N N 300 
THR N    N N N 301 
THR CA   C N S 302 
THR C    C N N 303 
THR O    O N N 304 
THR CB   C N R 305 
THR OG1  O N N 306 
THR CG2  C N N 307 
THR OXT  O N N 308 
THR H    H N N 309 
THR H2   H N N 310 
THR HA   H N N 311 
THR HB   H N N 312 
THR HG1  H N N 313 
THR HG21 H N N 314 
THR HG22 H N N 315 
THR HG23 H N N 316 
THR HXT  H N N 317 
TRP N    N N N 318 
TRP CA   C N S 319 
TRP C    C N N 320 
TRP O    O N N 321 
TRP CB   C N N 322 
TRP CG   C Y N 323 
TRP CD1  C Y N 324 
TRP CD2  C Y N 325 
TRP NE1  N Y N 326 
TRP CE2  C Y N 327 
TRP CE3  C Y N 328 
TRP CZ2  C Y N 329 
TRP CZ3  C Y N 330 
TRP CH2  C Y N 331 
TRP OXT  O N N 332 
TRP H    H N N 333 
TRP H2   H N N 334 
TRP HA   H N N 335 
TRP HB2  H N N 336 
TRP HB3  H N N 337 
TRP HD1  H N N 338 
TRP HE1  H N N 339 
TRP HE3  H N N 340 
TRP HZ2  H N N 341 
TRP HZ3  H N N 342 
TRP HH2  H N N 343 
TRP HXT  H N N 344 
TYR N    N N N 345 
TYR CA   C N S 346 
TYR C    C N N 347 
TYR O    O N N 348 
TYR CB   C N N 349 
TYR CG   C Y N 350 
TYR CD1  C Y N 351 
TYR CD2  C Y N 352 
TYR CE1  C Y N 353 
TYR CE2  C Y N 354 
TYR CZ   C Y N 355 
TYR OH   O N N 356 
TYR OXT  O N N 357 
TYR H    H N N 358 
TYR H2   H N N 359 
TYR HA   H N N 360 
TYR HB2  H N N 361 
TYR HB3  H N N 362 
TYR HD1  H N N 363 
TYR HD2  H N N 364 
TYR HE1  H N N 365 
TYR HE2  H N N 366 
TYR HH   H N N 367 
TYR HXT  H N N 368 
VAL N    N N N 369 
VAL CA   C N S 370 
VAL C    C N N 371 
VAL O    O N N 372 
VAL CB   C N N 373 
VAL CG1  C N N 374 
VAL CG2  C N N 375 
VAL OXT  O N N 376 
VAL H    H N N 377 
VAL H2   H N N 378 
VAL HA   H N N 379 
VAL HB   H N N 380 
VAL HG11 H N N 381 
VAL HG12 H N N 382 
VAL HG13 H N N 383 
VAL HG21 H N N 384 
VAL HG22 H N N 385 
VAL HG23 H N N 386 
VAL HXT  H N N 387 
# 
loop_
_chem_comp_bond.comp_id 
_chem_comp_bond.atom_id_1 
_chem_comp_bond.atom_id_2 
_chem_comp_bond.value_order 
_chem_comp_bond.pdbx_aromatic_flag 
_chem_comp_bond.pdbx_stereo_config 
_chem_comp_bond.pdbx_ordinal 
ALA N   CA   sing N N 1   
ALA N   H    sing N N 2   
ALA N   H2   sing N N 3   
ALA CA  C    sing N N 4   
ALA CA  CB   sing N N 5   
ALA CA  HA   sing N N 6   
ALA C   O    doub N N 7   
ALA C   OXT  sing N N 8   
ALA CB  HB1  sing N N 9   
ALA CB  HB2  sing N N 10  
ALA CB  HB3  sing N N 11  
ALA OXT HXT  sing N N 12  
ARG N   CA   sing N N 13  
ARG N   H    sing N N 14  
ARG N   H2   sing N N 15  
ARG CA  C    sing N N 16  
ARG CA  CB   sing N N 17  
ARG CA  HA   sing N N 18  
ARG C   O    doub N N 19  
ARG C   OXT  sing N N 20  
ARG CB  CG   sing N N 21  
ARG CB  HB2  sing N N 22  
ARG CB  HB3  sing N N 23  
ARG CG  CD   sing N N 24  
ARG CG  HG2  sing N N 25  
ARG CG  HG3  sing N N 26  
ARG CD  NE   sing N N 27  
ARG CD  HD2  sing N N 28  
ARG CD  HD3  sing N N 29  
ARG NE  CZ   sing N N 30  
ARG NE  HE   sing N N 31  
ARG CZ  NH1  sing N N 32  
ARG CZ  NH2  doub N N 33  
ARG NH1 HH11 sing N N 34  
ARG NH1 HH12 sing N N 35  
ARG NH2 HH21 sing N N 36  
ARG NH2 HH22 sing N N 37  
ARG OXT HXT  sing N N 38  
ASN N   CA   sing N N 39  
ASN N   H    sing N N 40  
ASN N   H2   sing N N 41  
ASN CA  C    sing N N 42  
ASN CA  CB   sing N N 43  
ASN CA  HA   sing N N 44  
ASN C   O    doub N N 45  
ASN C   OXT  sing N N 46  
ASN CB  CG   sing N N 47  
ASN CB  HB2  sing N N 48  
ASN CB  HB3  sing N N 49  
ASN CG  OD1  doub N N 50  
ASN CG  ND2  sing N N 51  
ASN ND2 HD21 sing N N 52  
ASN ND2 HD22 sing N N 53  
ASN OXT HXT  sing N N 54  
ASP N   CA   sing N N 55  
ASP N   H    sing N N 56  
ASP N   H2   sing N N 57  
ASP CA  C    sing N N 58  
ASP CA  CB   sing N N 59  
ASP CA  HA   sing N N 60  
ASP C   O    doub N N 61  
ASP C   OXT  sing N N 62  
ASP CB  CG   sing N N 63  
ASP CB  HB2  sing N N 64  
ASP CB  HB3  sing N N 65  
ASP CG  OD1  doub N N 66  
ASP CG  OD2  sing N N 67  
ASP OD2 HD2  sing N N 68  
ASP OXT HXT  sing N N 69  
CYS N   CA   sing N N 70  
CYS N   H    sing N N 71  
CYS N   H2   sing N N 72  
CYS CA  C    sing N N 73  
CYS CA  CB   sing N N 74  
CYS CA  HA   sing N N 75  
CYS C   O    doub N N 76  
CYS C   OXT  sing N N 77  
CYS CB  SG   sing N N 78  
CYS CB  HB2  sing N N 79  
CYS CB  HB3  sing N N 80  
CYS SG  HG   sing N N 81  
CYS OXT HXT  sing N N 82  
GLN N   CA   sing N N 83  
GLN N   H    sing N N 84  
GLN N   H2   sing N N 85  
GLN CA  C    sing N N 86  
GLN CA  CB   sing N N 87  
GLN CA  HA   sing N N 88  
GLN C   O    doub N N 89  
GLN C   OXT  sing N N 90  
GLN CB  CG   sing N N 91  
GLN CB  HB2  sing N N 92  
GLN CB  HB3  sing N N 93  
GLN CG  CD   sing N N 94  
GLN CG  HG2  sing N N 95  
GLN CG  HG3  sing N N 96  
GLN CD  OE1  doub N N 97  
GLN CD  NE2  sing N N 98  
GLN NE2 HE21 sing N N 99  
GLN NE2 HE22 sing N N 100 
GLN OXT HXT  sing N N 101 
GLU N   CA   sing N N 102 
GLU N   H    sing N N 103 
GLU N   H2   sing N N 104 
GLU CA  C    sing N N 105 
GLU CA  CB   sing N N 106 
GLU CA  HA   sing N N 107 
GLU C   O    doub N N 108 
GLU C   OXT  sing N N 109 
GLU CB  CG   sing N N 110 
GLU CB  HB2  sing N N 111 
GLU CB  HB3  sing N N 112 
GLU CG  CD   sing N N 113 
GLU CG  HG2  sing N N 114 
GLU CG  HG3  sing N N 115 
GLU CD  OE1  doub N N 116 
GLU CD  OE2  sing N N 117 
GLU OE2 HE2  sing N N 118 
GLU OXT HXT  sing N N 119 
GLY N   CA   sing N N 120 
GLY N   H    sing N N 121 
GLY N   H2   sing N N 122 
GLY CA  C    sing N N 123 
GLY CA  HA2  sing N N 124 
GLY CA  HA3  sing N N 125 
GLY C   O    doub N N 126 
GLY C   OXT  sing N N 127 
GLY OXT HXT  sing N N 128 
HIS N   CA   sing N N 129 
HIS N   H    sing N N 130 
HIS N   H2   sing N N 131 
HIS CA  C    sing N N 132 
HIS CA  CB   sing N N 133 
HIS CA  HA   sing N N 134 
HIS C   O    doub N N 135 
HIS C   OXT  sing N N 136 
HIS CB  CG   sing N N 137 
HIS CB  HB2  sing N N 138 
HIS CB  HB3  sing N N 139 
HIS CG  ND1  sing Y N 140 
HIS CG  CD2  doub Y N 141 
HIS ND1 CE1  doub Y N 142 
HIS ND1 HD1  sing N N 143 
HIS CD2 NE2  sing Y N 144 
HIS CD2 HD2  sing N N 145 
HIS CE1 NE2  sing Y N 146 
HIS CE1 HE1  sing N N 147 
HIS NE2 HE2  sing N N 148 
HIS OXT HXT  sing N N 149 
ILE N   CA   sing N N 150 
ILE N   H    sing N N 151 
ILE N   H2   sing N N 152 
ILE CA  C    sing N N 153 
ILE CA  CB   sing N N 154 
ILE CA  HA   sing N N 155 
ILE C   O    doub N N 156 
ILE C   OXT  sing N N 157 
ILE CB  CG1  sing N N 158 
ILE CB  CG2  sing N N 159 
ILE CB  HB   sing N N 160 
ILE CG1 CD1  sing N N 161 
ILE CG1 HG12 sing N N 162 
ILE CG1 HG13 sing N N 163 
ILE CG2 HG21 sing N N 164 
ILE CG2 HG22 sing N N 165 
ILE CG2 HG23 sing N N 166 
ILE CD1 HD11 sing N N 167 
ILE CD1 HD12 sing N N 168 
ILE CD1 HD13 sing N N 169 
ILE OXT HXT  sing N N 170 
LEU N   CA   sing N N 171 
LEU N   H    sing N N 172 
LEU N   H2   sing N N 173 
LEU CA  C    sing N N 174 
LEU CA  CB   sing N N 175 
LEU CA  HA   sing N N 176 
LEU C   O    doub N N 177 
LEU C   OXT  sing N N 178 
LEU CB  CG   sing N N 179 
LEU CB  HB2  sing N N 180 
LEU CB  HB3  sing N N 181 
LEU CG  CD1  sing N N 182 
LEU CG  CD2  sing N N 183 
LEU CG  HG   sing N N 184 
LEU CD1 HD11 sing N N 185 
LEU CD1 HD12 sing N N 186 
LEU CD1 HD13 sing N N 187 
LEU CD2 HD21 sing N N 188 
LEU CD2 HD22 sing N N 189 
LEU CD2 HD23 sing N N 190 
LEU OXT HXT  sing N N 191 
LYS N   CA   sing N N 192 
LYS N   H    sing N N 193 
LYS N   H2   sing N N 194 
LYS CA  C    sing N N 195 
LYS CA  CB   sing N N 196 
LYS CA  HA   sing N N 197 
LYS C   O    doub N N 198 
LYS C   OXT  sing N N 199 
LYS CB  CG   sing N N 200 
LYS CB  HB2  sing N N 201 
LYS CB  HB3  sing N N 202 
LYS CG  CD   sing N N 203 
LYS CG  HG2  sing N N 204 
LYS CG  HG3  sing N N 205 
LYS CD  CE   sing N N 206 
LYS CD  HD2  sing N N 207 
LYS CD  HD3  sing N N 208 
LYS CE  NZ   sing N N 209 
LYS CE  HE2  sing N N 210 
LYS CE  HE3  sing N N 211 
LYS NZ  HZ1  sing N N 212 
LYS NZ  HZ2  sing N N 213 
LYS NZ  HZ3  sing N N 214 
LYS OXT HXT  sing N N 215 
MET N   CA   sing N N 216 
MET N   H    sing N N 217 
MET N   H2   sing N N 218 
MET CA  C    sing N N 219 
MET CA  CB   sing N N 220 
MET CA  HA   sing N N 221 
MET C   O    doub N N 222 
MET C   OXT  sing N N 223 
MET CB  CG   sing N N 224 
MET CB  HB2  sing N N 225 
MET CB  HB3  sing N N 226 
MET CG  SD   sing N N 227 
MET CG  HG2  sing N N 228 
MET CG  HG3  sing N N 229 
MET SD  CE   sing N N 230 
MET CE  HE1  sing N N 231 
MET CE  HE2  sing N N 232 
MET CE  HE3  sing N N 233 
MET OXT HXT  sing N N 234 
PHE N   CA   sing N N 235 
PHE N   H    sing N N 236 
PHE N   H2   sing N N 237 
PHE CA  C    sing N N 238 
PHE CA  CB   sing N N 239 
PHE CA  HA   sing N N 240 
PHE C   O    doub N N 241 
PHE C   OXT  sing N N 242 
PHE CB  CG   sing N N 243 
PHE CB  HB2  sing N N 244 
PHE CB  HB3  sing N N 245 
PHE CG  CD1  doub Y N 246 
PHE CG  CD2  sing Y N 247 
PHE CD1 CE1  sing Y N 248 
PHE CD1 HD1  sing N N 249 
PHE CD2 CE2  doub Y N 250 
PHE CD2 HD2  sing N N 251 
PHE CE1 CZ   doub Y N 252 
PHE CE1 HE1  sing N N 253 
PHE CE2 CZ   sing Y N 254 
PHE CE2 HE2  sing N N 255 
PHE CZ  HZ   sing N N 256 
PHE OXT HXT  sing N N 257 
PRO N   CA   sing N N 258 
PRO N   CD   sing N N 259 
PRO N   H    sing N N 260 
PRO CA  C    sing N N 261 
PRO CA  CB   sing N N 262 
PRO CA  HA   sing N N 263 
PRO C   O    doub N N 264 
PRO C   OXT  sing N N 265 
PRO CB  CG   sing N N 266 
PRO CB  HB2  sing N N 267 
PRO CB  HB3  sing N N 268 
PRO CG  CD   sing N N 269 
PRO CG  HG2  sing N N 270 
PRO CG  HG3  sing N N 271 
PRO CD  HD2  sing N N 272 
PRO CD  HD3  sing N N 273 
PRO OXT HXT  sing N N 274 
SER N   CA   sing N N 275 
SER N   H    sing N N 276 
SER N   H2   sing N N 277 
SER CA  C    sing N N 278 
SER CA  CB   sing N N 279 
SER CA  HA   sing N N 280 
SER C   O    doub N N 281 
SER C   OXT  sing N N 282 
SER CB  OG   sing N N 283 
SER CB  HB2  sing N N 284 
SER CB  HB3  sing N N 285 
SER OG  HG   sing N N 286 
SER OXT HXT  sing N N 287 
THR N   CA   sing N N 288 
THR N   H    sing N N 289 
THR N   H2   sing N N 290 
THR CA  C    sing N N 291 
THR CA  CB   sing N N 292 
THR CA  HA   sing N N 293 
THR C   O    doub N N 294 
THR C   OXT  sing N N 295 
THR CB  OG1  sing N N 296 
THR CB  CG2  sing N N 297 
THR CB  HB   sing N N 298 
THR OG1 HG1  sing N N 299 
THR CG2 HG21 sing N N 300 
THR CG2 HG22 sing N N 301 
THR CG2 HG23 sing N N 302 
THR OXT HXT  sing N N 303 
TRP N   CA   sing N N 304 
TRP N   H    sing N N 305 
TRP N   H2   sing N N 306 
TRP CA  C    sing N N 307 
TRP CA  CB   sing N N 308 
TRP CA  HA   sing N N 309 
TRP C   O    doub N N 310 
TRP C   OXT  sing N N 311 
TRP CB  CG   sing N N 312 
TRP CB  HB2  sing N N 313 
TRP CB  HB3  sing N N 314 
TRP CG  CD1  doub Y N 315 
TRP CG  CD2  sing Y N 316 
TRP CD1 NE1  sing Y N 317 
TRP CD1 HD1  sing N N 318 
TRP CD2 CE2  doub Y N 319 
TRP CD2 CE3  sing Y N 320 
TRP NE1 CE2  sing Y N 321 
TRP NE1 HE1  sing N N 322 
TRP CE2 CZ2  sing Y N 323 
TRP CE3 CZ3  doub Y N 324 
TRP CE3 HE3  sing N N 325 
TRP CZ2 CH2  doub Y N 326 
TRP CZ2 HZ2  sing N N 327 
TRP CZ3 CH2  sing Y N 328 
TRP CZ3 HZ3  sing N N 329 
TRP CH2 HH2  sing N N 330 
TRP OXT HXT  sing N N 331 
TYR N   CA   sing N N 332 
TYR N   H    sing N N 333 
TYR N   H2   sing N N 334 
TYR CA  C    sing N N 335 
TYR CA  CB   sing N N 336 
TYR CA  HA   sing N N 337 
TYR C   O    doub N N 338 
TYR C   OXT  sing N N 339 
TYR CB  CG   sing N N 340 
TYR CB  HB2  sing N N 341 
TYR CB  HB3  sing N N 342 
TYR CG  CD1  doub Y N 343 
TYR CG  CD2  sing Y N 344 
TYR CD1 CE1  sing Y N 345 
TYR CD1 HD1  sing N N 346 
TYR CD2 CE2  doub Y N 347 
TYR CD2 HD2  sing N N 348 
TYR CE1 CZ   doub Y N 349 
TYR CE1 HE1  sing N N 350 
TYR CE2 CZ   sing Y N 351 
TYR CE2 HE2  sing N N 352 
TYR CZ  OH   sing N N 353 
TYR OH  HH   sing N N 354 
TYR OXT HXT  sing N N 355 
VAL N   CA   sing N N 356 
VAL N   H    sing N N 357 
VAL N   H2   sing N N 358 
VAL CA  C    sing N N 359 
VAL CA  CB   sing N N 360 
VAL CA  HA   sing N N 361 
VAL C   O    doub N N 362 
VAL C   OXT  sing N N 363 
VAL CB  CG1  sing N N 364 
VAL CB  CG2  sing N N 365 
VAL CB  HB   sing N N 366 
VAL CG1 HG11 sing N N 367 
VAL CG1 HG12 sing N N 368 
VAL CG1 HG13 sing N N 369 
VAL CG2 HG21 sing N N 370 
VAL CG2 HG22 sing N N 371 
VAL CG2 HG23 sing N N 372 
VAL OXT HXT  sing N N 373 
# 
_pdbx_audit_support.funding_organization   'Israel Science Foundation' 
_pdbx_audit_support.country                Israel 
_pdbx_audit_support.grant_number           1383/17 
_pdbx_audit_support.ordinal                1 
# 
_pdbx_initial_refinement_model.id               1 
_pdbx_initial_refinement_model.entity_id_list   ? 
_pdbx_initial_refinement_model.type             'experimental model' 
_pdbx_initial_refinement_model.source_name      PDB 
_pdbx_initial_refinement_model.accession_code   2Z6O 
_pdbx_initial_refinement_model.details          ? 
# 
_atom_sites.entry_id                    7NVK 
_atom_sites.Cartn_transf_matrix[1][1]   ? 
_atom_sites.Cartn_transf_matrix[1][2]   ? 
_atom_sites.Cartn_transf_matrix[1][3]   ? 
_atom_sites.Cartn_transf_matrix[2][1]   ? 
_atom_sites.Cartn_transf_matrix[2][2]   ? 
_atom_sites.Cartn_transf_matrix[2][3]   ? 
_atom_sites.Cartn_transf_matrix[3][1]   ? 
_atom_sites.Cartn_transf_matrix[3][2]   ? 
_atom_sites.Cartn_transf_matrix[3][3]   ? 
_atom_sites.Cartn_transf_vector[1]      ? 
_atom_sites.Cartn_transf_vector[2]      ? 
_atom_sites.Cartn_transf_vector[3]      ? 
_atom_sites.fract_transf_matrix[1][1]   0.00113823 
_atom_sites.fract_transf_matrix[1][2]   -0.01319056 
_atom_sites.fract_transf_matrix[1][3]   -0.00329712 
_atom_sites.fract_transf_matrix[2][1]   -0.01120255 
_atom_sites.fract_transf_matrix[2][2]   -0.00761793 
_atom_sites.fract_transf_matrix[2][3]   -0.00162133 
_atom_sites.fract_transf_matrix[3][1]   -0.00038081 
_atom_sites.fract_transf_matrix[3][2]   0.00395833 
_atom_sites.fract_transf_matrix[3][3]   -0.01596727 
_atom_sites.fract_transf_vector[1]      -0.219051 
_atom_sites.fract_transf_vector[2]      0.171466 
_atom_sites.fract_transf_vector[3]      0.019054 
_atom_sites.solution_primary            ? 
_atom_sites.solution_secondary          ? 
_atom_sites.solution_hydrogens          ? 
_atom_sites.special_details             ? 
# 
loop_
_atom_type.symbol 
_atom_type.pdbx_scat_Z 
_atom_type.pdbx_N_electrons 
_atom_type.scat_Cromer_Mann_a1 
_atom_type.scat_Cromer_Mann_b1 
_atom_type.scat_Cromer_Mann_a2 
_atom_type.scat_Cromer_Mann_b2 
_atom_type.scat_Cromer_Mann_a3 
_atom_type.scat_Cromer_Mann_b3 
_atom_type.scat_Cromer_Mann_a4 
_atom_type.scat_Cromer_Mann_b4 
C 6  6  2.310  20.844 1.020 10.208 1.589 0.569  0.865 51.651 
N 7  7  12.222 0.006  3.135 9.893  2.014 28.997 1.167 0.583  
O 8  8  3.049  13.277 2.287 5.701  1.546 0.324  0.867 32.909 
S 16 16 6.905  1.468  5.203 22.215 1.438 0.254  1.586 56.172 
# 
loop_
_atom_site.group_PDB 
_atom_site.id 
_atom_site.type_symbol 
_atom_site.label_atom_id 
_atom_site.label_alt_id 
_atom_site.label_comp_id 
_atom_site.label_asym_id 
_atom_site.label_entity_id 
_atom_site.label_seq_id 
_atom_site.pdbx_PDB_ins_code 
_atom_site.Cartn_x 
_atom_site.Cartn_y 
_atom_site.Cartn_z 
_atom_site.occupancy 
_atom_site.B_iso_or_equiv 
_atom_site.pdbx_formal_charge 
_atom_site.auth_seq_id 
_atom_site.auth_comp_id 
_atom_site.auth_asym_id 
_atom_site.auth_atom_id 
_atom_site.pdbx_PDB_model_num 
ATOM 1    N N   . VAL A 1 37  ? 4.308   -45.583 -23.002 1.000 196.536 ? 36  VAL AAA N   1 
ATOM 2    C CA  . VAL A 1 37  ? 4.566   -44.636 -21.874 1.000 234.943 ? 36  VAL AAA CA  1 
ATOM 3    C C   . VAL A 1 37  ? 3.310   -43.801 -21.635 1.000 244.268 ? 36  VAL AAA C   1 
ATOM 4    O O   . VAL A 1 37  ? 2.732   -43.269 -22.582 1.000 273.184 ? 36  VAL AAA O   1 
ATOM 5    C CB  . VAL A 1 37  ? 5.810   -43.759 -22.135 1.000 228.741 ? 36  VAL AAA CB  1 
ATOM 6    C CG1 . VAL A 1 37  ? 6.234   -43.748 -23.600 1.000 203.651 ? 36  VAL AAA CG1 1 
ATOM 7    C CG2 . VAL A 1 37  ? 5.657   -42.340 -21.597 1.000 180.187 ? 36  VAL AAA CG2 1 
ATOM 8    N N   . THR A 1 38  ? 2.901   -43.690 -20.362 1.000 227.541 ? 37  THR AAA N   1 
ATOM 9    C CA  . THR A 1 38  ? 1.724   -42.922 -19.979 1.000 228.935 ? 37  THR AAA CA  1 
ATOM 10   C C   . THR A 1 38  ? 2.038   -41.429 -20.055 1.000 233.733 ? 37  THR AAA C   1 
ATOM 11   O O   . THR A 1 38  ? 2.646   -40.876 -19.139 1.000 224.146 ? 37  THR AAA O   1 
ATOM 12   C CB  . THR A 1 38  ? 1.206   -43.329 -18.589 1.000 218.542 ? 37  THR AAA CB  1 
ATOM 13   O OG1 . THR A 1 38  ? 0.294   -44.416 -18.750 1.000 207.671 ? 37  THR AAA OG1 1 
ATOM 14   C CG2 . THR A 1 38  ? 0.493   -42.215 -17.851 1.000 197.043 ? 37  THR AAA CG2 1 
ATOM 15   N N   . GLU A 1 39  ? 1.622   -40.785 -21.153 1.000 224.866 ? 38  GLU AAA N   1 
ATOM 16   C CA  . GLU A 1 39  ? 1.796   -39.347 -21.300 1.000 172.860 ? 38  GLU AAA CA  1 
ATOM 17   C C   . GLU A 1 39  ? 0.814   -38.646 -20.368 1.000 166.284 ? 38  GLU AAA C   1 
ATOM 18   O O   . GLU A 1 39  ? -0.271  -39.168 -20.112 1.000 132.531 ? 38  GLU AAA O   1 
ATOM 19   C CB  . GLU A 1 39  ? 1.624   -38.905 -22.756 1.000 161.936 ? 38  GLU AAA CB  1 
ATOM 20   C CG  . GLU A 1 39  ? 2.342   -39.789 -23.769 1.000 214.701 ? 38  GLU AAA CG  1 
ATOM 21   C CD  . GLU A 1 39  ? 3.833   -40.055 -23.593 1.000 211.250 ? 38  GLU AAA CD  1 
ATOM 22   O OE1 . GLU A 1 39  ? 4.356   -40.938 -24.304 1.000 186.734 ? 38  GLU AAA OE1 1 
ATOM 23   O OE2 . GLU A 1 39  ? 4.474   -39.382 -22.760 1.000 218.848 ? 38  GLU AAA OE2 1 
ATOM 24   N N   . LEU A 1 40  ? 1.214   -37.482 -19.843 1.000 170.187 ? 39  LEU AAA N   1 
ATOM 25   C CA  . LEU A 1 40  ? 0.436   -36.841 -18.798 1.000 162.636 ? 39  LEU AAA CA  1 
ATOM 26   C C   . LEU A 1 40  ? -0.939  -36.506 -19.363 1.000 153.624 ? 39  LEU AAA C   1 
ATOM 27   O O   . LEU A 1 40  ? -1.066  -35.615 -20.201 1.000 130.768 ? 39  LEU AAA O   1 
ATOM 28   C CB  . LEU A 1 40  ? 1.149   -35.583 -18.289 1.000 156.191 ? 39  LEU AAA CB  1 
ATOM 29   C CG  . LEU A 1 40  ? 1.130   -35.366 -16.774 1.000 132.832 ? 39  LEU AAA CG  1 
ATOM 30   C CD1 . LEU A 1 40  ? -0.173  -35.851 -16.143 1.000 126.850 ? 39  LEU AAA CD1 1 
ATOM 31   C CD2 . LEU A 1 40  ? 2.313   -36.056 -16.114 1.000 151.883 ? 39  LEU AAA CD2 1 
ATOM 32   N N   . THR A 1 41  ? -1.943  -37.279 -18.932 1.000 132.091 ? 40  THR AAA N   1 
ATOM 33   C CA  . THR A 1 41  ? -3.324  -37.016 -19.300 1.000 144.719 ? 40  THR AAA CA  1 
ATOM 34   C C   . THR A 1 41  ? -4.144  -36.740 -18.042 1.000 155.973 ? 40  THR AAA C   1 
ATOM 35   O O   . THR A 1 41  ? -3.878  -37.295 -16.977 1.000 177.282 ? 40  THR AAA O   1 
ATOM 36   C CB  . THR A 1 41  ? -3.967  -38.129 -20.145 1.000 126.201 ? 40  THR AAA CB  1 
ATOM 37   O OG1 . THR A 1 41  ? -4.696  -38.991 -19.273 1.000 135.377 ? 40  THR AAA OG1 1 
ATOM 38   C CG2 . THR A 1 41  ? -2.998  -38.923 -20.995 1.000 144.801 ? 40  THR AAA CG2 1 
ATOM 39   N N   . VAL A 1 42  ? -5.138  -35.857 -18.204 1.000 123.116 ? 41  VAL AAA N   1 
ATOM 40   C CA  . VAL A 1 42  ? -6.151  -35.538 -17.218 1.000 123.460 ? 41  VAL AAA CA  1 
ATOM 41   C C   . VAL A 1 42  ? -6.672  -36.833 -16.596 1.000 149.597 ? 41  VAL AAA C   1 
ATOM 42   O O   . VAL A 1 42  ? -7.279  -37.655 -17.278 1.000 164.793 ? 41  VAL AAA O   1 
ATOM 43   C CB  . VAL A 1 42  ? -7.280  -34.714 -17.877 1.000 129.295 ? 41  VAL AAA CB  1 
ATOM 44   C CG1 . VAL A 1 42  ? -8.656  -34.998 -17.291 1.000 139.680 ? 41  VAL AAA CG1 1 
ATOM 45   C CG2 . VAL A 1 42  ? -6.989  -33.222 -17.863 1.000 124.852 ? 41  VAL AAA CG2 1 
ATOM 46   N N   . GLU A 1 43  ? -6.399  -37.011 -15.298 1.000 183.298 ? 42  GLU AAA N   1 
ATOM 47   C CA  . GLU A 1 43  ? -6.988  -38.091 -14.523 1.000 205.846 ? 42  GLU AAA CA  1 
ATOM 48   C C   . GLU A 1 43  ? -8.092  -37.520 -13.635 1.000 190.068 ? 42  GLU AAA C   1 
ATOM 49   O O   . GLU A 1 43  ? -8.050  -36.348 -13.260 1.000 162.264 ? 42  GLU AAA O   1 
ATOM 50   C CB  . GLU A 1 43  ? -5.923  -38.867 -13.741 1.000 195.991 ? 42  GLU AAA CB  1 
ATOM 51   C CG  . GLU A 1 43  ? -4.840  -37.980 -13.157 1.000 203.714 ? 42  GLU AAA CG  1 
ATOM 52   C CD  . GLU A 1 43  ? -4.433  -38.345 -11.742 1.000 190.461 ? 42  GLU AAA CD  1 
ATOM 53   O OE1 . GLU A 1 43  ? -5.305  -38.295 -10.840 1.000 155.696 ? 42  GLU AAA OE1 1 
ATOM 54   O OE2 . GLU A 1 43  ? -3.251  -38.684 -11.549 1.000 162.361 ? 42  GLU AAA OE2 1 
ATOM 55   N N   . ASP A 1 44  ? -9.067  -38.374 -13.300 1.000 183.488 ? 43  ASP AAA N   1 
ATOM 56   C CA  . ASP A 1 44  ? -10.335 -37.949 -12.729 1.000 157.883 ? 43  ASP AAA CA  1 
ATOM 57   C C   . ASP A 1 44  ? -10.328 -38.090 -11.207 1.000 177.534 ? 43  ASP AAA C   1 
ATOM 58   O O   . ASP A 1 44  ? -10.112 -39.180 -10.683 1.000 226.193 ? 43  ASP AAA O   1 
ATOM 59   C CB  . ASP A 1 44  ? -11.482 -38.759 -13.335 1.000 157.847 ? 43  ASP AAA CB  1 
ATOM 60   C CG  . ASP A 1 44  ? -12.836 -38.088 -13.211 1.000 195.876 ? 43  ASP AAA CG  1 
ATOM 61   O OD1 . ASP A 1 44  ? -12.992 -37.225 -12.320 1.000 193.604 ? 43  ASP AAA OD1 1 
ATOM 62   O OD2 . ASP A 1 44  ? -13.725 -38.427 -14.018 1.000 222.852 ? 43  ASP AAA OD2 1 
ATOM 63   N N   . SER A 1 45  ? -10.587 -36.978 -10.510 1.000 175.945 ? 44  SER AAA N   1 
ATOM 64   C CA  . SER A 1 45  ? -10.795 -36.996 -9.070  1.000 188.337 ? 44  SER AAA CA  1 
ATOM 65   C C   . SER A 1 45  ? -12.272 -36.753 -8.756  1.000 159.979 ? 44  SER AAA C   1 
ATOM 66   O O   . SER A 1 45  ? -13.120 -36.865 -9.640  1.000 128.662 ? 44  SER AAA O   1 
ATOM 67   C CB  . SER A 1 45  ? -9.872  -36.035 -8.355  1.000 186.323 ? 44  SER AAA CB  1 
ATOM 68   O OG  . SER A 1 45  ? -9.928  -34.741 -8.936  1.000 160.933 ? 44  SER AAA OG  1 
ATOM 69   N N   . GLY A 1 46  ? -12.572 -36.458 -7.485  1.000 106.741 ? 45  GLY AAA N   1 
ATOM 70   C CA  . GLY A 1 46  ? -13.950 -36.334 -7.045  1.000 97.238  ? 45  GLY AAA CA  1 
ATOM 71   C C   . GLY A 1 46  ? -14.370 -34.878 -6.897  1.000 115.046 ? 45  GLY AAA C   1 
ATOM 72   O O   . GLY A 1 46  ? -15.275 -34.573 -6.124  1.000 118.281 ? 45  GLY AAA O   1 
ATOM 73   N N   . GLU A 1 47  ? -13.710 -33.983 -7.638  1.000 110.733 ? 46  GLU AAA N   1 
ATOM 74   C CA  . GLU A 1 47  ? -14.042 -32.571 -7.539  1.000 143.130 ? 46  GLU AAA CA  1 
ATOM 75   C C   . GLU A 1 47  ? -15.107 -32.237 -8.574  1.000 102.425 ? 46  GLU AAA C   1 
ATOM 76   O O   . GLU A 1 47  ? -14.976 -32.645 -9.722  1.000 122.195 ? 46  GLU AAA O   1 
ATOM 77   C CB  . GLU A 1 47  ? -12.803 -31.709 -7.779  1.000 146.157 ? 46  GLU AAA CB  1 
ATOM 78   C CG  . GLU A 1 47  ? -12.006 -31.427 -6.519  1.000 163.111 ? 46  GLU AAA CG  1 
ATOM 79   C CD  . GLU A 1 47  ? -10.506 -31.550 -6.710  1.000 158.474 ? 46  GLU AAA CD  1 
ATOM 80   O OE1 . GLU A 1 47  ? -10.063 -32.639 -7.124  1.000 180.260 ? 46  GLU AAA OE1 1 
ATOM 81   O OE2 . GLU A 1 47  ? -9.788  -30.560 -6.454  1.000 190.963 ? 46  GLU AAA OE2 1 
ATOM 82   N N   . SER A 1 48  ? -16.147 -31.494 -8.173  1.000 86.370  ? 47  SER AAA N   1 
ATOM 83   C CA  . SER A 1 48  ? -17.095 -30.961 -9.143  1.000 97.638  ? 47  SER AAA CA  1 
ATOM 84   C C   . SER A 1 48  ? -16.483 -29.818 -9.960  1.000 96.066  ? 47  SER AAA C   1 
ATOM 85   O O   . SER A 1 48  ? -15.396 -29.340 -9.652  1.000 111.062 ? 47  SER AAA O   1 
ATOM 86   C CB  . SER A 1 48  ? -18.378 -30.529 -8.485  1.000 85.255  ? 47  SER AAA CB  1 
ATOM 87   O OG  . SER A 1 48  ? -18.176 -29.368 -7.698  1.000 101.079 ? 47  SER AAA OG  1 
ATOM 88   N N   . LEU A 1 49  ? -17.218 -29.374 -10.991 1.000 102.891 ? 48  LEU AAA N   1 
ATOM 89   C CA  . LEU A 1 49  ? -16.848 -28.224 -11.802 1.000 90.912  ? 48  LEU AAA CA  1 
ATOM 90   C C   . LEU A 1 49  ? -16.636 -27.018 -10.898 1.000 118.354 ? 48  LEU AAA C   1 
ATOM 91   O O   . LEU A 1 49  ? -15.653 -26.300 -11.055 1.000 144.245 ? 48  LEU AAA O   1 
ATOM 92   C CB  . LEU A 1 49  ? -17.946 -27.930 -12.830 1.000 76.310  ? 48  LEU AAA CB  1 
ATOM 93   C CG  . LEU A 1 49  ? -17.618 -26.926 -13.936 1.000 101.289 ? 48  LEU AAA CG  1 
ATOM 94   C CD1 . LEU A 1 49  ? -16.348 -27.302 -14.699 1.000 95.451  ? 48  LEU AAA CD1 1 
ATOM 95   C CD2 . LEU A 1 49  ? -18.787 -26.821 -14.910 1.000 89.801  ? 48  LEU AAA CD2 1 
ATOM 96   N N   . GLU A 1 50  ? -17.551 -26.809 -9.946  1.000 131.099 ? 49  GLU AAA N   1 
ATOM 97   C CA  . GLU A 1 50  ? -17.408 -25.667 -9.061  1.000 119.424 ? 49  GLU AAA CA  1 
ATOM 98   C C   . GLU A 1 50  ? -16.232 -25.822 -8.105  1.000 110.218 ? 49  GLU AAA C   1 
ATOM 99   O O   . GLU A 1 50  ? -15.461 -24.881 -7.947  1.000 108.038 ? 49  GLU AAA O   1 
ATOM 100  C CB  . GLU A 1 50  ? -18.689 -25.331 -8.323  1.000 97.193  ? 49  GLU AAA CB  1 
ATOM 101  C CG  . GLU A 1 50  ? -19.467 -24.260 -9.041  1.000 128.192 ? 49  GLU AAA CG  1 
ATOM 102  C CD  . GLU A 1 50  ? -20.528 -24.914 -9.896  1.000 126.694 ? 49  GLU AAA CD  1 
ATOM 103  O OE1 . GLU A 1 50  ? -20.324 -26.086 -10.271 1.000 169.650 ? 49  GLU AAA OE1 1 
ATOM 104  O OE2 . GLU A 1 50  ? -21.559 -24.266 -10.155 1.000 135.754 ? 49  GLU AAA OE2 1 
ATOM 105  N N   . ASP A 1 51  ? -16.087 -26.995 -7.482  1.000 100.479 ? 50  ASP AAA N   1 
ATOM 106  C CA  . ASP A 1 51  ? -14.895 -27.256 -6.691  1.000 148.833 ? 50  ASP AAA CA  1 
ATOM 107  C C   . ASP A 1 51  ? -13.668 -26.701 -7.420  1.000 137.771 ? 50  ASP AAA C   1 
ATOM 108  O O   . ASP A 1 51  ? -12.723 -26.256 -6.770  1.000 140.978 ? 50  ASP AAA O   1 
ATOM 109  C CB  . ASP A 1 51  ? -14.763 -28.741 -6.325  1.000 147.707 ? 50  ASP AAA CB  1 
ATOM 110  C CG  . ASP A 1 51  ? -16.014 -29.322 -5.685  1.000 143.989 ? 50  ASP AAA CG  1 
ATOM 111  O OD1 . ASP A 1 51  ? -16.839 -28.524 -5.171  1.000 118.785 ? 50  ASP AAA OD1 1 
ATOM 112  O OD2 . ASP A 1 51  ? -16.171 -30.564 -5.724  1.000 126.202 ? 50  ASP AAA OD2 1 
ATOM 113  N N   . LEU A 1 52  ? -13.736 -26.689 -8.765  1.000 111.291 ? 51  LEU AAA N   1 
ATOM 114  C CA  . LEU A 1 52  ? -12.616 -26.400 -9.654  1.000 107.591 ? 51  LEU AAA CA  1 
ATOM 115  C C   . LEU A 1 52  ? -12.591 -24.915 -10.027 1.000 110.938 ? 51  LEU AAA C   1 
ATOM 116  O O   . LEU A 1 52  ? -11.673 -24.206 -9.622  1.000 119.621 ? 51  LEU AAA O   1 
ATOM 117  C CB  . LEU A 1 52  ? -12.648 -27.339 -10.872 1.000 85.574  ? 51  LEU AAA CB  1 
ATOM 118  C CG  . LEU A 1 52  ? -12.261 -28.789 -10.560 1.000 123.780 ? 51  LEU AAA CG  1 
ATOM 119  C CD1 . LEU A 1 52  ? -11.845 -29.540 -11.809 1.000 106.225 ? 51  LEU AAA CD1 1 
ATOM 120  C CD2 . LEU A 1 52  ? -11.162 -28.869 -9.506  1.000 130.845 ? 51  LEU AAA CD2 1 
ATOM 121  N N   . MET A 1 53  ? -13.607 -24.450 -10.771 1.000 82.993  ? 52  MET AAA N   1 
ATOM 122  C CA  . MET A 1 53  ? -13.834 -23.036 -11.028 1.000 84.687  ? 52  MET AAA CA  1 
ATOM 123  C C   . MET A 1 53  ? -13.528 -22.190 -9.789  1.000 107.686 ? 52  MET AAA C   1 
ATOM 124  O O   . MET A 1 53  ? -12.901 -21.138 -9.896  1.000 121.025 ? 52  MET AAA O   1 
ATOM 125  C CB  . MET A 1 53  ? -15.271 -22.767 -11.461 1.000 77.029  ? 52  MET AAA CB  1 
ATOM 126  C CG  . MET A 1 53  ? -15.600 -23.202 -12.870 1.000 74.037  ? 52  MET AAA CG  1 
ATOM 127  S SD  . MET A 1 53  ? -17.181 -22.351 -13.166 1.000 118.298 ? 52  MET AAA SD  1 
ATOM 128  C CE  . MET A 1 53  ? -17.691 -22.995 -14.760 1.000 123.111 ? 52  MET AAA CE  1 
ATOM 129  N N   . ALA A 1 54  ? -13.958 -22.640 -8.608  1.000 122.876 ? 53  ALA AAA N   1 
ATOM 130  C CA  . ALA A 1 54  ? -13.509 -21.963 -7.405  1.000 125.073 ? 53  ALA AAA CA  1 
ATOM 131  C C   . ALA A 1 54  ? -11.987 -22.070 -7.320  1.000 115.268 ? 53  ALA AAA C   1 
ATOM 132  O O   . ALA A 1 54  ? -11.297 -21.057 -7.358  1.000 134.542 ? 53  ALA AAA O   1 
ATOM 133  C CB  . ALA A 1 54  ? -14.194 -22.518 -6.183  1.000 118.839 ? 53  ALA AAA CB  1 
ATOM 134  N N   . LYS A 1 55  ? -11.480 -23.309 -7.272  1.000 88.945  ? 54  LYS AAA N   1 
ATOM 135  C CA  . LYS A 1 55  ? -10.068 -23.575 -7.022  1.000 111.603 ? 54  LYS AAA CA  1 
ATOM 136  C C   . LYS A 1 55  ? -9.182  -22.872 -8.050  1.000 117.176 ? 54  LYS AAA C   1 
ATOM 137  O O   . LYS A 1 55  ? -7.970  -22.781 -7.857  1.000 133.247 ? 54  LYS AAA O   1 
ATOM 138  C CB  . LYS A 1 55  ? -9.788  -25.083 -7.014  1.000 88.569  ? 54  LYS AAA CB  1 
ATOM 139  C CG  . LYS A 1 55  ? -8.324  -25.502 -6.984  1.000 84.088  ? 54  LYS AAA CG  1 
ATOM 140  C CD  . LYS A 1 55  ? -8.174  -26.968 -6.657  1.000 112.613 ? 54  LYS AAA CD  1 
ATOM 141  C CE  . LYS A 1 55  ? -6.835  -27.546 -7.058  1.000 114.142 ? 54  LYS AAA CE  1 
ATOM 142  N NZ  . LYS A 1 55  ? -6.873  -29.027 -7.002  1.000 141.002 ? 54  LYS AAA NZ  1 
ATOM 143  N N   . MET A 1 56  ? -9.787  -22.413 -9.152  1.000 112.113 ? 55  MET AAA N   1 
ATOM 144  C CA  . MET A 1 56  ? -9.067  -21.622 -10.135 1.000 150.531 ? 55  MET AAA CA  1 
ATOM 145  C C   . MET A 1 56  ? -8.797  -20.257 -9.507  1.000 166.275 ? 55  MET AAA C   1 
ATOM 146  O O   . MET A 1 56  ? -7.646  -19.834 -9.420  1.000 143.142 ? 55  MET AAA O   1 
ATOM 147  C CB  . MET A 1 56  ? -9.860  -21.477 -11.442 1.000 135.527 ? 55  MET AAA CB  1 
ATOM 148  C CG  . MET A 1 56  ? -9.169  -20.640 -12.524 1.000 164.175 ? 55  MET AAA CG  1 
ATOM 149  S SD  . MET A 1 56  ? -8.160  -21.535 -13.747 1.000 142.819 ? 55  MET AAA SD  1 
ATOM 150  C CE  . MET A 1 56  ? -6.997  -20.248 -14.207 1.000 200.382 ? 55  MET AAA CE  1 
ATOM 151  N N   . LYS A 1 57  ? -9.864  -19.640 -8.982  1.000 134.313 ? 56  LYS AAA N   1 
ATOM 152  C CA  . LYS A 1 57  ? -9.808  -18.313 -8.388  1.000 114.046 ? 56  LYS AAA CA  1 
ATOM 153  C C   . LYS A 1 57  ? -8.900  -18.266 -7.161  1.000 131.793 ? 56  LYS AAA C   1 
ATOM 154  O O   . LYS A 1 57  ? -8.399  -17.195 -6.825  1.000 158.548 ? 56  LYS AAA O   1 
ATOM 155  C CB  . LYS A 1 57  ? -11.215 -17.803 -8.099  1.000 111.624 ? 56  LYS AAA CB  1 
ATOM 156  C CG  . LYS A 1 57  ? -11.975 -17.425 -9.358  1.000 114.960 ? 56  LYS AAA CG  1 
ATOM 157  C CD  . LYS A 1 57  ? -13.406 -17.032 -9.117  1.000 143.364 ? 56  LYS AAA CD  1 
ATOM 158  C CE  . LYS A 1 57  ? -14.256 -17.201 -10.359 1.000 151.678 ? 56  LYS AAA CE  1 
ATOM 159  N NZ  . LYS A 1 57  ? -14.539 -18.626 -10.663 1.000 164.454 ? 56  LYS AAA NZ  1 
ATOM 160  N N   . ASN A 1 58  ? -8.672  -19.422 -6.521  1.000 154.628 ? 57  ASN AAA N   1 
ATOM 161  C CA  . ASN A 1 58  ? -7.704  -19.534 -5.436  1.000 163.469 ? 57  ASN AAA CA  1 
ATOM 162  C C   . ASN A 1 58  ? -6.323  -19.865 -5.985  1.000 157.173 ? 57  ASN AAA C   1 
ATOM 163  O O   . ASN A 1 58  ? -5.450  -20.369 -5.276  1.000 156.513 ? 57  ASN AAA O   1 
ATOM 164  C CB  . ASN A 1 58  ? -8.152  -20.492 -4.334  1.000 164.507 ? 57  ASN AAA CB  1 
ATOM 165  C CG  . ASN A 1 58  ? -9.149  -19.814 -3.423  1.000 179.564 ? 57  ASN AAA CG  1 
ATOM 166  O OD1 . ASN A 1 58  ? -9.684  -18.764 -3.775  1.000 153.214 ? 57  ASN AAA OD1 1 
ATOM 167  N ND2 . ASN A 1 58  ? -9.390  -20.390 -2.258  1.000 208.416 ? 57  ASN AAA ND2 1 
ATOM 168  N N   . MET A 1 59  ? -6.149  -19.571 -7.269  1.000 132.472 ? 58  MET AAA N   1 
ATOM 169  C CA  . MET A 1 59  ? -4.825  -19.487 -7.845  1.000 147.045 ? 58  MET AAA CA  1 
ATOM 170  C C   . MET A 1 59  ? -4.748  -18.198 -8.658  1.000 165.928 ? 58  MET AAA C   1 
ATOM 171  O O   . MET A 1 59  ? -3.657  -17.729 -8.970  1.000 134.315 ? 58  MET AAA O   1 
ATOM 172  C CB  . MET A 1 59  ? -4.556  -20.699 -8.740  1.000 151.631 ? 58  MET AAA CB  1 
ATOM 173  C CG  . MET A 1 59  ? -4.415  -22.005 -7.984  1.000 175.469 ? 58  MET AAA CG  1 
ATOM 174  S SD  . MET A 1 59  ? -4.872  -23.408 -9.039  1.000 177.846 ? 58  MET AAA SD  1 
ATOM 175  C CE  . MET A 1 59  ? -3.592  -24.592 -8.614  1.000 118.413 ? 58  MET AAA CE  1 
ATOM 176  N N   . MET A 1 60  ? -5.914  -17.599 -8.944  1.000 132.566 ? 59  MET AAA N   1 
ATOM 177  C CA  . MET A 1 60  ? -6.022  -16.497 -9.889  1.000 141.309 ? 59  MET AAA CA  1 
ATOM 178  C C   . MET A 1 60  ? -5.980  -15.145 -9.172  1.000 184.715 ? 59  MET AAA C   1 
ATOM 179  O O   . MET A 1 60  ? -5.996  -14.097 -9.815  1.000 169.056 ? 59  MET AAA O   1 
ATOM 180  C CB  . MET A 1 60  ? -7.324  -16.619 -10.686 1.000 197.908 ? 59  MET AAA CB  1 
ATOM 181  C CG  . MET A 1 60  ? -7.422  -15.685 -11.879 1.000 205.604 ? 59  MET AAA CG  1 
ATOM 182  S SD  . MET A 1 60  ? -9.136  -15.453 -12.417 1.000 288.380 ? 59  MET AAA SD  1 
ATOM 183  C CE  . MET A 1 60  ? -9.886  -14.838 -10.909 1.000 197.624 ? 59  MET AAA CE  1 
ATOM 184  N N   . ALA A 1 61  ? -5.938  -15.169 -7.836  1.000 205.453 ? 60  ALA AAA N   1 
ATOM 185  C CA  . ALA A 1 61  ? -5.743  -13.956 -7.054  1.000 183.086 ? 60  ALA AAA CA  1 
ATOM 186  C C   . ALA A 1 61  ? -4.284  -13.867 -6.598  1.000 171.070 ? 60  ALA AAA C   1 
ATOM 187  O O   . ALA A 1 61  ? -3.576  -14.874 -6.597  1.000 123.404 ? 60  ALA AAA O   1 
ATOM 188  C CB  . ALA A 1 61  ? -6.714  -13.934 -5.895  1.000 179.889 ? 60  ALA AAA CB  1 
ATOM 189  N N   . ASP A 1 62  ? -3.824  -12.662 -6.224  1.000 148.981 ? 61  ASP AAA N   1 
ATOM 190  C CA  . ASP A 1 62  ? -2.445  -12.503 -5.781  1.000 151.213 ? 61  ASP AAA CA  1 
ATOM 191  C C   . ASP A 1 62  ? -2.329  -12.843 -4.297  1.000 172.538 ? 61  ASP AAA C   1 
ATOM 192  O O   . ASP A 1 62  ? -3.016  -12.251 -3.463  1.000 159.124 ? 61  ASP AAA O   1 
ATOM 193  C CB  . ASP A 1 62  ? -1.854  -11.132 -6.126  1.000 176.073 ? 61  ASP AAA CB  1 
ATOM 194  C CG  . ASP A 1 62  ? -0.409  -10.972 -5.671  1.000 191.774 ? 61  ASP AAA CG  1 
ATOM 195  O OD1 . ASP A 1 62  ? 0.237   -12.001 -5.378  1.000 188.457 ? 61  ASP AAA OD1 1 
ATOM 196  O OD2 . ASP A 1 62  ? 0.059   -9.818  -5.602  1.000 191.998 ? 61  ASP AAA OD2 1 
ATOM 197  N N   . GLU A 1 63  ? -1.426  -13.790 -3.999  1.000 151.585 ? 62  GLU AAA N   1 
ATOM 198  C CA  . GLU A 1 63  ? -1.273  -14.356 -2.668  1.000 200.672 ? 62  GLU AAA CA  1 
ATOM 199  C C   . GLU A 1 63  ? -0.595  -13.327 -1.771  1.000 199.947 ? 62  GLU AAA C   1 
ATOM 200  O O   . GLU A 1 63  ? -0.985  -13.154 -0.620  1.000 212.471 ? 62  GLU AAA O   1 
ATOM 201  C CB  . GLU A 1 63  ? -0.474  -15.660 -2.721  1.000 214.800 ? 62  GLU AAA CB  1 
ATOM 202  C CG  . GLU A 1 63  ? -0.681  -16.556 -1.509  1.000 228.381 ? 62  GLU AAA CG  1 
ATOM 203  C CD  . GLU A 1 63  ? 0.093   -16.193 -0.250  1.000 249.555 ? 62  GLU AAA CD  1 
ATOM 204  O OE1 . GLU A 1 63  ? -0.254  -16.729 0.824   1.000 237.074 ? 62  GLU AAA OE1 1 
ATOM 205  O OE2 . GLU A 1 63  ? 1.041   -15.385 -0.343  1.000 266.100 ? 62  GLU AAA OE2 1 
ATOM 206  N N   . ALA A 1 64  ? 0.425   -12.670 -2.334  1.000 187.927 ? 63  ALA AAA N   1 
ATOM 207  C CA  . ALA A 1 64  ? 1.141   -11.549 -1.746  1.000 167.761 ? 63  ALA AAA CA  1 
ATOM 208  C C   . ALA A 1 64  ? 0.179   -10.459 -1.278  1.000 174.426 ? 63  ALA AAA C   1 
ATOM 209  O O   . ALA A 1 64  ? 0.234   -10.027 -0.125  1.000 151.935 ? 63  ALA AAA O   1 
ATOM 210  C CB  . ALA A 1 64  ? 2.093   -10.999 -2.782  1.000 125.748 ? 63  ALA AAA CB  1 
ATOM 211  N N   . THR A 1 65  ? -0.659  -9.992  -2.214  1.000 131.954 ? 64  THR AAA N   1 
ATOM 212  C CA  . THR A 1 65  ? -1.654  -8.968  -1.955  1.000 136.790 ? 64  THR AAA CA  1 
ATOM 213  C C   . THR A 1 65  ? -2.596  -9.476  -0.869  1.000 165.627 ? 64  THR AAA C   1 
ATOM 214  O O   . THR A 1 65  ? -2.804  -8.801  0.134   1.000 171.923 ? 64  THR AAA O   1 
ATOM 215  C CB  . THR A 1 65  ? -2.395  -8.576  -3.242  1.000 140.478 ? 64  THR AAA CB  1 
ATOM 216  O OG1 . THR A 1 65  ? -1.432  -8.162  -4.212  1.000 132.360 ? 64  THR AAA OG1 1 
ATOM 217  C CG2 . THR A 1 65  ? -3.405  -7.466  -3.037  1.000 104.531 ? 64  THR AAA CG2 1 
ATOM 218  N N   . ARG A 1 66  ? -3.130  -10.686 -1.070  1.000 154.706 ? 65  ARG AAA N   1 
ATOM 219  C CA  . ARG A 1 66  ? -4.038  -11.284 -0.106  1.000 165.411 ? 65  ARG AAA CA  1 
ATOM 220  C C   . ARG A 1 66  ? -3.356  -11.424 1.254   1.000 158.045 ? 65  ARG AAA C   1 
ATOM 221  O O   . ARG A 1 66  ? -4.002  -11.198 2.274   1.000 170.931 ? 65  ARG AAA O   1 
ATOM 222  C CB  . ARG A 1 66  ? -4.584  -12.616 -0.625  1.000 163.648 ? 65  ARG AAA CB  1 
ATOM 223  C CG  . ARG A 1 66  ? -5.034  -13.578 0.463   1.000 208.825 ? 65  ARG AAA CG  1 
ATOM 224  C CD  . ARG A 1 66  ? -3.942  -14.553 0.868   1.000 234.557 ? 65  ARG AAA CD  1 
ATOM 225  N NE  . ARG A 1 66  ? -4.522  -15.884 0.965   1.000 251.209 ? 65  ARG AAA NE  1 
ATOM 226  C CZ  . ARG A 1 66  ? -4.564  -16.771 -0.026  1.000 246.101 ? 65  ARG AAA CZ  1 
ATOM 227  N NH1 . ARG A 1 66  ? -4.037  -16.485 -1.206  1.000 184.978 ? 65  ARG AAA NH1 1 
ATOM 228  N NH2 . ARG A 1 66  ? -5.131  -17.948 0.168   1.000 249.021 ? 65  ARG AAA NH2 1 
ATOM 229  N N   . ARG A 1 67  ? -2.065  -11.801 1.251   1.000 156.119 ? 66  ARG AAA N   1 
ATOM 230  C CA  . ARG A 1 67  ? -1.271  -11.956 2.465   1.000 167.864 ? 66  ARG AAA CA  1 
ATOM 231  C C   . ARG A 1 67  ? -1.196  -10.620 3.195   1.000 165.330 ? 66  ARG AAA C   1 
ATOM 232  O O   . ARG A 1 67  ? -1.673  -10.497 4.322   1.000 138.671 ? 66  ARG AAA O   1 
ATOM 233  C CB  . ARG A 1 67  ? 0.154   -12.440 2.166   1.000 164.412 ? 66  ARG AAA CB  1 
ATOM 234  C CG  . ARG A 1 67  ? 0.399   -13.910 2.483   1.000 208.678 ? 66  ARG AAA CG  1 
ATOM 235  C CD  . ARG A 1 67  ? 0.904   -14.227 3.883   1.000 189.729 ? 66  ARG AAA CD  1 
ATOM 236  N NE  . ARG A 1 67  ? 0.413   -15.518 4.359   1.000 205.978 ? 66  ARG AAA NE  1 
ATOM 237  C CZ  . ARG A 1 67  ? 0.914   -16.711 4.041   1.000 219.288 ? 66  ARG AAA CZ  1 
ATOM 238  N NH1 . ARG A 1 67  ? 0.367   -17.808 4.538   1.000 195.889 ? 66  ARG AAA NH1 1 
ATOM 239  N NH2 . ARG A 1 67  ? 1.952   -16.808 3.227   1.000 206.296 ? 66  ARG AAA NH2 1 
ATOM 240  N N   . VAL A 1 68  ? -0.603  -9.632  2.510   1.000 150.090 ? 67  VAL AAA N   1 
ATOM 241  C CA  . VAL A 1 68  ? -0.482  -8.243  2.936   1.000 147.555 ? 67  VAL AAA CA  1 
ATOM 242  C C   . VAL A 1 68  ? -1.763  -7.742  3.604   1.000 153.500 ? 67  VAL AAA C   1 
ATOM 243  O O   . VAL A 1 68  ? -1.710  -7.167  4.692   1.000 176.698 ? 67  VAL AAA O   1 
ATOM 244  C CB  . VAL A 1 68  ? -0.138  -7.330  1.738   1.000 141.649 ? 67  VAL AAA CB  1 
ATOM 245  C CG1 . VAL A 1 68  ? -0.550  -5.880  1.974   1.000 114.985 ? 67  VAL AAA CG1 1 
ATOM 246  C CG2 . VAL A 1 68  ? 1.329   -7.408  1.345   1.000 106.346 ? 67  VAL AAA CG2 1 
ATOM 247  N N   . VAL A 1 69  ? -2.892  -7.889  2.899   1.000 108.637 ? 68  VAL AAA N   1 
ATOM 248  C CA  . VAL A 1 69  ? -4.088  -7.137  3.231   1.000 134.294 ? 68  VAL AAA CA  1 
ATOM 249  C C   . VAL A 1 69  ? -4.849  -7.900  4.306   1.000 160.780 ? 68  VAL AAA C   1 
ATOM 250  O O   . VAL A 1 69  ? -5.516  -7.287  5.132   1.000 167.437 ? 68  VAL AAA O   1 
ATOM 251  C CB  . VAL A 1 69  ? -4.974  -6.838  2.005   1.000 148.491 ? 68  VAL AAA CB  1 
ATOM 252  C CG1 . VAL A 1 69  ? -4.246  -5.984  0.980   1.000 158.389 ? 68  VAL AAA CG1 1 
ATOM 253  C CG2 . VAL A 1 69  ? -5.543  -8.099  1.363   1.000 186.167 ? 68  VAL AAA CG2 1 
ATOM 254  N N   . SER A 1 70  ? -4.723  -9.231  4.299   1.000 137.467 ? 69  SER AAA N   1 
ATOM 255  C CA  . SER A 1 70  ? -5.431  -10.052 5.267   1.000 169.993 ? 69  SER AAA CA  1 
ATOM 256  C C   . SER A 1 70  ? -5.101  -9.579  6.681   1.000 156.369 ? 69  SER AAA C   1 
ATOM 257  O O   . SER A 1 70  ? -5.926  -9.691  7.585   1.000 144.231 ? 69  SER AAA O   1 
ATOM 258  C CB  . SER A 1 70  ? -5.088  -11.504 5.096   1.000 214.599 ? 69  SER AAA CB  1 
ATOM 259  O OG  . SER A 1 70  ? -3.718  -11.720 5.399   1.000 230.285 ? 69  SER AAA OG  1 
ATOM 260  N N   . GLU A 1 71  ? -3.883  -9.048  6.848   1.000 137.221 ? 70  GLU AAA N   1 
ATOM 261  C CA  . GLU A 1 71  ? -3.388  -8.610  8.144   1.000 181.701 ? 70  GLU AAA CA  1 
ATOM 262  C C   . GLU A 1 71  ? -3.864  -7.194  8.461   1.000 155.248 ? 70  GLU AAA C   1 
ATOM 263  O O   . GLU A 1 71  ? -4.101  -6.864  9.622   1.000 121.711 ? 70  GLU AAA O   1 
ATOM 264  C CB  . GLU A 1 71  ? -1.863  -8.657  8.174   1.000 173.227 ? 70  GLU AAA CB  1 
ATOM 265  C CG  . GLU A 1 71  ? -1.321  -10.059 8.338   1.000 191.282 ? 70  GLU AAA CG  1 
ATOM 266  C CD  . GLU A 1 71  ? -0.025  -10.250 7.579   1.000 216.101 ? 70  GLU AAA CD  1 
ATOM 267  O OE1 . GLU A 1 71  ? 0.366   -9.321  6.842   1.000 204.347 ? 70  GLU AAA OE1 1 
ATOM 268  O OE2 . GLU A 1 71  ? 0.590   -11.323 7.725   1.000 238.065 ? 70  GLU AAA OE2 1 
ATOM 269  N N   . ILE A 1 72  ? -3.987  -6.356  7.425   1.000 108.904 ? 71  ILE AAA N   1 
ATOM 270  C CA  . ILE A 1 72  ? -4.408  -4.983  7.641   1.000 115.063 ? 71  ILE AAA CA  1 
ATOM 271  C C   . ILE A 1 72  ? -5.921  -4.962  7.796   1.000 105.661 ? 71  ILE AAA C   1 
ATOM 272  O O   . ILE A 1 72  ? -6.644  -5.439  6.925   1.000 128.144 ? 71  ILE AAA O   1 
ATOM 273  C CB  . ILE A 1 72  ? -3.941  -4.043  6.515   1.000 115.876 ? 71  ILE AAA CB  1 
ATOM 274  C CG1 . ILE A 1 72  ? -2.441  -4.174  6.251   1.000 116.265 ? 71  ILE AAA CG1 1 
ATOM 275  C CG2 . ILE A 1 72  ? -4.329  -2.608  6.826   1.000 120.570 ? 71  ILE AAA CG2 1 
ATOM 276  C CD1 . ILE A 1 72  ? -2.011  -3.613  4.918   1.000 117.453 ? 71  ILE AAA CD1 1 
ATOM 277  N N   . PRO A 1 73  ? -6.448  -4.396  8.902   1.000 121.417 ? 72  PRO AAA N   1 
ATOM 278  C CA  . PRO A 1 73  ? -7.886  -4.421  9.141   1.000 119.157 ? 72  PRO AAA CA  1 
ATOM 279  C C   . PRO A 1 73  ? -8.486  -3.422  8.159   1.000 121.938 ? 72  PRO AAA C   1 
ATOM 280  O O   . PRO A 1 73  ? -7.903  -2.373  7.887   1.000 108.594 ? 72  PRO AAA O   1 
ATOM 281  C CB  . PRO A 1 73  ? -7.997  -3.981  10.605  1.000 112.958 ? 72  PRO AAA CB  1 
ATOM 282  C CG  . PRO A 1 73  ? -6.810  -3.056  10.794  1.000 123.450 ? 72  PRO AAA CG  1 
ATOM 283  C CD  . PRO A 1 73  ? -5.713  -3.633  9.922   1.000 118.155 ? 72  PRO AAA CD  1 
ATOM 284  N N   . VAL A 1 74  ? -9.636  -3.792  7.602   1.000 122.767 ? 73  VAL AAA N   1 
ATOM 285  C CA  . VAL A 1 74  ? -10.247 -3.027  6.535   1.000 107.156 ? 73  VAL AAA CA  1 
ATOM 286  C C   . VAL A 1 74  ? -11.212 -2.018  7.148   1.000 109.627 ? 73  VAL AAA C   1 
ATOM 287  O O   . VAL A 1 74  ? -11.712 -2.230  8.252   1.000 99.953  ? 73  VAL AAA O   1 
ATOM 288  C CB  . VAL A 1 74  ? -10.921 -3.990  5.544   1.000 91.685  ? 73  VAL AAA CB  1 
ATOM 289  C CG1 . VAL A 1 74  ? -12.432 -4.034  5.698   1.000 80.969  ? 73  VAL AAA CG1 1 
ATOM 290  C CG2 . VAL A 1 74  ? -10.511 -3.694  4.115   1.000 114.981 ? 73  VAL AAA CG2 1 
ATOM 291  N N   . LEU A 1 75  ? -11.457 -0.920  6.423   1.000 101.669 ? 74  LEU AAA N   1 
ATOM 292  C CA  . LEU A 1 75  ? -12.238 0.182   6.959   1.000 108.035 ? 74  LEU AAA CA  1 
ATOM 293  C C   . LEU A 1 75  ? -13.687 0.087   6.499   1.000 101.545 ? 74  LEU AAA C   1 
ATOM 294  O O   . LEU A 1 75  ? -14.021 -0.729  5.647   1.000 106.636 ? 74  LEU AAA O   1 
ATOM 295  C CB  . LEU A 1 75  ? -11.609 1.492   6.499   1.000 104.099 ? 74  LEU AAA CB  1 
ATOM 296  C CG  . LEU A 1 75  ? -10.359 1.868   7.272   1.000 96.735  ? 74  LEU AAA CG  1 
ATOM 297  C CD1 . LEU A 1 75  ? -9.168  1.097   6.735   1.000 95.602  ? 74  LEU AAA CD1 1 
ATOM 298  C CD2 . LEU A 1 75  ? -10.127 3.367   7.181   1.000 89.616  ? 74  LEU AAA CD2 1 
ATOM 299  N N   . LYS A 1 76  ? -14.519 0.974   7.050   1.000 92.332  ? 75  LYS AAA N   1 
ATOM 300  C CA  . LYS A 1 76  ? -15.959 0.842   6.929   1.000 86.268  ? 75  LYS AAA CA  1 
ATOM 301  C C   . LYS A 1 76  ? -16.542 2.100   6.299   1.000 104.585 ? 75  LYS AAA C   1 
ATOM 302  O O   . LYS A 1 76  ? -17.086 2.048   5.194   1.000 112.882 ? 75  LYS AAA O   1 
ATOM 303  C CB  . LYS A 1 76  ? -16.580 0.771   8.326   1.000 112.398 ? 75  LYS AAA CB  1 
ATOM 304  C CG  . LYS A 1 76  ? -16.221 -0.438  9.172   1.000 109.181 ? 75  LYS AAA CG  1 
ATOM 305  C CD  . LYS A 1 76  ? -17.230 -0.572  10.286  1.000 151.835 ? 75  LYS AAA CD  1 
ATOM 306  C CE  . LYS A 1 76  ? -16.737 -1.349  11.485  1.000 168.670 ? 75  LYS AAA CE  1 
ATOM 307  N NZ  . LYS A 1 76  ? -17.767 -1.407  12.551  1.000 147.147 ? 75  LYS AAA NZ  1 
ATOM 308  N N   . THR A 1 77  ? -16.423 3.212   7.041   1.000 92.876  ? 76  THR AAA N   1 
ATOM 309  C CA  . THR A 1 77  ? -17.116 4.450   6.738   1.000 81.806  ? 76  THR AAA CA  1 
ATOM 310  C C   . THR A 1 77  ? -16.603 5.094   5.457   1.000 103.997 ? 76  THR AAA C   1 
ATOM 311  O O   . THR A 1 77  ? -15.430 5.411   5.297   1.000 100.102 ? 76  THR AAA O   1 
ATOM 312  C CB  . THR A 1 77  ? -16.899 5.519   7.804   1.000 85.254  ? 76  THR AAA CB  1 
ATOM 313  O OG1 . THR A 1 77  ? -17.306 4.997   9.067   1.000 89.927  ? 76  THR AAA OG1 1 
ATOM 314  C CG2 . THR A 1 77  ? -17.591 6.821   7.458   1.000 84.155  ? 76  THR AAA CG2 1 
ATOM 315  N N   . ASN A 1 78  ? -17.558 5.379   4.592   1.000 122.968 ? 77  ASN AAA N   1 
ATOM 316  C CA  . ASN A 1 78  ? -17.282 6.068   3.362   1.000 123.128 ? 77  ASN AAA CA  1 
ATOM 317  C C   . ASN A 1 78  ? -17.525 7.561   3.596   1.000 103.826 ? 77  ASN AAA C   1 
ATOM 318  O O   . ASN A 1 78  ? -18.596 8.048   3.258   1.000 94.312  ? 77  ASN AAA O   1 
ATOM 319  C CB  . ASN A 1 78  ? -18.186 5.424   2.317   1.000 104.994 ? 77  ASN AAA CB  1 
ATOM 320  C CG  . ASN A 1 78  ? -17.941 5.911   0.912   1.000 111.738 ? 77  ASN AAA CG  1 
ATOM 321  O OD1 . ASN A 1 78  ? -17.560 7.062   0.698   1.000 125.591 ? 77  ASN AAA OD1 1 
ATOM 322  N ND2 . ASN A 1 78  ? -18.183 5.035   -0.047  1.000 134.502 ? 77  ASN AAA ND2 1 
ATOM 323  N N   . ALA A 1 79  ? -16.544 8.270   4.183   1.000 116.143 ? 78  ALA AAA N   1 
ATOM 324  C CA  . ALA A 1 79  ? -16.608 9.717   4.376   1.000 110.404 ? 78  ALA AAA CA  1 
ATOM 325  C C   . ALA A 1 79  ? -15.316 10.358  3.879   1.000 90.087  ? 78  ALA AAA C   1 
ATOM 326  O O   . ALA A 1 79  ? -14.281 9.707   3.906   1.000 96.427  ? 78  ALA AAA O   1 
ATOM 327  C CB  . ALA A 1 79  ? -16.826 10.036  5.832   1.000 96.781  ? 78  ALA AAA CB  1 
ATOM 328  N N   . GLY A 1 80  ? -15.383 11.626  3.441   1.000 89.973  ? 79  GLY AAA N   1 
ATOM 329  C CA  . GLY A 1 80  ? -14.212 12.393  3.026   1.000 99.211  ? 79  GLY AAA CA  1 
ATOM 330  C C   . GLY A 1 80  ? -13.984 13.615  3.917   1.000 108.945 ? 79  GLY AAA C   1 
ATOM 331  O O   . GLY A 1 80  ? -14.770 13.854  4.829   1.000 127.176 ? 79  GLY AAA O   1 
ATOM 332  N N   . PRO A 1 81  ? -12.961 14.467  3.658   1.000 104.706 ? 80  PRO AAA N   1 
ATOM 333  C CA  . PRO A 1 81  ? -12.514 15.465  4.633   1.000 106.389 ? 80  PRO AAA CA  1 
ATOM 334  C C   . PRO A 1 81  ? -13.445 16.664  4.810   1.000 108.554 ? 80  PRO AAA C   1 
ATOM 335  O O   . PRO A 1 81  ? -13.281 17.454  5.735   1.000 151.436 ? 80  PRO AAA O   1 
ATOM 336  C CB  . PRO A 1 81  ? -11.155 15.923  4.079   1.000 114.594 ? 80  PRO AAA CB  1 
ATOM 337  C CG  . PRO A 1 81  ? -10.843 14.954  2.962   1.000 120.573 ? 80  PRO AAA CG  1 
ATOM 338  C CD  . PRO A 1 81  ? -12.196 14.555  2.409   1.000 123.771 ? 80  PRO AAA CD  1 
ATOM 339  N N   . ARG A 1 82  ? -14.455 16.775  3.952   1.000 126.341 ? 81  ARG AAA N   1 
ATOM 340  C CA  . ARG A 1 82  ? -15.414 17.848  4.120   1.000 134.683 ? 81  ARG AAA CA  1 
ATOM 341  C C   . ARG A 1 82  ? -16.675 17.323  4.802   1.000 143.733 ? 81  ARG AAA C   1 
ATOM 342  O O   . ARG A 1 82  ? -17.656 18.054  4.899   1.000 162.597 ? 81  ARG AAA O   1 
ATOM 343  C CB  . ARG A 1 82  ? -15.748 18.480  2.766   1.000 124.647 ? 81  ARG AAA CB  1 
ATOM 344  C CG  . ARG A 1 82  ? -14.553 19.012  1.991   1.000 149.120 ? 81  ARG AAA CG  1 
ATOM 345  C CD  . ARG A 1 82  ? -15.059 19.376  0.608   1.000 183.007 ? 81  ARG AAA CD  1 
ATOM 346  N NE  . ARG A 1 82  ? -14.168 20.237  -0.156  1.000 220.712 ? 81  ARG AAA NE  1 
ATOM 347  C CZ  . ARG A 1 82  ? -14.513 20.873  -1.270  1.000 218.161 ? 81  ARG AAA CZ  1 
ATOM 348  N NH1 . ARG A 1 82  ? -15.737 20.749  -1.757  1.000 217.939 ? 81  ARG AAA NH1 1 
ATOM 349  N NH2 . ARG A 1 82  ? -13.636 21.642  -1.889  1.000 215.816 ? 81  ARG AAA NH2 1 
ATOM 350  N N   . ASP A 1 83  ? -16.653 16.070  5.284   1.000 140.058 ? 82  ASP AAA N   1 
ATOM 351  C CA  . ASP A 1 83  ? -17.869 15.444  5.787   1.000 127.810 ? 82  ASP AAA CA  1 
ATOM 352  C C   . ASP A 1 83  ? -17.940 15.457  7.311   1.000 132.822 ? 82  ASP AAA C   1 
ATOM 353  O O   . ASP A 1 83  ? -18.599 14.599  7.892   1.000 142.273 ? 82  ASP AAA O   1 
ATOM 354  C CB  . ASP A 1 83  ? -18.018 14.006  5.294   1.000 140.987 ? 82  ASP AAA CB  1 
ATOM 355  C CG  . ASP A 1 83  ? -18.078 13.914  3.786   1.000 175.231 ? 82  ASP AAA CG  1 
ATOM 356  O OD1 . ASP A 1 83  ? -18.265 14.965  3.147   1.000 166.971 ? 82  ASP AAA OD1 1 
ATOM 357  O OD2 . ASP A 1 83  ? -17.923 12.793  3.265   1.000 169.249 ? 82  ASP AAA OD2 1 
ATOM 358  N N   . ARG A 1 84  ? -17.242 16.410  7.944   1.000 127.856 ? 83  ARG AAA N   1 
ATOM 359  C CA  . ARG A 1 84  ? -17.468 16.801  9.331   1.000 129.553 ? 83  ARG AAA CA  1 
ATOM 360  C C   . ARG A 1 84  ? -17.421 15.599  10.280  1.000 138.363 ? 83  ARG AAA C   1 
ATOM 361  O O   . ARG A 1 84  ? -16.419 14.890  10.334  1.000 128.727 ? 83  ARG AAA O   1 
ATOM 362  C CB  . ARG A 1 84  ? -18.747 17.639  9.426   1.000 132.686 ? 83  ARG AAA CB  1 
ATOM 363  C CG  . ARG A 1 84  ? -18.627 19.024  8.800   1.000 154.238 ? 83  ARG AAA CG  1 
ATOM 364  C CD  . ARG A 1 84  ? -19.969 19.654  8.476   1.000 144.833 ? 83  ARG AAA CD  1 
ATOM 365  N NE  . ARG A 1 84  ? -20.469 19.371  7.132   1.000 187.470 ? 83  ARG AAA NE  1 
ATOM 366  C CZ  . ARG A 1 84  ? -21.134 18.279  6.753   1.000 208.881 ? 83  ARG AAA CZ  1 
ATOM 367  N NH1 . ARG A 1 84  ? -21.388 17.307  7.614   1.000 209.347 ? 83  ARG AAA NH1 1 
ATOM 368  N NH2 . ARG A 1 84  ? -21.543 18.158  5.503   1.000 206.475 ? 83  ARG AAA NH2 1 
ATOM 369  N N   . GLU A 1 85  ? -18.505 15.385  11.038  1.000 136.727 ? 84  GLU AAA N   1 
ATOM 370  C CA  . GLU A 1 85  ? -18.600 14.292  11.994  1.000 137.569 ? 84  GLU AAA CA  1 
ATOM 371  C C   . GLU A 1 85  ? -18.313 12.944  11.331  1.000 152.732 ? 84  GLU AAA C   1 
ATOM 372  O O   . GLU A 1 85  ? -17.673 12.092  11.944  1.000 142.890 ? 84  GLU AAA O   1 
ATOM 373  C CB  . GLU A 1 85  ? -19.965 14.269  12.686  1.000 130.410 ? 84  GLU AAA CB  1 
ATOM 374  C CG  . GLU A 1 85  ? -21.130 14.419  11.731  1.000 157.192 ? 84  GLU AAA CG  1 
ATOM 375  C CD  . GLU A 1 85  ? -21.347 15.842  11.247  1.000 186.956 ? 84  GLU AAA CD  1 
ATOM 376  O OE1 . GLU A 1 85  ? -20.768 16.769  11.851  1.000 163.814 ? 84  GLU AAA OE1 1 
ATOM 377  O OE2 . GLU A 1 85  ? -22.088 16.017  10.262  1.000 230.994 ? 84  GLU AAA OE2 1 
ATOM 378  N N   . LEU A 1 86  ? -18.785 12.744  10.093  1.000 107.049 ? 85  LEU AAA N   1 
ATOM 379  C CA  . LEU A 1 86  ? -18.523 11.496  9.392   1.000 122.274 ? 85  LEU AAA CA  1 
ATOM 380  C C   . LEU A 1 86  ? -17.034 11.353  9.080   1.000 111.589 ? 85  LEU AAA C   1 
ATOM 381  O O   . LEU A 1 86  ? -16.506 10.234  9.041   1.000 96.624  ? 85  LEU AAA O   1 
ATOM 382  C CB  . LEU A 1 86  ? -19.324 11.470  8.090   1.000 163.895 ? 85  LEU AAA CB  1 
ATOM 383  C CG  . LEU A 1 86  ? -20.838 11.545  8.240   1.000 181.316 ? 85  LEU AAA CG  1 
ATOM 384  C CD1 . LEU A 1 86  ? -21.473 12.023  6.940   1.000 172.135 ? 85  LEU AAA CD1 1 
ATOM 385  C CD2 . LEU A 1 86  ? -21.392 10.193  8.664   1.000 163.328 ? 85  LEU AAA CD2 1 
ATOM 386  N N   . TRP A 1 87  ? -16.377 12.491  8.805   1.000 84.340  ? 86  TRP AAA N   1 
ATOM 387  C CA  . TRP A 1 87  ? -14.968 12.436  8.437   1.000 100.416 ? 86  TRP AAA CA  1 
ATOM 388  C C   . TRP A 1 87  ? -14.135 12.026  9.652   1.000 92.631  ? 86  TRP AAA C   1 
ATOM 389  O O   . TRP A 1 87  ? -13.203 11.236  9.557   1.000 96.951  ? 86  TRP AAA O   1 
ATOM 390  C CB  . TRP A 1 87  ? -14.463 13.731  7.773   1.000 102.669 ? 86  TRP AAA CB  1 
ATOM 391  C CG  . TRP A 1 87  ? -12.965 13.786  7.768   1.000 123.607 ? 86  TRP AAA CG  1 
ATOM 392  C CD1 . TRP A 1 87  ? -12.177 14.611  8.515   1.000 131.285 ? 86  TRP AAA CD1 1 
ATOM 393  C CD2 . TRP A 1 87  ? -12.061 12.904  7.072   1.000 118.795 ? 86  TRP AAA CD2 1 
ATOM 394  N NE1 . TRP A 1 87  ? -10.855 14.326  8.306   1.000 124.209 ? 86  TRP AAA NE1 1 
ATOM 395  C CE2 . TRP A 1 87  ? -10.749 13.285  7.427   1.000 109.920 ? 86  TRP AAA CE2 1 
ATOM 396  C CE3 . TRP A 1 87  ? -12.224 11.843  6.174   1.000 97.609  ? 86  TRP AAA CE3 1 
ATOM 397  C CZ2 . TRP A 1 87  ? -9.617  12.645  6.918   1.000 124.827 ? 86  TRP AAA CZ2 1 
ATOM 398  C CZ3 . TRP A 1 87  ? -11.105 11.206  5.678   1.000 99.302  ? 86  TRP AAA CZ3 1 
ATOM 399  C CH2 . TRP A 1 87  ? -9.820  11.593  6.054   1.000 90.749  ? 86  TRP AAA CH2 1 
ATOM 400  N N   . VAL A 1 88  ? -14.518 12.530  10.818  1.000 96.291  ? 87  VAL AAA N   1 
ATOM 401  C CA  . VAL A 1 88  ? -13.832 12.159  12.037  1.000 86.621  ? 87  VAL AAA CA  1 
ATOM 402  C C   . VAL A 1 88  ? -13.956 10.661  12.273  1.000 78.011  ? 87  VAL AAA C   1 
ATOM 403  O O   . VAL A 1 88  ? -13.030 10.036  12.773  1.000 124.339 ? 87  VAL AAA O   1 
ATOM 404  C CB  . VAL A 1 88  ? -14.375 12.966  13.220  1.000 87.859  ? 87  VAL AAA CB  1 
ATOM 405  C CG1 . VAL A 1 88  ? -13.758 12.516  14.523  1.000 69.012  ? 87  VAL AAA CG1 1 
ATOM 406  C CG2 . VAL A 1 88  ? -14.134 14.450  12.995  1.000 77.126  ? 87  VAL AAA CG2 1 
ATOM 407  N N   . GLN A 1 89  ? -15.074 10.072  11.882  1.000 92.651  ? 88  GLN AAA N   1 
ATOM 408  C CA  . GLN A 1 89  ? -15.265 8.677   12.244  1.000 101.989 ? 88  GLN AAA CA  1 
ATOM 409  C C   . GLN A 1 89  ? -14.393 7.818   11.336  1.000 111.305 ? 88  GLN AAA C   1 
ATOM 410  O O   . GLN A 1 89  ? -13.762 6.859   11.799  1.000 95.802  ? 88  GLN AAA O   1 
ATOM 411  C CB  . GLN A 1 89  ? -16.753 8.333   12.219  1.000 100.520 ? 88  GLN AAA CB  1 
ATOM 412  C CG  . GLN A 1 89  ? -17.060 6.869   12.465  1.000 131.155 ? 88  GLN AAA CG  1 
ATOM 413  C CD  . GLN A 1 89  ? -18.451 6.597   11.957  1.000 151.986 ? 88  GLN AAA CD  1 
ATOM 414  O OE1 . GLN A 1 89  ? -19.426 6.664   12.703  1.000 154.324 ? 88  GLN AAA OE1 1 
ATOM 415  N NE2 . GLN A 1 89  ? -18.556 6.330   10.666  1.000 127.770 ? 88  GLN AAA NE2 1 
ATOM 416  N N   . ARG A 1 90  ? -14.355 8.196   10.050  1.000 86.552  ? 89  ARG AAA N   1 
ATOM 417  C CA  . ARG A 1 90  ? -13.390 7.621   9.128   1.000 85.358  ? 89  ARG AAA CA  1 
ATOM 418  C C   . ARG A 1 90  ? -11.983 7.784   9.709   1.000 103.917 ? 89  ARG AAA C   1 
ATOM 419  O O   . ARG A 1 90  ? -11.216 6.823   9.719   1.000 84.800  ? 89  ARG AAA O   1 
ATOM 420  C CB  . ARG A 1 90  ? -13.541 8.262   7.750   1.000 85.599  ? 89  ARG AAA CB  1 
ATOM 421  C CG  . ARG A 1 90  ? -12.469 7.850   6.754   1.000 83.251  ? 89  ARG AAA CG  1 
ATOM 422  C CD  . ARG A 1 90  ? -12.719 6.420   6.301   1.000 84.910  ? 89  ARG AAA CD  1 
ATOM 423  N NE  . ARG A 1 90  ? -11.647 5.825   5.506   1.000 96.129  ? 89  ARG AAA NE  1 
ATOM 424  C CZ  . ARG A 1 90  ? -11.806 4.877   4.580   1.000 89.327  ? 89  ARG AAA CZ  1 
ATOM 425  N NH1 . ARG A 1 90  ? -13.005 4.401   4.298   1.000 93.848  ? 89  ARG AAA NH1 1 
ATOM 426  N NH2 . ARG A 1 90  ? -10.756 4.390   3.947   1.000 87.432  ? 89  ARG AAA NH2 1 
ATOM 427  N N   . LEU A 1 91  ? -11.668 8.970   10.263  1.000 83.545  ? 90  LEU AAA N   1 
ATOM 428  C CA  . LEU A 1 91  ? -10.336 9.232   10.806  1.000 79.682  ? 90  LEU AAA CA  1 
ATOM 429  C C   . LEU A 1 91  ? -9.948  8.268   11.929  1.000 99.113  ? 90  LEU AAA C   1 
ATOM 430  O O   . LEU A 1 91  ? -8.831  7.738   11.904  1.000 95.508  ? 90  LEU AAA O   1 
ATOM 431  C CB  . LEU A 1 91  ? -10.173 10.695  11.232  1.000 111.140 ? 90  LEU AAA CB  1 
ATOM 432  C CG  . LEU A 1 91  ? -8.725  11.182  11.341  1.000 115.192 ? 90  LEU AAA CG  1 
ATOM 433  C CD1 . LEU A 1 91  ? -7.952  10.910  10.054  1.000 95.193  ? 90  LEU AAA CD1 1 
ATOM 434  C CD2 . LEU A 1 91  ? -8.676  12.668  11.682  1.000 112.498 ? 90  LEU AAA CD2 1 
ATOM 435  N N   . LYS A 1 92  ? -10.856 8.044   12.895  1.000 79.463  ? 91  LYS AAA N   1 
ATOM 436  C CA  . LYS A 1 92  ? -10.611 7.065   13.945  1.000 79.964  ? 91  LYS AAA CA  1 
ATOM 437  C C   . LYS A 1 92  ? -10.289 5.729   13.296  1.000 108.233 ? 91  LYS AAA C   1 
ATOM 438  O O   . LYS A 1 92  ? -9.424  5.020   13.813  1.000 97.975  ? 91  LYS AAA O   1 
ATOM 439  C CB  . LYS A 1 92  ? -11.819 6.806   14.854  1.000 88.852  ? 91  LYS AAA CB  1 
ATOM 440  C CG  . LYS A 1 92  ? -12.496 8.039   15.434  1.000 90.932  ? 91  LYS AAA CG  1 
ATOM 441  C CD  . LYS A 1 92  ? -12.198 8.253   16.903  1.000 143.989 ? 91  LYS AAA CD  1 
ATOM 442  C CE  . LYS A 1 92  ? -13.342 7.903   17.834  1.000 147.584 ? 91  LYS AAA CE  1 
ATOM 443  N NZ  . LYS A 1 92  ? -13.538 8.961   18.859  1.000 143.412 ? 91  LYS AAA NZ  1 
ATOM 444  N N   . GLU A 1 93  ? -11.005 5.401   12.198  1.000 94.703  ? 92  GLU AAA N   1 
ATOM 445  C CA  . GLU A 1 93  ? -10.829 4.105   11.550  1.000 101.905 ? 92  GLU AAA CA  1 
ATOM 446  C C   . GLU A 1 93  ? -9.430  4.028   10.939  1.000 107.671 ? 92  GLU AAA C   1 
ATOM 447  O O   . GLU A 1 93  ? -8.738  3.018   11.072  1.000 94.187  ? 92  GLU AAA O   1 
ATOM 448  C CB  . GLU A 1 93  ? -11.902 3.834   10.494  1.000 104.812 ? 92  GLU AAA CB  1 
ATOM 449  C CG  . GLU A 1 93  ? -13.312 3.787   11.038  1.000 97.133  ? 92  GLU AAA CG  1 
ATOM 450  C CD  . GLU A 1 93  ? -14.428 3.486   10.047  1.000 93.557  ? 92  GLU AAA CD  1 
ATOM 451  O OE1 . GLU A 1 93  ? -14.132 3.044   8.910   1.000 103.906 ? 92  GLU AAA OE1 1 
ATOM 452  O OE2 . GLU A 1 93  ? -15.605 3.698   10.421  1.000 103.568 ? 92  GLU AAA OE2 1 
ATOM 453  N N   . GLU A 1 94  ? -9.023  5.124   10.290  1.000 102.318 ? 93  GLU AAA N   1 
ATOM 454  C CA  . GLU A 1 94  ? -7.699  5.246   9.708   1.000 105.875 ? 93  GLU AAA CA  1 
ATOM 455  C C   . GLU A 1 94  ? -6.643  5.000   10.782  1.000 114.589 ? 93  GLU AAA C   1 
ATOM 456  O O   . GLU A 1 94  ? -5.773  4.158   10.582  1.000 111.081 ? 93  GLU AAA O   1 
ATOM 457  C CB  . GLU A 1 94  ? -7.561  6.613   9.044   1.000 90.135  ? 93  GLU AAA CB  1 
ATOM 458  C CG  . GLU A 1 94  ? -8.507  6.776   7.881   1.000 80.056  ? 93  GLU AAA CG  1 
ATOM 459  C CD  . GLU A 1 94  ? -8.041  6.077   6.610   1.000 127.176 ? 93  GLU AAA CD  1 
ATOM 460  O OE1 . GLU A 1 94  ? -7.062  5.279   6.678   1.000 123.056 ? 93  GLU AAA OE1 1 
ATOM 461  O OE2 . GLU A 1 94  ? -8.649  6.339   5.538   1.000 97.644  ? 93  GLU AAA OE2 1 
ATOM 462  N N   . TYR A 1 95  ? -6.744  5.704   11.924  1.000 102.168 ? 94  TYR AAA N   1 
ATOM 463  C CA  . TYR A 1 95  ? -5.766  5.525   12.988  1.000 101.406 ? 94  TYR AAA CA  1 
ATOM 464  C C   . TYR A 1 95  ? -5.738  4.075   13.473  1.000 91.610  ? 94  TYR AAA C   1 
ATOM 465  O O   . TYR A 1 95  ? -4.663  3.511   13.655  1.000 135.662 ? 94  TYR AAA O   1 
ATOM 466  C CB  . TYR A 1 95  ? -5.909  6.564   14.103  1.000 83.010  ? 94  TYR AAA CB  1 
ATOM 467  C CG  . TYR A 1 95  ? -5.217  7.873   13.823  1.000 90.701  ? 94  TYR AAA CG  1 
ATOM 468  C CD1 . TYR A 1 95  ? -5.869  8.871   13.111  1.000 100.754 ? 94  TYR AAA CD1 1 
ATOM 469  C CD2 . TYR A 1 95  ? -3.923  8.131   14.266  1.000 101.482 ? 94  TYR AAA CD2 1 
ATOM 470  C CE1 . TYR A 1 95  ? -5.258  10.083  12.827  1.000 109.240 ? 94  TYR AAA CE1 1 
ATOM 471  C CE2 . TYR A 1 95  ? -3.297  9.344   13.993  1.000 102.022 ? 94  TYR AAA CE2 1 
ATOM 472  C CZ  . TYR A 1 95  ? -3.968  10.319  13.265  1.000 100.135 ? 94  TYR AAA CZ  1 
ATOM 473  O OH  . TYR A 1 95  ? -3.425  11.529  12.953  1.000 113.730 ? 94  TYR AAA OH  1 
ATOM 474  N N   . GLN A 1 96  ? -6.904  3.453   13.639  1.000 89.900  ? 95  GLN AAA N   1 
ATOM 475  C CA  . GLN A 1 96  ? -6.955  2.083   14.127  1.000 112.161 ? 95  GLN AAA CA  1 
ATOM 476  C C   . GLN A 1 96  ? -6.238  1.159   13.148  1.000 116.504 ? 95  GLN AAA C   1 
ATOM 477  O O   . GLN A 1 96  ? -5.523  0.254   13.560  1.000 123.784 ? 95  GLN AAA O   1 
ATOM 478  C CB  . GLN A 1 96  ? -8.403  1.613   14.283  1.000 111.905 ? 95  GLN AAA CB  1 
ATOM 479  C CG  . GLN A 1 96  ? -9.167  2.275   15.426  1.000 110.624 ? 95  GLN AAA CG  1 
ATOM 480  C CD  . GLN A 1 96  ? -10.659 2.053   15.314  1.000 144.565 ? 95  GLN AAA CD  1 
ATOM 481  O OE1 . GLN A 1 96  ? -11.292 2.413   14.325  1.000 142.851 ? 95  GLN AAA OE1 1 
ATOM 482  N NE2 . GLN A 1 96  ? -11.244 1.452   16.337  1.000 133.578 ? 95  GLN AAA NE2 1 
ATOM 483  N N   . SER A 1 97  ? -6.456  1.394   11.850  1.000 117.579 ? 96  SER AAA N   1 
ATOM 484  C CA  . SER A 1 97  ? -5.903  0.563   10.795  1.000 132.874 ? 96  SER AAA CA  1 
ATOM 485  C C   . SER A 1 97  ? -4.379  0.645   10.832  1.000 133.125 ? 96  SER AAA C   1 
ATOM 486  O O   . SER A 1 97  ? -3.692  -0.375  10.931  1.000 110.146 ? 96  SER AAA O   1 
ATOM 487  C CB  . SER A 1 97  ? -6.440  1.009   9.458   1.000 139.316 ? 96  SER AAA CB  1 
ATOM 488  O OG  . SER A 1 97  ? -6.436  -0.055  8.522   1.000 127.286 ? 96  SER AAA OG  1 
ATOM 489  N N   . LEU A 1 98  ? -3.876  1.884   10.764  1.000 104.594 ? 97  LEU AAA N   1 
ATOM 490  C CA  . LEU A 1 98  ? -2.455  2.182   10.782  1.000 103.230 ? 97  LEU AAA CA  1 
ATOM 491  C C   . LEU A 1 98  ? -1.797  1.586   12.029  1.000 132.006 ? 97  LEU AAA C   1 
ATOM 492  O O   . LEU A 1 98  ? -0.778  0.906   11.916  1.000 130.460 ? 97  LEU AAA O   1 
ATOM 493  C CB  . LEU A 1 98  ? -2.271  3.699   10.727  1.000 82.084  ? 97  LEU AAA CB  1 
ATOM 494  C CG  . LEU A 1 98  ? -2.174  4.308   9.332   1.000 92.086  ? 97  LEU AAA CG  1 
ATOM 495  C CD1 . LEU A 1 98  ? -2.076  5.827   9.406   1.000 102.955 ? 97  LEU AAA CD1 1 
ATOM 496  C CD2 . LEU A 1 98  ? -0.977  3.742   8.595   1.000 128.439 ? 97  LEU AAA CD2 1 
ATOM 497  N N   . ILE A 1 99  ? -2.381  1.839   13.210  1.000 104.783 ? 98  ILE AAA N   1 
ATOM 498  C CA  . ILE A 1 99  ? -1.841  1.274   14.439  1.000 133.329 ? 98  ILE AAA CA  1 
ATOM 499  C C   . ILE A 1 99  ? -1.582  -0.219  14.236  1.000 111.077 ? 98  ILE AAA C   1 
ATOM 500  O O   . ILE A 1 99  ? -0.455  -0.677  14.392  1.000 140.532 ? 98  ILE AAA O   1 
ATOM 501  C CB  . ILE A 1 99  ? -2.709  1.588   15.683  1.000 124.793 ? 98  ILE AAA CB  1 
ATOM 502  C CG1 . ILE A 1 99  ? -2.522  3.030   16.168  1.000 95.827  ? 98  ILE AAA CG1 1 
ATOM 503  C CG2 . ILE A 1 99  ? -2.469  0.589   16.810  1.000 120.157 ? 98  ILE AAA CG2 1 
ATOM 504  C CD1 . ILE A 1 99  ? -1.225  3.690   15.712  1.000 119.970 ? 98  ILE AAA CD1 1 
ATOM 505  N N   . ARG A 1 100 ? -2.619  -0.961  13.847  1.000 116.231 ? 99  ARG AAA N   1 
ATOM 506  C CA  . ARG A 1 100 ? -2.532  -2.407  13.780  1.000 125.131 ? 99  ARG AAA CA  1 
ATOM 507  C C   . ARG A 1 100 ? -1.514  -2.831  12.724  1.000 132.075 ? 99  ARG AAA C   1 
ATOM 508  O O   . ARG A 1 100 ? -1.069  -3.973  12.737  1.000 139.892 ? 99  ARG AAA O   1 
ATOM 509  C CB  . ARG A 1 100 ? -3.917  -2.975  13.471  1.000 110.631 ? 99  ARG AAA CB  1 
ATOM 510  C CG  . ARG A 1 100 ? -3.983  -4.488  13.364  1.000 139.482 ? 99  ARG AAA CG  1 
ATOM 511  C CD  . ARG A 1 100 ? -4.504  -5.138  14.627  1.000 136.029 ? 99  ARG AAA CD  1 
ATOM 512  N NE  . ARG A 1 100 ? -3.395  -5.923  15.127  1.000 186.002 ? 99  ARG AAA NE  1 
ATOM 513  C CZ  . ARG A 1 100 ? -3.045  -7.114  14.653  1.000 211.764 ? 99  ARG AAA CZ  1 
ATOM 514  N NH1 . ARG A 1 100 ? -2.003  -7.742  15.167  1.000 254.348 ? 99  ARG AAA NH1 1 
ATOM 515  N NH2 . ARG A 1 100 ? -3.732  -7.677  13.674  1.000 184.525 ? 99  ARG AAA NH2 1 
ATOM 516  N N   . TYR A 1 101 ? -1.148  -1.916  11.817  1.000 129.631 ? 100 TYR AAA N   1 
ATOM 517  C CA  . TYR A 1 101 ? -0.190  -2.233  10.762  1.000 142.005 ? 100 TYR AAA CA  1 
ATOM 518  C C   . TYR A 1 101 ? 1.250   -1.982  11.215  1.000 136.512 ? 100 TYR AAA C   1 
ATOM 519  O O   . TYR A 1 101 ? 2.119   -2.830  11.028  1.000 140.886 ? 100 TYR AAA O   1 
ATOM 520  C CB  . TYR A 1 101 ? -0.528  -1.497  9.462   1.000 125.335 ? 100 TYR AAA CB  1 
ATOM 521  C CG  . TYR A 1 101 ? 0.462   -1.710  8.340   1.000 130.846 ? 100 TYR AAA CG  1 
ATOM 522  C CD1 . TYR A 1 101 ? 0.970   -2.972  8.060   1.000 118.816 ? 100 TYR AAA CD1 1 
ATOM 523  C CD2 . TYR A 1 101 ? 0.881   -0.657  7.542   1.000 135.109 ? 100 TYR AAA CD2 1 
ATOM 524  C CE1 . TYR A 1 101 ? 1.884   -3.176  7.040   1.000 108.529 ? 100 TYR AAA CE1 1 
ATOM 525  C CE2 . TYR A 1 101 ? 1.792   -0.844  6.512   1.000 136.095 ? 100 TYR AAA CE2 1 
ATOM 526  C CZ  . TYR A 1 101 ? 2.295   -2.109  6.260   1.000 142.437 ? 100 TYR AAA CZ  1 
ATOM 527  O OH  . TYR A 1 101 ? 3.189   -2.299  5.244   1.000 191.829 ? 100 TYR AAA OH  1 
ATOM 528  N N   . VAL A 1 102 ? 1.505   -0.791  11.757  1.000 133.360 ? 101 VAL AAA N   1 
ATOM 529  C CA  . VAL A 1 102 ? 2.743   -0.513  12.463  1.000 126.403 ? 101 VAL AAA CA  1 
ATOM 530  C C   . VAL A 1 102 ? 2.993   -1.655  13.455  1.000 116.400 ? 101 VAL AAA C   1 
ATOM 531  O O   . VAL A 1 102 ? 4.085   -2.203  13.539  1.000 159.513 ? 101 VAL AAA O   1 
ATOM 532  C CB  . VAL A 1 102 ? 2.647   0.876   13.125  1.000 130.229 ? 101 VAL AAA CB  1 
ATOM 533  C CG1 . VAL A 1 102 ? 3.483   0.986   14.387  1.000 138.463 ? 101 VAL AAA CG1 1 
ATOM 534  C CG2 . VAL A 1 102 ? 2.976   1.999   12.148  1.000 135.460 ? 101 VAL AAA CG2 1 
ATOM 535  N N   . GLU A 1 103 ? 1.941   -2.110  14.121  1.000 130.302 ? 102 GLU AAA N   1 
ATOM 536  C CA  . GLU A 1 103 ? 2.068   -3.145  15.132  1.000 145.304 ? 102 GLU AAA CA  1 
ATOM 537  C C   . GLU A 1 103 ? 2.355   -4.523  14.529  1.000 146.510 ? 102 GLU AAA C   1 
ATOM 538  O O   . GLU A 1 103 ? 2.883   -5.396  15.214  1.000 164.736 ? 102 GLU AAA O   1 
ATOM 539  C CB  . GLU A 1 103 ? 0.797   -3.081  15.973  1.000 136.349 ? 102 GLU AAA CB  1 
ATOM 540  C CG  . GLU A 1 103 ? 0.483   -4.318  16.774  1.000 132.486 ? 102 GLU AAA CG  1 
ATOM 541  C CD  . GLU A 1 103 ? -0.601  -4.034  17.797  1.000 181.964 ? 102 GLU AAA CD  1 
ATOM 542  O OE1 . GLU A 1 103 ? -1.251  -4.995  18.247  1.000 218.870 ? 102 GLU AAA OE1 1 
ATOM 543  O OE2 . GLU A 1 103 ? -0.794  -2.845  18.141  1.000 197.195 ? 102 GLU AAA OE2 1 
ATOM 544  N N   . ASN A 1 104 ? 1.993   -4.722  13.258  1.000 160.522 ? 103 ASN AAA N   1 
ATOM 545  C CA  . ASN A 1 104 ? 2.279   -5.976  12.580  1.000 178.665 ? 103 ASN AAA CA  1 
ATOM 546  C C   . ASN A 1 104 ? 3.704   -5.933  12.039  1.000 161.886 ? 103 ASN AAA C   1 
ATOM 547  O O   . ASN A 1 104 ? 4.363   -6.967  11.962  1.000 140.175 ? 103 ASN AAA O   1 
ATOM 548  C CB  . ASN A 1 104 ? 1.239   -6.296  11.503  1.000 189.424 ? 103 ASN AAA CB  1 
ATOM 549  C CG  . ASN A 1 104 ? -0.059  -6.802  12.094  1.000 202.019 ? 103 ASN AAA CG  1 
ATOM 550  O OD1 . ASN A 1 104 ? -0.210  -6.846  13.314  1.000 154.009 ? 103 ASN AAA OD1 1 
ATOM 551  N ND2 . ASN A 1 104 ? -0.995  -7.190  11.240  1.000 217.632 ? 103 ASN AAA ND2 1 
ATOM 552  N N   . ASN A 1 105 ? 4.149   -4.717  11.691  1.000 121.223 ? 104 ASN AAA N   1 
ATOM 553  C CA  . ASN A 1 105 ? 5.494   -4.415  11.223  1.000 144.459 ? 104 ASN AAA CA  1 
ATOM 554  C C   . ASN A 1 105 ? 6.535   -4.684  12.308  1.000 190.785 ? 104 ASN AAA C   1 
ATOM 555  O O   . ASN A 1 105 ? 7.601   -5.234  12.032  1.000 197.210 ? 104 ASN AAA O   1 
ATOM 556  C CB  . ASN A 1 105 ? 5.598   -2.954  10.791  1.000 103.036 ? 104 ASN AAA CB  1 
ATOM 557  C CG  . ASN A 1 105 ? 4.847   -2.697  9.507   1.000 135.277 ? 104 ASN AAA CG  1 
ATOM 558  O OD1 . ASN A 1 105 ? 4.229   -3.610  8.955   1.000 123.370 ? 104 ASN AAA OD1 1 
ATOM 559  N ND2 . ASN A 1 105 ? 4.911   -1.467  9.023   1.000 118.612 ? 104 ASN AAA ND2 1 
ATOM 560  N N   . LYS A 1 106 ? 6.229   -4.243  13.533  1.000 197.225 ? 105 LYS AAA N   1 
ATOM 561  C CA  . LYS A 1 106 ? 7.094   -4.470  14.680  1.000 162.339 ? 105 LYS AAA CA  1 
ATOM 562  C C   . LYS A 1 106 ? 7.202   -5.970  14.958  1.000 149.764 ? 105 LYS AAA C   1 
ATOM 563  O O   . LYS A 1 106 ? 8.294   -6.470  15.208  1.000 176.866 ? 105 LYS AAA O   1 
ATOM 564  C CB  . LYS A 1 106 ? 6.640   -3.625  15.878  1.000 129.687 ? 105 LYS AAA CB  1 
ATOM 565  C CG  . LYS A 1 106 ? 6.890   -2.130  15.716  1.000 117.355 ? 105 LYS AAA CG  1 
ATOM 566  C CD  . LYS A 1 106 ? 6.498   -1.256  16.900  1.000 126.824 ? 105 LYS AAA CD  1 
ATOM 567  C CE  . LYS A 1 106 ? 6.941   0.191   16.737  1.000 128.498 ? 105 LYS AAA CE  1 
ATOM 568  N NZ  . LYS A 1 106 ? 6.357   1.110   17.748  1.000 131.730 ? 105 LYS AAA NZ  1 
ATOM 569  N N   . ASN A 1 107 ? 6.076   -6.689  14.861  1.000 141.620 ? 106 ASN AAA N   1 
ATOM 570  C CA  . ASN A 1 107 ? 6.033   -8.113  15.159  1.000 152.507 ? 106 ASN AAA CA  1 
ATOM 571  C C   . ASN A 1 107 ? 6.920   -8.905  14.199  1.000 158.411 ? 106 ASN AAA C   1 
ATOM 572  O O   . ASN A 1 107 ? 7.421   -9.962  14.571  1.000 150.044 ? 106 ASN AAA O   1 
ATOM 573  C CB  . ASN A 1 107 ? 4.615   -8.686  15.090  1.000 200.455 ? 106 ASN AAA CB  1 
ATOM 574  C CG  . ASN A 1 107 ? 3.676   -8.121  16.134  1.000 231.439 ? 106 ASN AAA CG  1 
ATOM 575  O OD1 . ASN A 1 107 ? 4.096   -7.765  17.233  1.000 248.919 ? 106 ASN AAA OD1 1 
ATOM 576  N ND2 . ASN A 1 107 ? 2.400   -8.033  15.795  1.000 235.221 ? 106 ASN AAA ND2 1 
ATOM 577  N N   . ALA A 1 108 ? 7.070   -8.405  12.963  1.000 213.327 ? 107 ALA AAA N   1 
ATOM 578  C CA  . ALA A 1 108 ? 7.824   -9.086  11.918  1.000 200.367 ? 107 ALA AAA CA  1 
ATOM 579  C C   . ALA A 1 108 ? 9.089   -8.298  11.586  1.000 184.232 ? 107 ALA AAA C   1 
ATOM 580  O O   . ALA A 1 108 ? 9.699   -8.495  10.534  1.000 159.282 ? 107 ALA AAA O   1 
ATOM 581  C CB  . ALA A 1 108 ? 6.956   -9.313  10.702  1.000 179.241 ? 107 ALA AAA CB  1 
ATOM 582  N N   . ASP A 1 109 ? 9.457   -7.398  12.506  1.000 183.869 ? 108 ASP AAA N   1 
ATOM 583  C CA  . ASP A 1 109 ? 10.742  -6.721  12.496  1.000 200.820 ? 108 ASP AAA CA  1 
ATOM 584  C C   . ASP A 1 109 ? 10.869  -5.887  11.227  1.000 187.089 ? 108 ASP AAA C   1 
ATOM 585  O O   . ASP A 1 109 ? 11.972  -5.613  10.764  1.000 203.448 ? 108 ASP AAA O   1 
ATOM 586  C CB  . ASP A 1 109 ? 11.889  -7.729  12.621  1.000 200.675 ? 108 ASP AAA CB  1 
ATOM 587  C CG  . ASP A 1 109 ? 13.163  -7.144  13.207  1.000 229.744 ? 108 ASP AAA CG  1 
ATOM 588  O OD1 . ASP A 1 109 ? 13.055  -6.350  14.162  1.000 235.420 ? 108 ASP AAA OD1 1 
ATOM 589  O OD2 . ASP A 1 109 ? 14.254  -7.492  12.709  1.000 227.396 ? 108 ASP AAA OD2 1 
ATOM 590  N N   . ASN A 1 110 ? 9.723   -5.510  10.658  1.000 178.272 ? 109 ASN AAA N   1 
ATOM 591  C CA  . ASN A 1 110 ? 9.736   -4.781  9.405   1.000 193.673 ? 109 ASN AAA CA  1 
ATOM 592  C C   . ASN A 1 110 ? 9.173   -3.389  9.655   1.000 177.208 ? 109 ASN AAA C   1 
ATOM 593  O O   . ASN A 1 110 ? 8.475   -2.835  8.808   1.000 149.574 ? 109 ASN AAA O   1 
ATOM 594  C CB  . ASN A 1 110 ? 9.007   -5.519  8.279   1.000 157.172 ? 109 ASN AAA CB  1 
ATOM 595  C CG  . ASN A 1 110 ? 8.976   -4.702  7.004   1.000 192.169 ? 109 ASN AAA CG  1 
ATOM 596  O OD1 . ASN A 1 110 ? 10.013  -4.235  6.536   1.000 183.808 ? 109 ASN AAA OD1 1 
ATOM 597  N ND2 . ASN A 1 110 ? 7.790   -4.484  6.462   1.000 222.717 ? 109 ASN AAA ND2 1 
ATOM 598  N N   . ASP A 1 111 ? 9.470   -2.837  10.836  1.000 135.224 ? 110 ASP AAA N   1 
ATOM 599  C CA  . ASP A 1 111 ? 8.951   -1.522  11.155  1.000 151.446 ? 110 ASP AAA CA  1 
ATOM 600  C C   . ASP A 1 111 ? 9.662   -0.519  10.254  1.000 121.940 ? 110 ASP AAA C   1 
ATOM 601  O O   . ASP A 1 111 ? 10.796  -0.128  10.509  1.000 160.145 ? 110 ASP AAA O   1 
ATOM 602  C CB  . ASP A 1 111 ? 8.971   -1.205  12.656  1.000 173.183 ? 110 ASP AAA CB  1 
ATOM 603  C CG  . ASP A 1 111 ? 8.378   0.162   12.968  1.000 191.270 ? 110 ASP AAA CG  1 
ATOM 604  O OD1 . ASP A 1 111 ? 8.363   1.020   12.057  1.000 193.448 ? 110 ASP AAA OD1 1 
ATOM 605  O OD2 . ASP A 1 111 ? 7.933   0.364   14.113  1.000 153.095 ? 110 ASP AAA OD2 1 
ATOM 606  N N   . TRP A 1 112 ? 8.970   -0.122  9.186   1.000 148.018 ? 111 TRP AAA N   1 
ATOM 607  C CA  . TRP A 1 112 ? 9.631   0.518   8.069   1.000 120.554 ? 111 TRP AAA CA  1 
ATOM 608  C C   . TRP A 1 112 ? 9.112   1.938   7.852   1.000 127.983 ? 111 TRP AAA C   1 
ATOM 609  O O   . TRP A 1 112 ? 9.496   2.572   6.871   1.000 115.746 ? 111 TRP AAA O   1 
ATOM 610  C CB  . TRP A 1 112 ? 9.535   -0.363  6.807   1.000 138.729 ? 111 TRP AAA CB  1 
ATOM 611  C CG  . TRP A 1 112 ? 8.158   -0.530  6.232   1.000 156.985 ? 111 TRP AAA CG  1 
ATOM 612  C CD1 . TRP A 1 112 ? 7.264   -1.527  6.502   1.000 140.728 ? 111 TRP AAA CD1 1 
ATOM 613  C CD2 . TRP A 1 112 ? 7.522   0.328   5.263   1.000 132.388 ? 111 TRP AAA CD2 1 
ATOM 614  N NE1 . TRP A 1 112 ? 6.115   -1.345  5.777   1.000 138.633 ? 111 TRP AAA NE1 1 
ATOM 615  C CE2 . TRP A 1 112 ? 6.240   -0.211  5.015   1.000 100.216 ? 111 TRP AAA CE2 1 
ATOM 616  C CE3 . TRP A 1 112 ? 7.902   1.500   4.594   1.000 117.406 ? 111 TRP AAA CE3 1 
ATOM 617  C CZ2 . TRP A 1 112 ? 5.348   0.383   4.119   1.000 135.699 ? 111 TRP AAA CZ2 1 
ATOM 618  C CZ3 . TRP A 1 112 ? 7.018   2.085   3.712   1.000 114.757 ? 111 TRP AAA CZ3 1 
ATOM 619  C CH2 . TRP A 1 112 ? 5.758   1.534   3.479   1.000 104.422 ? 111 TRP AAA CH2 1 
ATOM 620  N N   . PHE A 1 113 ? 8.256   2.444   8.757   1.000 142.961 ? 112 PHE AAA N   1 
ATOM 621  C CA  . PHE A 1 113 ? 7.721   3.786   8.560   1.000 123.431 ? 112 PHE AAA CA  1 
ATOM 622  C C   . PHE A 1 113 ? 7.172   4.395   9.850   1.000 146.595 ? 112 PHE AAA C   1 
ATOM 623  O O   . PHE A 1 113 ? 6.950   3.694   10.843  1.000 115.675 ? 112 PHE AAA O   1 
ATOM 624  C CB  . PHE A 1 113 ? 6.655   3.800   7.462   1.000 132.286 ? 112 PHE AAA CB  1 
ATOM 625  C CG  . PHE A 1 113 ? 5.312   3.294   7.921   1.000 159.868 ? 112 PHE AAA CG  1 
ATOM 626  C CD1 . PHE A 1 113 ? 5.117   1.948   8.190   1.000 147.799 ? 112 PHE AAA CD1 1 
ATOM 627  C CD2 . PHE A 1 113 ? 4.257   4.170   8.119   1.000 164.752 ? 112 PHE AAA CD2 1 
ATOM 628  C CE1 . PHE A 1 113 ? 3.888   1.487   8.632   1.000 176.232 ? 112 PHE AAA CE1 1 
ATOM 629  C CE2 . PHE A 1 113 ? 3.032   3.709   8.573   1.000 143.744 ? 112 PHE AAA CE2 1 
ATOM 630  C CZ  . PHE A 1 113 ? 2.847   2.369   8.820   1.000 162.832 ? 112 PHE AAA CZ  1 
ATOM 631  N N   . ARG A 1 114 ? 6.944   5.719   9.779   1.000 117.537 ? 113 ARG AAA N   1 
ATOM 632  C CA  . ARG A 1 114 ? 6.448   6.553   10.864  1.000 147.440 ? 113 ARG AAA CA  1 
ATOM 633  C C   . ARG A 1 114 ? 5.612   7.678   10.272  1.000 172.637 ? 113 ARG AAA C   1 
ATOM 634  O O   . ARG A 1 114 ? 6.028   8.333   9.314   1.000 140.953 ? 113 ARG AAA O   1 
ATOM 635  C CB  . ARG A 1 114 ? 7.600   7.267   11.577  1.000 159.307 ? 113 ARG AAA CB  1 
ATOM 636  C CG  . ARG A 1 114 ? 8.436   6.396   12.499  1.000 138.982 ? 113 ARG AAA CG  1 
ATOM 637  C CD  . ARG A 1 114 ? 7.701   5.803   13.681  1.000 237.330 ? 113 ARG AAA CD  1 
ATOM 638  N NE  . ARG A 1 114 ? 8.571   4.827   14.318  1.000 253.729 ? 113 ARG AAA NE  1 
ATOM 639  C CZ  . ARG A 1 114 ? 8.617   3.542   13.991  1.000 247.538 ? 113 ARG AAA CZ  1 
ATOM 640  N NH1 . ARG A 1 114 ? 7.823   3.074   13.043  1.000 218.619 ? 113 ARG AAA NH1 1 
ATOM 641  N NH2 . ARG A 1 114 ? 9.451   2.730   14.613  1.000 251.497 ? 113 ARG AAA NH2 1 
ATOM 642  N N   . LEU A 1 115 ? 4.453   7.933   10.881  1.000 140.674 ? 114 LEU AAA N   1 
ATOM 643  C CA  . LEU A 1 115 ? 3.527   8.844   10.239  1.000 125.170 ? 114 LEU AAA CA  1 
ATOM 644  C C   . LEU A 1 115 ? 2.755   9.647   11.272  1.000 126.308 ? 114 LEU AAA C   1 
ATOM 645  O O   . LEU A 1 115 ? 2.520   9.190   12.392  1.000 96.499  ? 114 LEU AAA O   1 
ATOM 646  C CB  . LEU A 1 115 ? 2.542   8.010   9.418   1.000 159.322 ? 114 LEU AAA CB  1 
ATOM 647  C CG  . LEU A 1 115 ? 2.781   7.977   7.914   1.000 113.666 ? 114 LEU AAA CG  1 
ATOM 648  C CD1 . LEU A 1 115 ? 1.689   7.161   7.248   1.000 139.150 ? 114 LEU AAA CD1 1 
ATOM 649  C CD2 . LEU A 1 115 ? 2.791   9.386   7.344   1.000 141.478 ? 114 LEU AAA CD2 1 
ATOM 650  N N   . GLU A 1 116 ? 2.327   10.834  10.836  1.000 94.830  ? 115 GLU AAA N   1 
ATOM 651  C CA  . GLU A 1 116 ? 1.276   11.525  11.543  1.000 109.649 ? 115 GLU AAA CA  1 
ATOM 652  C C   . GLU A 1 116 ? 0.732   12.661  10.687  1.000 136.780 ? 115 GLU AAA C   1 
ATOM 653  O O   . GLU A 1 116 ? 1.170   12.886  9.556   1.000 108.548 ? 115 GLU AAA O   1 
ATOM 654  C CB  . GLU A 1 116 ? 1.715   11.907  12.955  1.000 124.681 ? 115 GLU AAA CB  1 
ATOM 655  C CG  . GLU A 1 116 ? 0.558   11.817  13.935  1.000 199.646 ? 115 GLU AAA CG  1 
ATOM 656  C CD  . GLU A 1 116 ? 0.779   10.990  15.191  1.000 249.297 ? 115 GLU AAA CD  1 
ATOM 657  O OE1 . GLU A 1 116 ? 1.947   10.727  15.542  1.000 285.126 ? 115 GLU AAA OE1 1 
ATOM 658  O OE2 . GLU A 1 116 ? -0.227  10.614  15.819  1.000 232.485 ? 115 GLU AAA OE2 1 
ATOM 659  N N   . SER A 1 117 ? -0.279  13.326  11.245  1.000 106.453 ? 116 SER AAA N   1 
ATOM 660  C CA  . SER A 1 117 ? -1.083  14.256  10.486  1.000 105.357 ? 116 SER AAA CA  1 
ATOM 661  C C   . SER A 1 117 ? -1.378  15.456  11.368  1.000 125.695 ? 116 SER AAA C   1 
ATOM 662  O O   . SER A 1 117 ? -1.184  15.407  12.583  1.000 111.140 ? 116 SER AAA O   1 
ATOM 663  C CB  . SER A 1 117 ? -2.371  13.598  10.072  1.000 128.863 ? 116 SER AAA CB  1 
ATOM 664  O OG  . SER A 1 117 ? -3.081  13.124  11.208  1.000 150.407 ? 116 SER AAA OG  1 
ATOM 665  N N   . ASN A 1 118 ? -1.868  16.517  10.726  1.000 99.026  ? 117 ASN AAA N   1 
ATOM 666  C CA  . ASN A 1 118 ? -2.475  17.630  11.426  1.000 104.919 ? 117 ASN AAA CA  1 
ATOM 667  C C   . ASN A 1 118 ? -3.722  17.155  12.159  1.000 134.259 ? 117 ASN AAA C   1 
ATOM 668  O O   . ASN A 1 118 ? -4.116  15.995  12.059  1.000 160.776 ? 117 ASN AAA O   1 
ATOM 669  C CB  . ASN A 1 118 ? -2.971  18.694  10.448  1.000 103.528 ? 117 ASN AAA CB  1 
ATOM 670  C CG  . ASN A 1 118 ? -3.811  18.111  9.336   1.000 123.428 ? 117 ASN AAA CG  1 
ATOM 671  O OD1 . ASN A 1 118 ? -3.964  16.893  9.243   1.000 140.919 ? 117 ASN AAA OD1 1 
ATOM 672  N ND2 . ASN A 1 118 ? -4.324  18.970  8.471   1.000 100.667 ? 117 ASN AAA ND2 1 
ATOM 673  N N   . LYS A 1 119 ? -4.360  18.106  12.849  1.000 153.284 ? 118 LYS AAA N   1 
ATOM 674  C CA  . LYS A 1 119 ? -5.559  17.848  13.626  1.000 132.516 ? 118 LYS AAA CA  1 
ATOM 675  C C   . LYS A 1 119 ? -6.649  17.213  12.766  1.000 120.134 ? 118 LYS AAA C   1 
ATOM 676  O O   . LYS A 1 119 ? -7.081  16.109  13.075  1.000 123.086 ? 118 LYS AAA O   1 
ATOM 677  C CB  . LYS A 1 119 ? -6.003  19.092  14.408  1.000 125.433 ? 118 LYS AAA CB  1 
ATOM 678  C CG  . LYS A 1 119 ? -5.474  19.175  15.837  1.000 121.686 ? 118 LYS AAA CG  1 
ATOM 679  C CD  . LYS A 1 119 ? -5.317  17.812  16.501  1.000 190.633 ? 118 LYS AAA CD  1 
ATOM 680  C CE  . LYS A 1 119 ? -5.426  17.831  18.012  1.000 191.332 ? 118 LYS AAA CE  1 
ATOM 681  N NZ  . LYS A 1 119 ? -5.629  16.470  18.565  1.000 181.784 ? 118 LYS AAA NZ  1 
ATOM 682  N N   . GLU A 1 120 ? -7.041  17.886  11.672  1.000 111.612 ? 119 GLU AAA N   1 
ATOM 683  C CA  . GLU A 1 120 ? -8.146  17.491  10.804  1.000 122.144 ? 119 GLU AAA CA  1 
ATOM 684  C C   . GLU A 1 120 ? -7.860  16.206  10.021  1.000 112.780 ? 119 GLU AAA C   1 
ATOM 685  O O   . GLU A 1 120 ? -8.637  15.861  9.138   1.000 129.780 ? 119 GLU AAA O   1 
ATOM 686  C CB  . GLU A 1 120 ? -8.463  18.601  9.797   1.000 125.648 ? 119 GLU AAA CB  1 
ATOM 687  C CG  . GLU A 1 120 ? -8.707  19.963  10.427  1.000 145.329 ? 119 GLU AAA CG  1 
ATOM 688  C CD  . GLU A 1 120 ? -7.554  20.546  11.234  1.000 222.775 ? 119 GLU AAA CD  1 
ATOM 689  O OE1 . GLU A 1 120 ? -6.399  20.083  11.075  1.000 212.119 ? 119 GLU AAA OE1 1 
ATOM 690  O OE2 . GLU A 1 120 ? -7.815  21.464  12.030  1.000 258.710 ? 119 GLU AAA OE2 1 
ATOM 691  N N   . GLY A 1 121 ? -6.759  15.508  10.341  1.000 113.052 ? 120 GLY AAA N   1 
ATOM 692  C CA  . GLY A 1 121 ? -6.271  14.324  9.642   1.000 86.752  ? 120 GLY AAA CA  1 
ATOM 693  C C   . GLY A 1 121 ? -6.107  14.476  8.119   1.000 118.314 ? 120 GLY AAA C   1 
ATOM 694  O O   . GLY A 1 121 ? -5.810  13.490  7.443   1.000 108.037 ? 120 GLY AAA O   1 
ATOM 695  N N   . THR A 1 122 ? -6.267  15.699  7.584   1.000 89.936  ? 121 THR AAA N   1 
ATOM 696  C CA  . THR A 1 122 ? -6.281  15.951  6.148   1.000 105.794 ? 121 THR AAA CA  1 
ATOM 697  C C   . THR A 1 122 ? -4.899  16.202  5.540   1.000 117.788 ? 121 THR AAA C   1 
ATOM 698  O O   . THR A 1 122 ? -4.833  16.674  4.402   1.000 114.423 ? 121 THR AAA O   1 
ATOM 699  C CB  . THR A 1 122 ? -6.939  17.297  5.839   1.000 92.603  ? 121 THR AAA CB  1 
ATOM 700  O OG1 . THR A 1 122 ? -6.199  18.205  6.654   1.000 131.773 ? 121 THR AAA OG1 1 
ATOM 701  C CG2 . THR A 1 122 ? -8.405  17.354  6.207   1.000 99.320  ? 121 THR AAA CG2 1 
ATOM 702  N N   . ARG A 1 123 ? -3.816  15.939  6.286   1.000 108.803 ? 122 ARG AAA N   1 
ATOM 703  C CA  . ARG A 1 123 ? -2.467  16.278  5.833   1.000 117.390 ? 122 ARG AAA CA  1 
ATOM 704  C C   . ARG A 1 123 ? -1.427  15.524  6.661   1.000 118.426 ? 122 ARG AAA C   1 
ATOM 705  O O   . ARG A 1 123 ? -1.430  15.529  7.893   1.000 116.945 ? 122 ARG AAA O   1 
ATOM 706  C CB  . ARG A 1 123 ? -2.223  17.796  5.770   1.000 111.190 ? 122 ARG AAA CB  1 
ATOM 707  C CG  . ARG A 1 123 ? -2.486  18.451  4.413   1.000 156.388 ? 122 ARG AAA CG  1 
ATOM 708  C CD  . ARG A 1 123 ? -2.449  19.976  4.315   1.000 153.099 ? 122 ARG AAA CD  1 
ATOM 709  N NE  . ARG A 1 123 ? -1.117  20.489  3.988   1.000 190.713 ? 122 ARG AAA NE  1 
ATOM 710  C CZ  . ARG A 1 123 ? -0.848  21.628  3.342   1.000 188.289 ? 122 ARG AAA CZ  1 
ATOM 711  N NH1 . ARG A 1 123 ? 0.408   21.969  3.101   1.000 196.019 ? 122 ARG AAA NH1 1 
ATOM 712  N NH2 . ARG A 1 123 ? -1.826  22.419  2.938   1.000 188.083 ? 122 ARG AAA NH2 1 
ATOM 713  N N   . TRP A 1 124 ? -0.537  14.847  5.945   1.000 99.579  ? 123 TRP AAA N   1 
ATOM 714  C CA  . TRP A 1 124 ? 0.172   13.734  6.542   1.000 125.488 ? 123 TRP AAA CA  1 
ATOM 715  C C   . TRP A 1 124 ? 1.669   13.905  6.275   1.000 157.302 ? 123 TRP AAA C   1 
ATOM 716  O O   . TRP A 1 124 ? 2.069   14.689  5.403   1.000 113.501 ? 123 TRP AAA O   1 
ATOM 717  C CB  . TRP A 1 124 ? -0.429  12.408  6.032   1.000 111.109 ? 123 TRP AAA CB  1 
ATOM 718  C CG  . TRP A 1 124 ? -1.791  12.103  6.592   1.000 116.260 ? 123 TRP AAA CG  1 
ATOM 719  C CD1 . TRP A 1 124 ? -2.998  12.611  6.191   1.000 137.035 ? 123 TRP AAA CD1 1 
ATOM 720  C CD2 . TRP A 1 124 ? -2.088  11.219  7.690   1.000 93.528  ? 123 TRP AAA CD2 1 
ATOM 721  N NE1 . TRP A 1 124 ? -4.019  12.103  6.954   1.000 89.959  ? 123 TRP AAA NE1 1 
ATOM 722  C CE2 . TRP A 1 124 ? -3.486  11.256  7.893   1.000 89.587  ? 123 TRP AAA CE2 1 
ATOM 723  C CE3 . TRP A 1 124 ? -1.313  10.410  8.529   1.000 104.262 ? 123 TRP AAA CE3 1 
ATOM 724  C CZ2 . TRP A 1 124 ? -4.110  10.522  8.903   1.000 95.901  ? 123 TRP AAA CZ2 1 
ATOM 725  C CZ3 . TRP A 1 124 ? -1.932  9.679   9.521   1.000 114.335 ? 123 TRP AAA CZ3 1 
ATOM 726  C CH2 . TRP A 1 124 ? -3.315  9.728   9.700   1.000 92.363  ? 123 TRP AAA CH2 1 
ATOM 727  N N   . PHE A 1 125 ? 2.482   13.205  7.083   1.000 111.335 ? 124 PHE AAA N   1 
ATOM 728  C CA  . PHE A 1 125 ? 3.928   13.369  7.082   1.000 103.263 ? 124 PHE AAA CA  1 
ATOM 729  C C   . PHE A 1 125 ? 4.582   12.247  7.893   1.000 120.101 ? 124 PHE AAA C   1 
ATOM 730  O O   . PHE A 1 125 ? 4.030   11.758  8.882   1.000 126.051 ? 124 PHE AAA O   1 
ATOM 731  C CB  . PHE A 1 125 ? 4.311   14.790  7.507   1.000 104.551 ? 124 PHE AAA CB  1 
ATOM 732  C CG  . PHE A 1 125 ? 3.865   15.179  8.894   1.000 160.286 ? 124 PHE AAA CG  1 
ATOM 733  C CD1 . PHE A 1 125 ? 4.380   14.525  10.009  1.000 180.504 ? 124 PHE AAA CD1 1 
ATOM 734  C CD2 . PHE A 1 125 ? 2.938   16.196  9.091   1.000 115.089 ? 124 PHE AAA CD2 1 
ATOM 735  C CE1 . PHE A 1 125 ? 3.973   14.862  11.293  1.000 146.408 ? 124 PHE AAA CE1 1 
ATOM 736  C CE2 . PHE A 1 125 ? 2.533   16.532  10.378  1.000 146.261 ? 124 PHE AAA CE2 1 
ATOM 737  C CZ  . PHE A 1 125 ? 3.052   15.870  11.475  1.000 132.154 ? 124 PHE AAA CZ  1 
ATOM 738  N N   . GLY A 1 126 ? 5.757   11.813  7.427   1.000 138.184 ? 125 GLY AAA N   1 
ATOM 739  C CA  . GLY A 1 126 ? 6.384   10.608  7.942   1.000 136.069 ? 125 GLY AAA CA  1 
ATOM 740  C C   . GLY A 1 126 ? 7.704   10.268  7.245   1.000 169.386 ? 125 GLY AAA C   1 
ATOM 741  O O   . GLY A 1 126 ? 8.159   10.974  6.336   1.000 116.039 ? 125 GLY AAA O   1 
ATOM 742  N N   . LYS A 1 127 ? 8.288   9.146   7.694   1.000 130.944 ? 126 LYS AAA N   1 
ATOM 743  C CA  . LYS A 1 127 ? 9.589   8.653   7.275   1.000 175.119 ? 126 LYS AAA CA  1 
ATOM 744  C C   . LYS A 1 127 ? 9.471   7.171   6.939   1.000 196.221 ? 126 LYS AAA C   1 
ATOM 745  O O   . LYS A 1 127 ? 8.713   6.452   7.588   1.000 182.564 ? 126 LYS AAA O   1 
ATOM 746  C CB  . LYS A 1 127 ? 10.588  8.756   8.434   1.000 190.314 ? 126 LYS AAA CB  1 
ATOM 747  C CG  . LYS A 1 127 ? 11.509  9.967   8.431   1.000 176.902 ? 126 LYS AAA CG  1 
ATOM 748  C CD  . LYS A 1 127 ? 12.088  10.250  9.799   1.000 170.036 ? 126 LYS AAA CD  1 
ATOM 749  C CE  . LYS A 1 127 ? 12.880  11.540  9.858   1.000 214.770 ? 126 LYS AAA CE  1 
ATOM 750  N NZ  . LYS A 1 127 ? 12.163  12.671  9.223   1.000 185.339 ? 126 LYS AAA NZ  1 
ATOM 751  N N   . CYS A 1 128 ? 10.254  6.727   5.941   1.000 201.749 ? 127 CYS AAA N   1 
ATOM 752  C CA  . CYS A 1 128 ? 10.366  5.317   5.587   1.000 154.876 ? 127 CYS AAA CA  1 
ATOM 753  C C   . CYS A 1 128 ? 11.830  4.870   5.549   1.000 174.559 ? 127 CYS AAA C   1 
ATOM 754  O O   . CYS A 1 128 ? 12.706  5.603   5.085   1.000 164.386 ? 127 CYS AAA O   1 
ATOM 755  C CB  . CYS A 1 128 ? 9.669   4.999   4.268   1.000 140.876 ? 127 CYS AAA CB  1 
ATOM 756  S SG  . CYS A 1 128 ? 9.902   6.268   2.994   1.000 147.978 ? 127 CYS AAA SG  1 
ATOM 757  N N   . TRP A 1 129 ? 12.061  3.639   6.034   1.000 177.764 ? 128 TRP AAA N   1 
ATOM 758  C CA  . TRP A 1 129 ? 13.382  3.059   6.227   1.000 157.697 ? 128 TRP AAA CA  1 
ATOM 759  C C   . TRP A 1 129 ? 13.570  1.804   5.380   1.000 195.693 ? 128 TRP AAA C   1 
ATOM 760  O O   . TRP A 1 129 ? 13.165  0.709   5.777   1.000 149.571 ? 128 TRP AAA O   1 
ATOM 761  C CB  . TRP A 1 129 ? 13.640  2.750   7.705   1.000 142.191 ? 128 TRP AAA CB  1 
ATOM 762  C CG  . TRP A 1 129 ? 13.696  3.983   8.545   1.000 205.826 ? 128 TRP AAA CG  1 
ATOM 763  C CD1 . TRP A 1 129 ? 14.701  4.905   8.601   1.000 226.414 ? 128 TRP AAA CD1 1 
ATOM 764  C CD2 . TRP A 1 129 ? 12.672  4.444   9.438   1.000 236.384 ? 128 TRP AAA CD2 1 
ATOM 765  N NE1 . TRP A 1 129 ? 14.377  5.905   9.478   1.000 261.391 ? 128 TRP AAA NE1 1 
ATOM 766  C CE2 . TRP A 1 129 ? 13.138  5.651   10.006  1.000 273.970 ? 128 TRP AAA CE2 1 
ATOM 767  C CE3 . TRP A 1 129 ? 11.417  3.951   9.812   1.000 205.316 ? 128 TRP AAA CE3 1 
ATOM 768  C CZ2 . TRP A 1 129 ? 12.386  6.371   10.933  1.000 254.418 ? 128 TRP AAA CZ2 1 
ATOM 769  C CZ3 . TRP A 1 129 ? 10.677  4.664   10.728  1.000 235.015 ? 128 TRP AAA CZ3 1 
ATOM 770  C CH2 . TRP A 1 129 ? 11.158  5.854   11.278  1.000 245.403 ? 128 TRP AAA CH2 1 
ATOM 771  N N   . TYR A 1 130 ? 14.243  1.985   4.238   1.000 219.577 ? 129 TYR AAA N   1 
ATOM 772  C CA  . TYR A 1 130 ? 14.656  0.875   3.401   1.000 205.078 ? 129 TYR AAA CA  1 
ATOM 773  C C   . TYR A 1 130 ? 16.022  0.357   3.842   1.000 202.302 ? 129 TYR AAA C   1 
ATOM 774  O O   . TYR A 1 130 ? 16.955  1.130   4.067   1.000 161.278 ? 129 TYR AAA O   1 
ATOM 775  C CB  . TYR A 1 130 ? 14.681  1.272   1.925   1.000 184.583 ? 129 TYR AAA CB  1 
ATOM 776  C CG  . TYR A 1 130 ? 14.665  0.080   1.006   1.000 239.586 ? 129 TYR AAA CG  1 
ATOM 777  C CD1 . TYR A 1 130 ? 13.500  -0.643  0.800   1.000 253.860 ? 129 TYR AAA CD1 1 
ATOM 778  C CD2 . TYR A 1 130 ? 15.820  -0.351  0.376   1.000 226.724 ? 129 TYR AAA CD2 1 
ATOM 779  C CE1 . TYR A 1 130 ? 13.475  -1.752  -0.029  1.000 227.345 ? 129 TYR AAA CE1 1 
ATOM 780  C CE2 . TYR A 1 130 ? 15.812  -1.453  -0.463  1.000 236.270 ? 129 TYR AAA CE2 1 
ATOM 781  C CZ  . TYR A 1 130 ? 14.637  -2.158  -0.663  1.000 249.375 ? 129 TYR AAA CZ  1 
ATOM 782  O OH  . TYR A 1 130 ? 14.621  -3.246  -1.483  1.000 261.245 ? 129 TYR AAA OH  1 
ATOM 783  N N   . ILE A 1 131 ? 16.109  -0.969  3.973   1.000 222.039 ? 130 ILE AAA N   1 
ATOM 784  C CA  . ILE A 1 131 ? 17.376  -1.644  4.187   1.000 258.904 ? 130 ILE AAA CA  1 
ATOM 785  C C   . ILE A 1 131 ? 17.775  -2.305  2.869   1.000 297.670 ? 130 ILE AAA C   1 
ATOM 786  O O   . ILE A 1 131 ? 16.948  -2.935  2.209   1.000 270.377 ? 130 ILE AAA O   1 
ATOM 787  C CB  . ILE A 1 131 ? 17.304  -2.607  5.397   1.000 219.181 ? 130 ILE AAA CB  1 
ATOM 788  C CG1 . ILE A 1 131 ? 17.475  -1.847  6.718   1.000 180.683 ? 130 ILE AAA CG1 1 
ATOM 789  C CG2 . ILE A 1 131 ? 18.306  -3.751  5.275   1.000 167.251 ? 130 ILE AAA CG2 1 
ATOM 790  C CD1 . ILE A 1 131 ? 17.513  -2.725  7.955   1.000 163.830 ? 130 ILE AAA CD1 1 
ATOM 791  N N   . HIS A 1 132 ? 19.042  -2.094  2.481   1.000 328.862 ? 131 HIS AAA N   1 
ATOM 792  C CA  . HIS A 1 132 ? 19.608  -2.559  1.225   1.000 325.096 ? 131 HIS AAA CA  1 
ATOM 793  C C   . HIS A 1 132 ? 21.132  -2.471  1.300   1.000 293.522 ? 131 HIS AAA C   1 
ATOM 794  O O   . HIS A 1 132 ? 21.686  -1.373  1.290   1.000 286.542 ? 131 HIS AAA O   1 
ATOM 795  C CB  . HIS A 1 132 ? 19.054  -1.726  0.059   1.000 317.721 ? 131 HIS AAA CB  1 
ATOM 796  C CG  . HIS A 1 132 ? 19.566  -2.113  -1.288  1.000 297.360 ? 131 HIS AAA CG  1 
ATOM 797  N ND1 . HIS A 1 132 ? 20.784  -1.673  -1.769  1.000 296.590 ? 131 HIS AAA ND1 1 
ATOM 798  C CD2 . HIS A 1 132 ? 19.021  -2.865  -2.270  1.000 283.240 ? 131 HIS AAA CD2 1 
ATOM 799  C CE1 . HIS A 1 132 ? 20.974  -2.148  -2.983  1.000 295.040 ? 131 HIS AAA CE1 1 
ATOM 800  N NE2 . HIS A 1 132 ? 19.906  -2.885  -3.312  1.000 289.470 ? 131 HIS AAA NE2 1 
ATOM 801  N N   . ASP A 1 133 ? 21.788  -3.639  1.356   1.000 265.876 ? 132 ASP AAA N   1 
ATOM 802  C CA  . ASP A 1 133 ? 23.227  -3.777  1.545   1.000 268.935 ? 132 ASP AAA CA  1 
ATOM 803  C C   . ASP A 1 133 ? 23.567  -3.715  3.033   1.000 267.897 ? 132 ASP AAA C   1 
ATOM 804  O O   . ASP A 1 133 ? 24.688  -3.356  3.392   1.000 272.881 ? 132 ASP AAA O   1 
ATOM 805  C CB  . ASP A 1 133 ? 24.039  -2.706  0.803   1.000 251.884 ? 132 ASP AAA CB  1 
ATOM 806  C CG  . ASP A 1 133 ? 23.749  -2.565  -0.681  1.000 258.386 ? 132 ASP AAA CG  1 
ATOM 807  O OD1 . ASP A 1 133 ? 23.499  -3.596  -1.336  1.000 278.051 ? 132 ASP AAA OD1 1 
ATOM 808  O OD2 . ASP A 1 133 ? 23.781  -1.417  -1.171  1.000 267.594 ? 132 ASP AAA OD2 1 
ATOM 809  N N   . LEU A 1 134 ? 22.597  -4.076  3.887   1.000 246.721 ? 133 LEU AAA N   1 
ATOM 810  C CA  . LEU A 1 134 ? 22.652  -3.857  5.327   1.000 225.343 ? 133 LEU AAA CA  1 
ATOM 811  C C   . LEU A 1 134 ? 22.865  -2.368  5.620   1.000 215.285 ? 133 LEU AAA C   1 
ATOM 812  O O   . LEU A 1 134 ? 23.255  -1.994  6.725   1.000 207.297 ? 133 LEU AAA O   1 
ATOM 813  C CB  . LEU A 1 134 ? 23.730  -4.745  5.969   1.000 212.509 ? 133 LEU AAA CB  1 
ATOM 814  C CG  . LEU A 1 134 ? 23.575  -6.260  5.798   1.000 170.938 ? 133 LEU AAA CG  1 
ATOM 815  C CD1 . LEU A 1 134 ? 24.828  -6.991  6.253   1.000 162.062 ? 133 LEU AAA CD1 1 
ATOM 816  C CD2 . LEU A 1 134 ? 22.357  -6.787  6.547   1.000 147.715 ? 133 LEU AAA CD2 1 
ATOM 817  N N   . LEU A 1 135 ? 22.594  -1.528  4.610   1.000 227.856 ? 134 LEU AAA N   1 
ATOM 818  C CA  . LEU A 1 135 ? 22.614  -0.077  4.730   1.000 241.376 ? 134 LEU AAA CA  1 
ATOM 819  C C   . LEU A 1 135 ? 21.187  0.418   4.947   1.000 263.749 ? 134 LEU AAA C   1 
ATOM 820  O O   . LEU A 1 135 ? 20.262  -0.033  4.275   1.000 298.130 ? 134 LEU AAA O   1 
ATOM 821  C CB  . LEU A 1 135 ? 23.191  0.526   3.444   1.000 241.639 ? 134 LEU AAA CB  1 
ATOM 822  C CG  . LEU A 1 135 ? 24.707  0.443   3.267   1.000 257.630 ? 134 LEU AAA CG  1 
ATOM 823  C CD1 . LEU A 1 135 ? 25.098  0.685   1.818   1.000 262.590 ? 134 LEU AAA CD1 1 
ATOM 824  C CD2 . LEU A 1 135 ? 25.414  1.436   4.178   1.000 246.676 ? 134 LEU AAA CD2 1 
ATOM 825  N N   . LYS A 1 136 ? 21.028  1.357   5.885   1.000 249.390 ? 135 LYS AAA N   1 
ATOM 826  C CA  . LYS A 1 136 ? 19.742  1.973   6.167   1.000 237.857 ? 135 LYS AAA CA  1 
ATOM 827  C C   . LYS A 1 136 ? 19.547  3.157   5.224   1.000 230.840 ? 135 LYS AAA C   1 
ATOM 828  O O   . LYS A 1 136 ? 20.513  3.841   4.889   1.000 255.917 ? 135 LYS AAA O   1 
ATOM 829  C CB  . LYS A 1 136 ? 19.718  2.450   7.623   1.000 227.212 ? 135 LYS AAA CB  1 
ATOM 830  C CG  . LYS A 1 136 ? 20.607  3.652   7.921   1.000 158.034 ? 135 LYS AAA CG  1 
ATOM 831  C CD  . LYS A 1 136 ? 21.177  3.662   9.318   1.000 192.541 ? 135 LYS AAA CD  1 
ATOM 832  C CE  . LYS A 1 136 ? 22.437  2.835   9.445   1.000 197.351 ? 135 LYS AAA CE  1 
ATOM 833  N NZ  . LYS A 1 136 ? 22.850  2.684   10.860  1.000 183.923 ? 135 LYS AAA NZ  1 
ATOM 834  N N   . TYR A 1 137 ? 18.301  3.396   4.797   1.000 234.305 ? 136 TYR AAA N   1 
ATOM 835  C CA  . TYR A 1 137 ? 18.014  4.522   3.920   1.000 249.370 ? 136 TYR AAA CA  1 
ATOM 836  C C   . TYR A 1 137 ? 16.685  5.178   4.298   1.000 239.963 ? 136 TYR AAA C   1 
ATOM 837  O O   . TYR A 1 137 ? 15.614  4.630   4.042   1.000 250.290 ? 136 TYR AAA O   1 
ATOM 838  C CB  . TYR A 1 137 ? 18.019  4.095   2.450   1.000 276.655 ? 136 TYR AAA CB  1 
ATOM 839  C CG  . TYR A 1 137 ? 19.327  3.575   1.906   1.000 287.960 ? 136 TYR AAA CG  1 
ATOM 840  C CD1 . TYR A 1 137 ? 19.620  2.221   1.936   1.000 274.855 ? 136 TYR AAA CD1 1 
ATOM 841  C CD2 . TYR A 1 137 ? 20.261  4.426   1.332   1.000 294.382 ? 136 TYR AAA CD2 1 
ATOM 842  C CE1 . TYR A 1 137 ? 20.812  1.726   1.431   1.000 259.031 ? 136 TYR AAA CE1 1 
ATOM 843  C CE2 . TYR A 1 137 ? 21.457  3.947   0.820   1.000 297.917 ? 136 TYR AAA CE2 1 
ATOM 844  C CZ  . TYR A 1 137 ? 21.738  2.593   0.873   1.000 271.417 ? 136 TYR AAA CZ  1 
ATOM 845  O OH  . TYR A 1 137 ? 22.908  2.113   0.363   1.000 244.396 ? 136 TYR AAA OH  1 
ATOM 846  N N   . GLU A 1 138 ? 16.776  6.375   4.884   1.000 190.715 ? 137 GLU AAA N   1 
ATOM 847  C CA  . GLU A 1 138 ? 15.611  7.136   5.305   1.000 170.876 ? 137 GLU AAA CA  1 
ATOM 848  C C   . GLU A 1 138 ? 15.131  8.017   4.155   1.000 181.951 ? 137 GLU AAA C   1 
ATOM 849  O O   . GLU A 1 138 ? 15.927  8.420   3.312   1.000 176.551 ? 137 GLU AAA O   1 
ATOM 850  C CB  . GLU A 1 138 ? 15.977  7.989   6.518   1.000 155.254 ? 137 GLU AAA CB  1 
ATOM 851  C CG  . GLU A 1 138 ? 14.771  8.483   7.293   1.000 208.364 ? 137 GLU AAA CG  1 
ATOM 852  C CD  . GLU A 1 138 ? 15.110  9.447   8.413   1.000 183.925 ? 137 GLU AAA CD  1 
ATOM 853  O OE1 . GLU A 1 138 ? 15.125  9.012   9.584   1.000 212.218 ? 137 GLU AAA OE1 1 
ATOM 854  O OE2 . GLU A 1 138 ? 15.342  10.633  8.112   1.000 140.920 ? 137 GLU AAA OE2 1 
ATOM 855  N N   . PHE A 1 139 ? 13.820  8.305   4.124   1.000 205.720 ? 138 PHE AAA N   1 
ATOM 856  C CA  . PHE A 1 139 ? 13.260  9.217   3.136   1.000 210.755 ? 138 PHE AAA CA  1 
ATOM 857  C C   . PHE A 1 139 ? 12.020  9.915   3.687   1.000 190.907 ? 138 PHE AAA C   1 
ATOM 858  O O   . PHE A 1 139 ? 11.168  9.293   4.317   1.000 170.864 ? 138 PHE AAA O   1 
ATOM 859  C CB  . PHE A 1 139 ? 12.984  8.515   1.803   1.000 220.840 ? 138 PHE AAA CB  1 
ATOM 860  C CG  . PHE A 1 139 ? 14.081  7.589   1.344   1.000 235.738 ? 138 PHE AAA CG  1 
ATOM 861  C CD1 . PHE A 1 139 ? 15.200  8.082   0.689   1.000 220.819 ? 138 PHE AAA CD1 1 
ATOM 862  C CD2 . PHE A 1 139 ? 14.010  6.226   1.598   1.000 223.450 ? 138 PHE AAA CD2 1 
ATOM 863  C CE1 . PHE A 1 139 ? 16.218  7.231   0.286   1.000 201.773 ? 138 PHE AAA CE1 1 
ATOM 864  C CE2 . PHE A 1 139 ? 15.022  5.375   1.184   1.000 196.661 ? 138 PHE AAA CE2 1 
ATOM 865  C CZ  . PHE A 1 139 ? 16.124  5.879   0.532   1.000 198.988 ? 138 PHE AAA CZ  1 
ATOM 866  N N   . ASP A 1 140 ? 11.936  11.221  3.417   1.000 173.403 ? 139 ASP AAA N   1 
ATOM 867  C CA  . ASP A 1 140 ? 10.882  12.071  3.938   1.000 162.106 ? 139 ASP AAA CA  1 
ATOM 868  C C   . ASP A 1 140 ? 9.731   12.087  2.948   1.000 170.384 ? 139 ASP AAA C   1 
ATOM 869  O O   . ASP A 1 140 ? 9.957   12.380  1.774   1.000 142.275 ? 139 ASP AAA O   1 
ATOM 870  C CB  . ASP A 1 140 ? 11.374  13.508  4.109   1.000 198.688 ? 139 ASP AAA CB  1 
ATOM 871  C CG  . ASP A 1 140 ? 12.103  13.740  5.418   1.000 224.803 ? 139 ASP AAA CG  1 
ATOM 872  O OD1 . ASP A 1 140 ? 12.283  12.760  6.171   1.000 239.170 ? 139 ASP AAA OD1 1 
ATOM 873  O OD2 . ASP A 1 140 ? 12.475  14.901  5.675   1.000 227.252 ? 139 ASP AAA OD2 1 
ATOM 874  N N   . ILE A 1 141 ? 8.520   11.842  3.479   1.000 192.130 ? 140 ILE AAA N   1 
ATOM 875  C CA  . ILE A 1 141 ? 7.295   11.560  2.738   1.000 163.516 ? 140 ILE AAA CA  1 
ATOM 876  C C   . ILE A 1 141 ? 6.138   12.376  3.312   1.000 137.465 ? 140 ILE AAA C   1 
ATOM 877  O O   . ILE A 1 141 ? 6.117   12.665  4.513   1.000 127.033 ? 140 ILE AAA O   1 
ATOM 878  C CB  . ILE A 1 141 ? 6.976   10.055  2.803   1.000 143.013 ? 140 ILE AAA CB  1 
ATOM 879  C CG1 . ILE A 1 141 ? 7.600   9.421   4.049   1.000 154.085 ? 140 ILE AAA CG1 1 
ATOM 880  C CG2 . ILE A 1 141 ? 7.440   9.365   1.531   1.000 136.675 ? 140 ILE AAA CG2 1 
ATOM 881  C CD1 . ILE A 1 141 ? 6.750   8.357   4.698   1.000 197.523 ? 140 ILE AAA CD1 1 
ATOM 882  N N   . GLU A 1 142 ? 5.163   12.695  2.443   1.000 123.527 ? 141 GLU AAA N   1 
ATOM 883  C CA  . GLU A 1 142 ? 4.087   13.626  2.759   1.000 122.586 ? 141 GLU AAA CA  1 
ATOM 884  C C   . GLU A 1 142 ? 2.965   13.560  1.716   1.000 144.388 ? 141 GLU AAA C   1 
ATOM 885  O O   . GLU A 1 142 ? 3.215   13.719  0.523   1.000 130.482 ? 141 GLU AAA O   1 
ATOM 886  C CB  . GLU A 1 142 ? 4.671   15.036  2.762   1.000 120.498 ? 141 GLU AAA CB  1 
ATOM 887  C CG  . GLU A 1 142 ? 5.528   15.320  1.538   1.000 147.273 ? 141 GLU AAA CG  1 
ATOM 888  C CD  . GLU A 1 142 ? 5.733   16.788  1.215   1.000 197.501 ? 141 GLU AAA CD  1 
ATOM 889  O OE1 . GLU A 1 142 ? 6.421   17.476  1.998   1.000 201.769 ? 141 GLU AAA OE1 1 
ATOM 890  O OE2 . GLU A 1 142 ? 5.200   17.240  0.182   1.000 213.639 ? 141 GLU AAA OE2 1 
ATOM 891  N N   . PHE A 1 143 ? 1.714   13.378  2.170   1.000 140.419 ? 142 PHE AAA N   1 
ATOM 892  C CA  . PHE A 1 143 ? 0.575   13.360  1.259   1.000 123.222 ? 142 PHE AAA CA  1 
ATOM 893  C C   . PHE A 1 143 ? -0.622  14.095  1.857   1.000 116.172 ? 142 PHE AAA C   1 
ATOM 894  O O   . PHE A 1 143 ? -0.822  14.116  3.068   1.000 133.927 ? 142 PHE AAA O   1 
ATOM 895  C CB  . PHE A 1 143 ? 0.186   11.927  0.877   1.000 135.720 ? 142 PHE AAA CB  1 
ATOM 896  C CG  . PHE A 1 143 ? -0.088  10.985  2.029   1.000 88.498  ? 142 PHE AAA CG  1 
ATOM 897  C CD1 . PHE A 1 143 ? -1.328  10.956  2.651   1.000 87.183  ? 142 PHE AAA CD1 1 
ATOM 898  C CD2 . PHE A 1 143 ? 0.877   10.079  2.450   1.000 87.649  ? 142 PHE AAA CD2 1 
ATOM 899  C CE1 . PHE A 1 143 ? -1.558  10.088  3.710   1.000 85.984  ? 142 PHE AAA CE1 1 
ATOM 900  C CE2 . PHE A 1 143 ? 0.646   9.195   3.497   1.000 84.844  ? 142 PHE AAA CE2 1 
ATOM 901  C CZ  . PHE A 1 143 ? -0.576  9.211   4.130   1.000 109.950 ? 142 PHE AAA CZ  1 
ATOM 902  N N   . ASP A 1 144 ? -1.440  14.675  0.983   1.000 110.708 ? 143 ASP AAA N   1 
ATOM 903  C CA  . ASP A 1 144 ? -2.722  15.202  1.414   1.000 142.944 ? 143 ASP AAA CA  1 
ATOM 904  C C   . ASP A 1 144 ? -3.778  14.107  1.300   1.000 158.244 ? 143 ASP AAA C   1 
ATOM 905  O O   . ASP A 1 144 ? -3.459  12.942  1.078   1.000 145.175 ? 143 ASP AAA O   1 
ATOM 906  C CB  . ASP A 1 144 ? -3.098  16.469  0.644   1.000 160.377 ? 143 ASP AAA CB  1 
ATOM 907  C CG  . ASP A 1 144 ? -2.197  17.647  0.960   1.000 161.209 ? 143 ASP AAA CG  1 
ATOM 908  O OD1 . ASP A 1 144 ? -1.043  17.411  1.379   1.000 171.834 ? 143 ASP AAA OD1 1 
ATOM 909  O OD2 . ASP A 1 144 ? -2.662  18.789  0.797   1.000 146.625 ? 143 ASP AAA OD2 1 
ATOM 910  N N   . ILE A 1 145 ? -5.035  14.522  1.463   1.000 98.282  ? 144 ILE AAA N   1 
ATOM 911  C CA  . ILE A 1 145 ? -6.188  13.660  1.525   1.000 95.931  ? 144 ILE AAA CA  1 
ATOM 912  C C   . ILE A 1 145 ? -7.213  14.311  0.610   1.000 133.847 ? 144 ILE AAA C   1 
ATOM 913  O O   . ILE A 1 145 ? -7.863  15.288  0.983   1.000 121.489 ? 144 ILE AAA O   1 
ATOM 914  C CB  . ILE A 1 145 ? -6.699  13.546  2.974   1.000 83.936  ? 144 ILE AAA CB  1 
ATOM 915  C CG1 . ILE A 1 145 ? -5.729  12.783  3.879   1.000 91.163  ? 144 ILE AAA CG1 1 
ATOM 916  C CG2 . ILE A 1 145 ? -8.095  12.950  3.016   1.000 108.757 ? 144 ILE AAA CG2 1 
ATOM 917  C CD1 . ILE A 1 145 ? -5.693  11.284  3.679   1.000 122.139 ? 144 ILE AAA CD1 1 
ATOM 918  N N   . PRO A 1 146 ? -7.335  13.810  -0.635  1.000 116.320 ? 145 PRO AAA N   1 
ATOM 919  C CA  . PRO A 1 146 ? -8.227  14.413  -1.622  1.000 95.889  ? 145 PRO AAA CA  1 
ATOM 920  C C   . PRO A 1 146 ? -9.592  14.778  -1.056  1.000 108.936 ? 145 PRO AAA C   1 
ATOM 921  O O   . PRO A 1 146 ? -10.044 14.209  -0.069  1.000 134.394 ? 145 PRO AAA O   1 
ATOM 922  C CB  . PRO A 1 146 ? -8.384  13.300  -2.659  1.000 100.403 ? 145 PRO AAA CB  1 
ATOM 923  C CG  . PRO A 1 146 ? -7.047  12.562  -2.600  1.000 133.125 ? 145 PRO AAA CG  1 
ATOM 924  C CD  . PRO A 1 146 ? -6.584  12.656  -1.160  1.000 101.803 ? 145 PRO AAA CD  1 
ATOM 925  N N   . ILE A 1 147 ? -10.231 15.742  -1.708  1.000 121.903 ? 146 ILE AAA N   1 
ATOM 926  C CA  . ILE A 1 147 ? -11.621 16.065  -1.462  1.000 133.792 ? 146 ILE AAA CA  1 
ATOM 927  C C   . ILE A 1 147 ? -12.438 14.773  -1.505  1.000 122.384 ? 146 ILE AAA C   1 
ATOM 928  O O   . ILE A 1 147 ? -13.310 14.562  -0.666  1.000 140.266 ? 146 ILE AAA O   1 
ATOM 929  C CB  . ILE A 1 147 ? -12.105 17.076  -2.525  1.000 179.324 ? 146 ILE AAA CB  1 
ATOM 930  C CG1 . ILE A 1 147 ? -11.060 18.152  -2.859  1.000 166.461 ? 146 ILE AAA CG1 1 
ATOM 931  C CG2 . ILE A 1 147 ? -13.471 17.655  -2.171  1.000 151.898 ? 146 ILE AAA CG2 1 
ATOM 932  C CD1 . ILE A 1 147 ? -10.239 18.652  -1.683  1.000 169.430 ? 146 ILE AAA CD1 1 
ATOM 933  N N   . THR A 1 148 ? -12.135 13.911  -2.483  1.000 130.637 ? 147 THR AAA N   1 
ATOM 934  C CA  . THR A 1 148 ? -12.982 12.765  -2.790  1.000 142.390 ? 147 THR AAA CA  1 
ATOM 935  C C   . THR A 1 148 ? -12.318 11.460  -2.362  1.000 150.590 ? 147 THR AAA C   1 
ATOM 936  O O   . THR A 1 148 ? -12.437 10.438  -3.034  1.000 148.039 ? 147 THR AAA O   1 
ATOM 937  C CB  . THR A 1 148 ? -13.337 12.693  -4.279  1.000 125.830 ? 147 THR AAA CB  1 
ATOM 938  O OG1 . THR A 1 148 ? -12.105 12.708  -5.005  1.000 99.604  ? 147 THR AAA OG1 1 
ATOM 939  C CG2 . THR A 1 148 ? -14.275 13.795  -4.717  1.000 103.375 ? 147 THR AAA CG2 1 
ATOM 940  N N   . TYR A 1 149 ? -11.614 11.512  -1.235  1.000 121.709 ? 148 TYR AAA N   1 
ATOM 941  C CA  . TYR A 1 149 ? -11.306 10.327  -0.457  1.000 100.026 ? 148 TYR AAA CA  1 
ATOM 942  C C   . TYR A 1 149 ? -12.612 9.819   0.168   1.000 126.774 ? 148 TYR AAA C   1 
ATOM 943  O O   . TYR A 1 149 ? -13.510 10.618  0.457   1.000 101.797 ? 148 TYR AAA O   1 
ATOM 944  C CB  . TYR A 1 149 ? -10.260 10.723  0.582   1.000 85.368  ? 148 TYR AAA CB  1 
ATOM 945  C CG  . TYR A 1 149 ? -9.576  9.601   1.311   1.000 78.531  ? 148 TYR AAA CG  1 
ATOM 946  C CD1 . TYR A 1 149 ? -8.498  8.949   0.741   1.000 77.994  ? 148 TYR AAA CD1 1 
ATOM 947  C CD2 . TYR A 1 149 ? -9.958  9.234   2.592   1.000 88.680  ? 148 TYR AAA CD2 1 
ATOM 948  C CE1 . TYR A 1 149 ? -7.839  7.933   1.413   1.000 80.344  ? 148 TYR AAA CE1 1 
ATOM 949  C CE2 . TYR A 1 149 ? -9.331  8.191   3.264   1.000 79.038  ? 148 TYR AAA CE2 1 
ATOM 950  C CZ  . TYR A 1 149 ? -8.258  7.546   2.673   1.000 85.386  ? 148 TYR AAA CZ  1 
ATOM 951  O OH  . TYR A 1 149 ? -7.606  6.519   3.297   1.000 91.139  ? 148 TYR AAA OH  1 
ATOM 952  N N   . PRO A 1 150 ? -12.782 8.493   0.420   1.000 96.610  ? 149 PRO AAA N   1 
ATOM 953  C CA  . PRO A 1 150 ? -11.766 7.464   0.164   1.000 77.622  ? 149 PRO AAA CA  1 
ATOM 954  C C   . PRO A 1 150 ? -11.753 6.909   -1.258  1.000 94.703  ? 149 PRO AAA C   1 
ATOM 955  O O   . PRO A 1 150 ? -10.874 6.108   -1.614  1.000 93.263  ? 149 PRO AAA O   1 
ATOM 956  C CB  . PRO A 1 150 ? -12.122 6.333   1.147   1.000 94.450  ? 149 PRO AAA CB  1 
ATOM 957  C CG  . PRO A 1 150 ? -13.324 6.838   1.925   1.000 109.301 ? 149 PRO AAA CG  1 
ATOM 958  C CD  . PRO A 1 150 ? -13.961 7.924   1.082   1.000 107.084 ? 149 PRO AAA CD  1 
ATOM 959  N N   . THR A 1 151 ? -12.711 7.376   -2.069  1.000 92.321  ? 150 THR AAA N   1 
ATOM 960  C CA  . THR A 1 151 ? -12.784 6.969   -3.463  1.000 109.772 ? 150 THR AAA CA  1 
ATOM 961  C C   . THR A 1 151 ? -11.462 7.234   -4.179  1.000 93.805  ? 150 THR AAA C   1 
ATOM 962  O O   . THR A 1 151 ? -10.875 6.297   -4.707  1.000 118.703 ? 150 THR AAA O   1 
ATOM 963  C CB  . THR A 1 151 ? -14.001 7.541   -4.195  1.000 105.743 ? 150 THR AAA CB  1 
ATOM 964  O OG1 . THR A 1 151 ? -15.140 7.469   -3.334  1.000 126.087 ? 150 THR AAA OG1 1 
ATOM 965  C CG2 . THR A 1 151 ? -14.282 6.791   -5.474  1.000 111.570 ? 150 THR AAA CG2 1 
ATOM 966  N N   . THR A 1 152 ? -10.990 8.490   -4.163  1.000 112.993 ? 151 THR AAA N   1 
ATOM 967  C CA  . THR A 1 152 ? -9.717  8.854   -4.777  1.000 109.976 ? 151 THR AAA CA  1 
ATOM 968  C C   . THR A 1 152 ? -8.601  8.665   -3.758  1.000 97.242  ? 151 THR AAA C   1 
ATOM 969  O O   . THR A 1 152 ? -8.665  9.279   -2.694  1.000 126.019 ? 151 THR AAA O   1 
ATOM 970  C CB  . THR A 1 152 ? -9.628  10.354  -5.101  1.000 103.051 ? 151 THR AAA CB  1 
ATOM 971  O OG1 . THR A 1 152 ? -10.790 10.912  -5.726  1.000 106.938 ? 151 THR AAA OG1 1 
ATOM 972  C CG2 . THR A 1 152 ? -8.408  10.663  -5.933  1.000 92.601  ? 151 THR AAA CG2 1 
ATOM 973  N N   . ALA A 1 153 ? -7.591  7.839   -4.071  1.000 86.996  ? 152 ALA AAA N   1 
ATOM 974  C CA  . ALA A 1 153 ? -6.459  7.661   -3.159  1.000 115.002 ? 152 ALA AAA CA  1 
ATOM 975  C C   . ALA A 1 153 ? -5.586  8.923   -3.077  1.000 114.533 ? 152 ALA AAA C   1 
ATOM 976  O O   . ALA A 1 153 ? -5.614  9.758   -3.979  1.000 140.376 ? 152 ALA AAA O   1 
ATOM 977  C CB  . ALA A 1 153 ? -5.652  6.440   -3.549  1.000 95.760  ? 152 ALA AAA CB  1 
ATOM 978  N N   . PRO A 1 154 ? -4.791  9.130   -1.995  1.000 136.114 ? 153 PRO AAA N   1 
ATOM 979  C CA  . PRO A 1 154 ? -3.842  10.250  -1.933  1.000 139.544 ? 153 PRO AAA CA  1 
ATOM 980  C C   . PRO A 1 154 ? -2.495  10.023  -2.630  1.000 139.456 ? 153 PRO AAA C   1 
ATOM 981  O O   . PRO A 1 154 ? -1.867  8.971   -2.471  1.000 115.754 ? 153 PRO AAA O   1 
ATOM 982  C CB  . PRO A 1 154 ? -3.623  10.371  -0.414  1.000 136.419 ? 153 PRO AAA CB  1 
ATOM 983  C CG  . PRO A 1 154 ? -3.674  8.941   0.082   1.000 107.381 ? 153 PRO AAA CG  1 
ATOM 984  C CD  . PRO A 1 154 ? -4.784  8.331   -0.755  1.000 154.089 ? 153 PRO AAA CD  1 
ATOM 985  N N   . GLU A 1 155 ? -2.029  11.048  -3.362  1.000 137.694 ? 154 GLU AAA N   1 
ATOM 986  C CA  . GLU A 1 155 ? -0.755  11.015  -4.074  1.000 115.958 ? 154 GLU AAA CA  1 
ATOM 987  C C   . GLU A 1 155 ? 0.388   11.338  -3.120  1.000 103.246 ? 154 GLU AAA C   1 
ATOM 988  O O   . GLU A 1 155 ? 0.568   12.488  -2.729  1.000 122.785 ? 154 GLU AAA O   1 
ATOM 989  C CB  . GLU A 1 155 ? -0.774  12.051  -5.191  1.000 106.054 ? 154 GLU AAA CB  1 
ATOM 990  C CG  . GLU A 1 155 ? -2.170  12.584  -5.431  1.000 138.104 ? 154 GLU AAA CG  1 
ATOM 991  C CD  . GLU A 1 155 ? -2.364  13.322  -6.739  1.000 170.426 ? 154 GLU AAA CD  1 
ATOM 992  O OE1 . GLU A 1 155 ? -3.149  14.290  -6.755  1.000 217.053 ? 154 GLU AAA OE1 1 
ATOM 993  O OE2 . GLU A 1 155 ? -1.737  12.924  -7.743  1.000 185.488 ? 154 GLU AAA OE2 1 
ATOM 994  N N   . ILE A 1 156 ? 1.137   10.299  -2.746  1.000 96.611  ? 155 ILE AAA N   1 
ATOM 995  C CA  . ILE A 1 156 ? 2.344   10.434  -1.946  1.000 104.736 ? 155 ILE AAA CA  1 
ATOM 996  C C   . ILE A 1 156 ? 3.354   11.326  -2.668  1.000 129.135 ? 155 ILE AAA C   1 
ATOM 997  O O   . ILE A 1 156 ? 3.296   11.472  -3.887  1.000 124.260 ? 155 ILE AAA O   1 
ATOM 998  C CB  . ILE A 1 156 ? 2.956   9.045   -1.703  1.000 117.350 ? 155 ILE AAA CB  1 
ATOM 999  C CG1 . ILE A 1 156 ? 1.973   8.075   -1.040  1.000 118.177 ? 155 ILE AAA CG1 1 
ATOM 1000 C CG2 . ILE A 1 156 ? 4.263   9.171   -0.940  1.000 98.645  ? 155 ILE AAA CG2 1 
ATOM 1001 C CD1 . ILE A 1 156 ? 2.636   6.874   -0.383  1.000 114.508 ? 155 ILE AAA CD1 1 
ATOM 1002 N N   . ALA A 1 157 ? 4.276   11.905  -1.882  1.000 153.898 ? 156 ALA AAA N   1 
ATOM 1003 C CA  . ALA A 1 157 ? 5.442   12.638  -2.360  1.000 125.983 ? 156 ALA AAA CA  1 
ATOM 1004 C C   . ALA A 1 157 ? 6.680   12.254  -1.547  1.000 160.113 ? 156 ALA AAA C   1 
ATOM 1005 O O   . ALA A 1 157 ? 6.577   11.979  -0.351  1.000 152.423 ? 156 ALA AAA O   1 
ATOM 1006 C CB  . ALA A 1 157 ? 5.190   14.125  -2.300  1.000 101.148 ? 156 ALA AAA CB  1 
ATOM 1007 N N   . VAL A 1 158 ? 7.836   12.205  -2.235  1.000 186.608 ? 157 VAL AAA N   1 
ATOM 1008 C CA  . VAL A 1 158 ? 9.174   12.107  -1.658  1.000 191.890 ? 157 VAL AAA CA  1 
ATOM 1009 C C   . VAL A 1 158 ? 9.982   13.292  -2.220  1.000 199.909 ? 157 VAL AAA C   1 
ATOM 1010 O O   . VAL A 1 158 ? 10.657  13.103  -3.231  1.000 269.471 ? 157 VAL AAA O   1 
ATOM 1011 C CB  . VAL A 1 158 ? 9.831   10.729  -1.952  1.000 144.178 ? 157 VAL AAA CB  1 
ATOM 1012 C CG1 . VAL A 1 158 ? 11.011  10.405  -1.042  1.000 122.988 ? 157 VAL AAA CG1 1 
ATOM 1013 C CG2 . VAL A 1 158 ? 8.832   9.586   -1.907  1.000 156.380 ? 157 VAL AAA CG2 1 
ATOM 1014 N N   . PRO A 1 159 ? 9.897   14.522  -1.602  1.000 161.669 ? 158 PRO AAA N   1 
ATOM 1015 C CA  . PRO A 1 159 ? 10.438  15.808  -2.106  1.000 167.251 ? 158 PRO AAA CA  1 
ATOM 1016 C C   . PRO A 1 159 ? 11.956  15.946  -2.212  1.000 188.433 ? 158 PRO AAA C   1 
ATOM 1017 O O   . PRO A 1 159 ? 12.475  16.830  -2.899  1.000 167.432 ? 158 PRO AAA O   1 
ATOM 1018 C CB  . PRO A 1 159 ? 9.992   16.863  -1.068  1.000 165.870 ? 158 PRO AAA CB  1 
ATOM 1019 C CG  . PRO A 1 159 ? 8.846   16.206  -0.326  1.000 158.504 ? 158 PRO AAA CG  1 
ATOM 1020 C CD  . PRO A 1 159 ? 9.216   14.735  -0.314  1.000 158.365 ? 158 PRO AAA CD  1 
ATOM 1021 N N   . GLU A 1 160 ? 12.648  15.004  -1.568  1.000 156.316 ? 159 GLU AAA N   1 
ATOM 1022 C CA  . GLU A 1 160 ? 14.097  14.958  -1.619  1.000 163.368 ? 159 GLU AAA CA  1 
ATOM 1023 C C   . GLU A 1 160 ? 14.575  14.068  -2.768  1.000 188.980 ? 159 GLU AAA C   1 
ATOM 1024 O O   . GLU A 1 160 ? 15.482  14.468  -3.494  1.000 235.972 ? 159 GLU AAA O   1 
ATOM 1025 C CB  . GLU A 1 160 ? 14.702  14.572  -0.269  1.000 155.407 ? 159 GLU AAA CB  1 
ATOM 1026 C CG  . GLU A 1 160 ? 15.127  13.121  -0.185  1.000 133.272 ? 159 GLU AAA CG  1 
ATOM 1027 C CD  . GLU A 1 160 ? 14.166  12.234  0.583   1.000 196.759 ? 159 GLU AAA CD  1 
ATOM 1028 O OE1 . GLU A 1 160 ? 14.640  11.226  1.136   1.000 212.872 ? 159 GLU AAA OE1 1 
ATOM 1029 O OE2 . GLU A 1 160 ? 12.953  12.561  0.645   1.000 184.489 ? 159 GLU AAA OE2 1 
ATOM 1030 N N   . LEU A 1 161 ? 13.992  12.870  -2.931  1.000 183.931 ? 160 LEU AAA N   1 
ATOM 1031 C CA  . LEU A 1 161 ? 14.374  12.017  -4.049  1.000 165.931 ? 160 LEU AAA CA  1 
ATOM 1032 C C   . LEU A 1 161 ? 13.811  12.589  -5.348  1.000 147.692 ? 160 LEU AAA C   1 
ATOM 1033 O O   . LEU A 1 161 ? 13.874  11.932  -6.384  1.000 170.503 ? 160 LEU AAA O   1 
ATOM 1034 C CB  . LEU A 1 161 ? 13.872  10.581  -3.857  1.000 153.992 ? 160 LEU AAA CB  1 
ATOM 1035 C CG  . LEU A 1 161 ? 14.384  9.807   -2.641  1.000 152.770 ? 160 LEU AAA CG  1 
ATOM 1036 C CD1 . LEU A 1 161 ? 14.388  8.312   -2.932  1.000 121.701 ? 160 LEU AAA CD1 1 
ATOM 1037 C CD2 . LEU A 1 161 ? 15.767  10.275  -2.210  1.000 147.328 ? 160 LEU AAA CD2 1 
ATOM 1038 N N   . ASP A 1 162 ? 13.254  13.805  -5.270  1.000 145.419 ? 161 ASP AAA N   1 
ATOM 1039 C CA  . ASP A 1 162 ? 12.704  14.504  -6.418  1.000 171.288 ? 161 ASP AAA CA  1 
ATOM 1040 C C   . ASP A 1 162 ? 13.819  14.725  -7.439  1.000 237.750 ? 161 ASP AAA C   1 
ATOM 1041 O O   . ASP A 1 162 ? 14.786  15.428  -7.153  1.000 270.520 ? 161 ASP AAA O   1 
ATOM 1042 C CB  . ASP A 1 162 ? 12.045  15.817  -5.985  1.000 146.786 ? 161 ASP AAA CB  1 
ATOM 1043 C CG  . ASP A 1 162 ? 11.471  16.641  -7.128  1.000 184.208 ? 161 ASP AAA CG  1 
ATOM 1044 O OD1 . ASP A 1 162 ? 11.357  16.107  -8.251  1.000 162.740 ? 161 ASP AAA OD1 1 
ATOM 1045 O OD2 . ASP A 1 162 ? 11.139  17.817  -6.882  1.000 205.883 ? 161 ASP AAA OD2 1 
ATOM 1046 N N   . GLY A 1 163 ? 13.681  14.091  -8.612  1.000 253.110 ? 162 GLY AAA N   1 
ATOM 1047 C CA  . GLY A 1 163 ? 14.611  14.260  -9.719  1.000 205.525 ? 162 GLY AAA CA  1 
ATOM 1048 C C   . GLY A 1 163 ? 15.577  13.086  -9.897  1.000 208.567 ? 162 GLY AAA C   1 
ATOM 1049 O O   . GLY A 1 163 ? 16.179  12.953  -10.961 1.000 220.933 ? 162 GLY AAA O   1 
ATOM 1050 N N   . LYS A 1 164 ? 15.705  12.238  -8.865  1.000 228.965 ? 163 LYS AAA N   1 
ATOM 1051 C CA  . LYS A 1 164 ? 16.754  11.224  -8.797  1.000 233.037 ? 163 LYS AAA CA  1 
ATOM 1052 C C   . LYS A 1 164 ? 16.288  9.871   -9.344  1.000 252.273 ? 163 LYS AAA C   1 
ATOM 1053 O O   . LYS A 1 164 ? 17.048  8.904   -9.295  1.000 225.296 ? 163 LYS AAA O   1 
ATOM 1054 C CB  . LYS A 1 164 ? 17.265  11.076  -7.359  1.000 205.230 ? 163 LYS AAA CB  1 
ATOM 1055 C CG  . LYS A 1 164 ? 18.065  12.251  -6.820  1.000 183.675 ? 163 LYS AAA CG  1 
ATOM 1056 C CD  . LYS A 1 164 ? 18.378  12.120  -5.346  1.000 195.097 ? 163 LYS AAA CD  1 
ATOM 1057 C CE  . LYS A 1 164 ? 19.597  12.922  -4.948  1.000 183.679 ? 163 LYS AAA CE  1 
ATOM 1058 N NZ  . LYS A 1 164 ? 20.763  12.574  -5.796  1.000 186.249 ? 163 LYS AAA NZ  1 
ATOM 1059 N N   . THR A 1 165 ? 15.053  9.809   -9.869  1.000 280.868 ? 164 THR AAA N   1 
ATOM 1060 C CA  . THR A 1 165 ? 14.480  8.587   -10.430 1.000 266.671 ? 164 THR AAA CA  1 
ATOM 1061 C C   . THR A 1 165 ? 13.548  8.928   -11.600 1.000 226.908 ? 164 THR AAA C   1 
ATOM 1062 O O   . THR A 1 165 ? 13.459  10.086  -12.010 1.000 179.051 ? 164 THR AAA O   1 
ATOM 1063 C CB  . THR A 1 165 ? 13.942  7.665   -9.318  1.000 272.485 ? 164 THR AAA CB  1 
ATOM 1064 O OG1 . THR A 1 165 ? 13.718  6.338   -9.802  1.000 235.608 ? 164 THR AAA OG1 1 
ATOM 1065 C CG2 . THR A 1 165 ? 12.703  8.190   -8.627  1.000 322.147 ? 164 THR AAA CG2 1 
ATOM 1066 N N   . ALA A 1 166 ? 12.865  7.910   -12.145 1.000 202.901 ? 165 ALA AAA N   1 
ATOM 1067 C CA  . ALA A 1 166 ? 12.086  8.061   -13.367 1.000 218.771 ? 165 ALA AAA CA  1 
ATOM 1068 C C   . ALA A 1 166 ? 10.608  7.730   -13.144 1.000 246.408 ? 165 ALA AAA C   1 
ATOM 1069 O O   . ALA A 1 166 ? 9.765   8.119   -13.951 1.000 217.337 ? 165 ALA AAA O   1 
ATOM 1070 C CB  . ALA A 1 166 ? 12.694  7.221   -14.466 1.000 223.045 ? 165 ALA AAA CB  1 
ATOM 1071 N N   . LYS A 1 167 ? 10.302  7.009   -12.052 1.000 250.214 ? 166 LYS AAA N   1 
ATOM 1072 C CA  . LYS A 1 167 ? 8.928   6.695   -11.682 1.000 224.220 ? 166 LYS AAA CA  1 
ATOM 1073 C C   . LYS A 1 167 ? 8.453   7.666   -10.603 1.000 228.689 ? 166 LYS AAA C   1 
ATOM 1074 O O   . LYS A 1 167 ? 8.104   7.255   -9.495  1.000 192.673 ? 166 LYS AAA O   1 
ATOM 1075 C CB  . LYS A 1 167 ? 8.782   5.240   -11.217 1.000 202.649 ? 166 LYS AAA CB  1 
ATOM 1076 C CG  . LYS A 1 167 ? 9.091   4.174   -12.260 1.000 202.223 ? 166 LYS AAA CG  1 
ATOM 1077 C CD  . LYS A 1 167 ? 8.453   4.440   -13.603 1.000 207.769 ? 166 LYS AAA CD  1 
ATOM 1078 C CE  . LYS A 1 167 ? 9.301   3.939   -14.751 1.000 180.810 ? 166 LYS AAA CE  1 
ATOM 1079 N NZ  . LYS A 1 167 ? 9.266   4.884   -15.891 1.000 184.438 ? 166 LYS AAA NZ  1 
ATOM 1080 N N   . MET A 1 168 ? 8.430   8.954   -10.964 1.000 223.958 ? 167 MET AAA N   1 
ATOM 1081 C CA  . MET A 1 168 ? 8.088   10.046  -10.068 1.000 198.104 ? 167 MET AAA CA  1 
ATOM 1082 C C   . MET A 1 168 ? 7.522   11.202  -10.894 1.000 188.568 ? 167 MET AAA C   1 
ATOM 1083 O O   . MET A 1 168 ? 8.088   11.557  -11.926 1.000 228.354 ? 167 MET AAA O   1 
ATOM 1084 C CB  . MET A 1 168 ? 9.330   10.522  -9.303  1.000 168.236 ? 167 MET AAA CB  1 
ATOM 1085 C CG  . MET A 1 168 ? 9.022   11.387  -8.084  1.000 177.191 ? 167 MET AAA CG  1 
ATOM 1086 S SD  . MET A 1 168 ? 10.434  11.654  -6.958  1.000 215.905 ? 167 MET AAA SD  1 
ATOM 1087 C CE  . MET A 1 168 ? 10.595  10.036  -6.206  1.000 175.465 ? 167 MET AAA CE  1 
ATOM 1088 N N   . TYR A 1 169 ? 6.390   11.762  -10.445 1.000 223.826 ? 168 TYR AAA N   1 
ATOM 1089 C CA  . TYR A 1 169 ? 5.860   13.003  -10.992 1.000 240.561 ? 168 TYR AAA CA  1 
ATOM 1090 C C   . TYR A 1 169 ? 6.688   14.165  -10.446 1.000 264.690 ? 168 TYR AAA C   1 
ATOM 1091 O O   . TYR A 1 169 ? 7.399   14.009  -9.455  1.000 258.319 ? 168 TYR AAA O   1 
ATOM 1092 C CB  . TYR A 1 169 ? 4.378   13.188  -10.640 1.000 239.920 ? 168 TYR AAA CB  1 
ATOM 1093 C CG  . TYR A 1 169 ? 3.478   12.020  -10.956 1.000 252.841 ? 168 TYR AAA CG  1 
ATOM 1094 C CD1 . TYR A 1 169 ? 3.009   11.800  -12.243 1.000 273.752 ? 168 TYR AAA CD1 1 
ATOM 1095 C CD2 . TYR A 1 169 ? 3.083   11.138  -9.962  1.000 233.389 ? 168 TYR AAA CD2 1 
ATOM 1096 C CE1 . TYR A 1 169 ? 2.182   10.726  -12.535 1.000 267.552 ? 168 TYR AAA CE1 1 
ATOM 1097 C CE2 . TYR A 1 169 ? 2.260   10.058  -10.235 1.000 224.236 ? 168 TYR AAA CE2 1 
ATOM 1098 C CZ  . TYR A 1 169 ? 1.803   9.857   -11.526 1.000 262.736 ? 168 TYR AAA CZ  1 
ATOM 1099 O OH  . TYR A 1 169 ? 0.991   8.795   -11.801 1.000 261.759 ? 168 TYR AAA OH  1 
ATOM 1100 N N   . ARG A 1 170 ? 6.583   15.328  -11.097 1.000 252.922 ? 169 ARG AAA N   1 
ATOM 1101 C CA  . ARG A 1 170 ? 7.327   16.505  -10.677 1.000 234.985 ? 169 ARG AAA CA  1 
ATOM 1102 C C   . ARG A 1 170 ? 6.939   16.860  -9.241  1.000 223.045 ? 169 ARG AAA C   1 
ATOM 1103 O O   . ARG A 1 170 ? 5.802   16.639  -8.822  1.000 162.092 ? 169 ARG AAA O   1 
ATOM 1104 C CB  . ARG A 1 170 ? 7.086   17.655  -11.659 1.000 191.785 ? 169 ARG AAA CB  1 
ATOM 1105 C CG  . ARG A 1 170 ? 8.065   18.810  -11.513 1.000 201.819 ? 169 ARG AAA CG  1 
ATOM 1106 C CD  . ARG A 1 170 ? 7.435   20.122  -11.937 1.000 216.260 ? 169 ARG AAA CD  1 
ATOM 1107 N NE  . ARG A 1 170 ? 6.213   20.403  -11.192 1.000 228.545 ? 169 ARG AAA NE  1 
ATOM 1108 C CZ  . ARG A 1 170 ? 5.385   21.414  -11.434 1.000 227.157 ? 169 ARG AAA CZ  1 
ATOM 1109 N NH1 . ARG A 1 170 ? 5.641   22.266  -12.414 1.000 210.992 ? 169 ARG AAA NH1 1 
ATOM 1110 N NH2 . ARG A 1 170 ? 4.302   21.572  -10.692 1.000 202.710 ? 169 ARG AAA NH2 1 
ATOM 1111 N N   . GLY A 1 171 ? 7.912   17.382  -8.482  1.000 225.968 ? 170 GLY AAA N   1 
ATOM 1112 C CA  . GLY A 1 171 ? 7.680   17.799  -7.108  1.000 257.106 ? 170 GLY AAA CA  1 
ATOM 1113 C C   . GLY A 1 171 ? 8.081   16.728  -6.095  1.000 269.730 ? 170 GLY AAA C   1 
ATOM 1114 O O   . GLY A 1 171 ? 8.639   17.042  -5.044  1.000 257.501 ? 170 GLY AAA O   1 
ATOM 1115 N N   . GLY A 1 172 ? 7.766   15.466  -6.416  1.000 247.247 ? 171 GLY AAA N   1 
ATOM 1116 C CA  . GLY A 1 172 ? 8.203   14.341  -5.604  1.000 221.427 ? 171 GLY AAA CA  1 
ATOM 1117 C C   . GLY A 1 172 ? 7.143   13.251  -5.454  1.000 202.441 ? 171 GLY AAA C   1 
ATOM 1118 O O   . GLY A 1 172 ? 7.348   12.317  -4.683  1.000 141.460 ? 171 GLY AAA O   1 
ATOM 1119 N N   . LYS A 1 173 ? 6.049   13.365  -6.224  1.000 227.180 ? 172 LYS AAA N   1 
ATOM 1120 C CA  . LYS A 1 173 ? 4.851   12.541  -6.114  1.000 217.820 ? 172 LYS AAA CA  1 
ATOM 1121 C C   . LYS A 1 173 ? 5.014   11.209  -6.837  1.000 171.640 ? 172 LYS AAA C   1 
ATOM 1122 O O   . LYS A 1 173 ? 4.637   11.107  -8.002  1.000 154.245 ? 172 LYS AAA O   1 
ATOM 1123 C CB  . LYS A 1 173 ? 3.678   13.214  -6.832  1.000 192.580 ? 172 LYS AAA CB  1 
ATOM 1124 C CG  . LYS A 1 173 ? 2.537   13.675  -5.944  1.000 163.738 ? 172 LYS AAA CG  1 
ATOM 1125 C CD  . LYS A 1 173 ? 1.602   14.564  -6.713  1.000 159.695 ? 172 LYS AAA CD  1 
ATOM 1126 C CE  . LYS A 1 173 ? 0.743   15.420  -5.810  1.000 170.016 ? 172 LYS AAA CE  1 
ATOM 1127 N NZ  . LYS A 1 173 ? -0.059  16.387  -6.597  1.000 170.641 ? 172 LYS AAA NZ  1 
ATOM 1128 N N   . ILE A 1 174 ? 5.483   10.184  -6.117  1.000 120.052 ? 173 ILE AAA N   1 
ATOM 1129 C CA  . ILE A 1 174 ? 5.756   8.876   -6.695  1.000 144.570 ? 173 ILE AAA CA  1 
ATOM 1130 C C   . ILE A 1 174 ? 4.660   8.464   -7.680  1.000 176.643 ? 173 ILE AAA C   1 
ATOM 1131 O O   . ILE A 1 174 ? 3.487   8.813   -7.535  1.000 179.878 ? 173 ILE AAA O   1 
ATOM 1132 C CB  . ILE A 1 174 ? 6.030   7.808   -5.616  1.000 156.237 ? 173 ILE AAA CB  1 
ATOM 1133 C CG1 . ILE A 1 174 ? 4.812   7.541   -4.722  1.000 171.796 ? 173 ILE AAA CG1 1 
ATOM 1134 C CG2 . ILE A 1 174 ? 7.258   8.195   -4.808  1.000 146.048 ? 173 ILE AAA CG2 1 
ATOM 1135 C CD1 . ILE A 1 174 ? 4.997   6.406   -3.733  1.000 198.163 ? 173 ILE AAA CD1 1 
ATOM 1136 N N   . CYS A 1 175 ? 5.093   7.753   -8.721  1.000 180.538 ? 174 CYS AAA N   1 
ATOM 1137 C CA  . CYS A 1 175 ? 4.190   7.123   -9.661  1.000 160.359 ? 174 CYS AAA CA  1 
ATOM 1138 C C   . CYS A 1 175 ? 4.203   5.643   -9.318  1.000 172.252 ? 174 CYS AAA C   1 
ATOM 1139 O O   . CYS A 1 175 ? 5.279   5.055   -9.221  1.000 172.114 ? 174 CYS AAA O   1 
ATOM 1140 C CB  . CYS A 1 175 ? 4.687   7.325   -11.084 1.000 152.028 ? 174 CYS AAA CB  1 
ATOM 1141 S SG  . CYS A 1 175 ? 3.351   7.320   -12.304 1.000 207.159 ? 174 CYS AAA SG  1 
ATOM 1142 N N   . LEU A 1 176 ? 3.015   5.080   -9.077  1.000 154.068 ? 175 LEU AAA N   1 
ATOM 1143 C CA  . LEU A 1 176 ? 2.898   3.726   -8.557  1.000 137.887 ? 175 LEU AAA CA  1 
ATOM 1144 C C   . LEU A 1 176 ? 2.695   2.765   -9.722  1.000 154.700 ? 175 LEU AAA C   1 
ATOM 1145 O O   . LEU A 1 176 ? 2.629   3.204   -10.870 1.000 176.037 ? 175 LEU AAA O   1 
ATOM 1146 C CB  . LEU A 1 176 ? 1.714   3.679   -7.592  1.000 116.686 ? 175 LEU AAA CB  1 
ATOM 1147 C CG  . LEU A 1 176 ? 1.766   4.705   -6.463  1.000 131.288 ? 175 LEU AAA CG  1 
ATOM 1148 C CD1 . LEU A 1 176 ? 0.593   5.674   -6.545  1.000 108.485 ? 175 LEU AAA CD1 1 
ATOM 1149 C CD2 . LEU A 1 176 ? 1.865   4.032   -5.093  1.000 107.268 ? 175 LEU AAA CD2 1 
ATOM 1150 N N   . THR A 1 177 ? 2.592   1.462   -9.418  1.000 130.726 ? 176 THR AAA N   1 
ATOM 1151 C CA  . THR A 1 177 ? 2.302   0.472   -10.449 1.000 145.483 ? 176 THR AAA CA  1 
ATOM 1152 C C   . THR A 1 177 ? 0.885   0.693   -10.976 1.000 160.433 ? 176 THR AAA C   1 
ATOM 1153 O O   . THR A 1 177 ? 0.070   1.344   -10.322 1.000 143.707 ? 176 THR AAA O   1 
ATOM 1154 C CB  . THR A 1 177 ? 2.581   -0.969  -9.989  1.000 162.432 ? 176 THR AAA CB  1 
ATOM 1155 O OG1 . THR A 1 177 ? 1.449   -1.471  -9.278  1.000 168.320 ? 176 THR AAA OG1 1 
ATOM 1156 C CG2 . THR A 1 177 ? 3.832   -1.117  -9.150  1.000 148.361 ? 176 THR AAA CG2 1 
ATOM 1157 N N   . ASP A 1 178 ? 0.606   0.160   -12.174 1.000 185.490 ? 177 ASP AAA N   1 
ATOM 1158 C CA  . ASP A 1 178 ? -0.678  0.359   -12.830 1.000 165.367 ? 177 ASP AAA CA  1 
ATOM 1159 C C   . ASP A 1 178 ? -1.748  -0.408  -12.061 1.000 180.408 ? 177 ASP AAA C   1 
ATOM 1160 O O   . ASP A 1 178 ? -2.915  -0.011  -12.036 1.000 143.238 ? 177 ASP AAA O   1 
ATOM 1161 C CB  . ASP A 1 178 ? -0.673  -0.116  -14.290 1.000 229.695 ? 177 ASP AAA CB  1 
ATOM 1162 C CG  . ASP A 1 178 ? 0.698   -0.358  -14.907 1.000 217.107 ? 177 ASP AAA CG  1 
ATOM 1163 O OD1 . ASP A 1 178 ? 1.512   -1.080  -14.284 1.000 177.247 ? 177 ASP AAA OD1 1 
ATOM 1164 O OD2 . ASP A 1 178 ? 0.937   0.163   -16.019 1.000 190.162 ? 177 ASP AAA OD2 1 
ATOM 1165 N N   . HIS A 1 179 ? -1.315  -1.518  -11.448 1.000 140.218 ? 178 HIS AAA N   1 
ATOM 1166 C CA  . HIS A 1 179 ? -2.136  -2.402  -10.637 1.000 161.887 ? 178 HIS AAA CA  1 
ATOM 1167 C C   . HIS A 1 179 ? -3.005  -1.623  -9.644  1.000 165.128 ? 178 HIS AAA C   1 
ATOM 1168 O O   . HIS A 1 179 ? -4.218  -1.839  -9.568  1.000 142.053 ? 178 HIS AAA O   1 
ATOM 1169 C CB  . HIS A 1 179 ? -1.229  -3.429  -9.947  1.000 164.953 ? 178 HIS AAA CB  1 
ATOM 1170 C CG  . HIS A 1 179 ? -1.968  -4.360  -9.052  1.000 206.506 ? 178 HIS AAA CG  1 
ATOM 1171 N ND1 . HIS A 1 179 ? -3.113  -5.019  -9.457  1.000 235.883 ? 178 HIS AAA ND1 1 
ATOM 1172 C CD2 . HIS A 1 179 ? -1.739  -4.742  -7.778  1.000 204.572 ? 178 HIS AAA CD2 1 
ATOM 1173 C CE1 . HIS A 1 179 ? -3.559  -5.767  -8.469  1.000 195.264 ? 178 HIS AAA CE1 1 
ATOM 1174 N NE2 . HIS A 1 179 ? -2.729  -5.620  -7.431  1.000 217.459 ? 178 HIS AAA NE2 1 
ATOM 1175 N N   . PHE A 1 180 ? -2.373  -0.674  -8.939  1.000 164.558 ? 179 PHE AAA N   1 
ATOM 1176 C CA  . PHE A 1 180 ? -2.868  -0.052  -7.719  1.000 127.249 ? 179 PHE AAA CA  1 
ATOM 1177 C C   . PHE A 1 180 ? -4.137  0.775   -7.944  1.000 137.506 ? 179 PHE AAA C   1 
ATOM 1178 O O   . PHE A 1 180 ? -5.153  0.554   -7.287  1.000 113.877 ? 179 PHE AAA O   1 
ATOM 1179 C CB  . PHE A 1 180 ? -1.757  0.788   -7.078  1.000 131.176 ? 179 PHE AAA CB  1 
ATOM 1180 C CG  . PHE A 1 180 ? -2.115  1.392   -5.744  1.000 127.622 ? 179 PHE AAA CG  1 
ATOM 1181 C CD1 . PHE A 1 180 ? -2.798  2.600   -5.670  1.000 108.892 ? 179 PHE AAA CD1 1 
ATOM 1182 C CD2 . PHE A 1 180 ? -1.772  0.749   -4.562  1.000 134.608 ? 179 PHE AAA CD2 1 
ATOM 1183 C CE1 . PHE A 1 180 ? -3.143  3.143   -4.443  1.000 92.433  ? 179 PHE AAA CE1 1 
ATOM 1184 C CE2 . PHE A 1 180 ? -2.119  1.290   -3.335  1.000 99.742  ? 179 PHE AAA CE2 1 
ATOM 1185 C CZ  . PHE A 1 180 ? -2.808  2.482   -3.282  1.000 103.539 ? 179 PHE AAA CZ  1 
ATOM 1186 N N   . LYS A 1 181 ? -4.079  1.774   -8.828  1.000 111.379 ? 180 LYS AAA N   1 
ATOM 1187 C CA  . LYS A 1 181 ? -5.205  2.697   -8.883  1.000 124.976 ? 180 LYS AAA CA  1 
ATOM 1188 C C   . LYS A 1 181 ? -6.514  1.932   -9.105  1.000 158.820 ? 180 LYS AAA C   1 
ATOM 1189 O O   . LYS A 1 181 ? -7.528  2.263   -8.493  1.000 122.942 ? 180 LYS AAA O   1 
ATOM 1190 C CB  . LYS A 1 181 ? -4.946  3.854   -9.857  1.000 132.576 ? 180 LYS AAA CB  1 
ATOM 1191 C CG  . LYS A 1 181 ? -5.857  5.063   -9.666  1.000 154.385 ? 180 LYS AAA CG  1 
ATOM 1192 C CD  . LYS A 1 181 ? -5.346  6.370   -10.266 1.000 140.809 ? 180 LYS AAA CD  1 
ATOM 1193 C CE  . LYS A 1 181 ? -4.196  6.995   -9.502  1.000 149.471 ? 180 LYS AAA CE  1 
ATOM 1194 N NZ  . LYS A 1 181 ? -2.903  6.336   -9.805  1.000 201.639 ? 180 LYS AAA NZ  1 
ATOM 1195 N N   . PRO A 1 182 ? -6.542  0.923   -10.011 1.000 181.507 ? 181 PRO AAA N   1 
ATOM 1196 C CA  . PRO A 1 182 ? -7.662  -0.019  -10.145 1.000 162.970 ? 181 PRO AAA CA  1 
ATOM 1197 C C   . PRO A 1 182 ? -7.967  -0.929  -8.953  1.000 146.314 ? 181 PRO AAA C   1 
ATOM 1198 O O   . PRO A 1 182 ? -9.130  -1.072  -8.571  1.000 109.707 ? 181 PRO AAA O   1 
ATOM 1199 C CB  . PRO A 1 182 ? -7.216  -0.897  -11.320 1.000 182.712 ? 181 PRO AAA CB  1 
ATOM 1200 C CG  . PRO A 1 182 ? -6.347  0.023   -12.130 1.000 174.400 ? 181 PRO AAA CG  1 
ATOM 1201 C CD  . PRO A 1 182 ? -5.546  0.742   -11.075 1.000 159.702 ? 181 PRO AAA CD  1 
ATOM 1202 N N   . LEU A 1 183 ? -6.938  -1.568  -8.383  1.000 89.005  ? 182 LEU AAA N   1 
ATOM 1203 C CA  . LEU A 1 183 ? -7.151  -2.359  -7.176  1.000 85.708  ? 182 LEU AAA CA  1 
ATOM 1204 C C   . LEU A 1 183 ? -7.843  -1.522  -6.088  1.000 118.269 ? 182 LEU AAA C   1 
ATOM 1205 O O   . LEU A 1 183 ? -8.785  -1.987  -5.443  1.000 108.402 ? 182 LEU AAA O   1 
ATOM 1206 C CB  . LEU A 1 183 ? -5.827  -2.970  -6.703  1.000 75.741  ? 182 LEU AAA CB  1 
ATOM 1207 C CG  . LEU A 1 183 ? -5.907  -3.742  -5.384  1.000 105.346 ? 182 LEU AAA CG  1 
ATOM 1208 C CD1 . LEU A 1 183 ? -7.262  -4.403  -5.226  1.000 100.156 ? 182 LEU AAA CD1 1 
ATOM 1209 C CD2 . LEU A 1 183 ? -4.796  -4.778  -5.254  1.000 90.330  ? 182 LEU AAA CD2 1 
ATOM 1210 N N   . TRP A 1 184 ? -7.402  -0.272  -5.903  1.000 114.129 ? 183 TRP AAA N   1 
ATOM 1211 C CA  . TRP A 1 184 ? -7.967  0.586   -4.871  1.000 91.223  ? 183 TRP AAA CA  1 
ATOM 1212 C C   . TRP A 1 184 ? -9.465  0.752   -5.112  1.000 101.142 ? 183 TRP AAA C   1 
ATOM 1213 O O   . TRP A 1 184 ? -10.261 0.758   -4.170  1.000 112.868 ? 183 TRP AAA O   1 
ATOM 1214 C CB  . TRP A 1 184 ? -7.232  1.941   -4.828  1.000 112.266 ? 183 TRP AAA CB  1 
ATOM 1215 C CG  . TRP A 1 184 ? -7.768  2.963   -3.864  1.000 77.549  ? 183 TRP AAA CG  1 
ATOM 1216 C CD1 . TRP A 1 184 ? -8.806  3.838   -4.061  1.000 102.202 ? 183 TRP AAA CD1 1 
ATOM 1217 C CD2 . TRP A 1 184 ? -7.295  3.219   -2.529  1.000 77.431  ? 183 TRP AAA CD2 1 
ATOM 1218 N NE1 . TRP A 1 184 ? -9.022  4.617   -2.949  1.000 92.135  ? 183 TRP AAA NE1 1 
ATOM 1219 C CE2 . TRP A 1 184 ? -8.099  4.259   -1.995  1.000 105.481 ? 183 TRP AAA CE2 1 
ATOM 1220 C CE3 . TRP A 1 184 ? -6.273  2.677   -1.742  1.000 96.320  ? 183 TRP AAA CE3 1 
ATOM 1221 C CZ2 . TRP A 1 184 ? -7.887  4.767   -0.715  1.000 88.460  ? 183 TRP AAA CZ2 1 
ATOM 1222 C CZ3 . TRP A 1 184 ? -6.069  3.175   -0.475  1.000 84.487  ? 183 TRP AAA CZ3 1 
ATOM 1223 C CH2 . TRP A 1 184 ? -6.873  4.201   0.029   1.000 96.595  ? 183 TRP AAA CH2 1 
ATOM 1224 N N   . ALA A 1 185 ? -9.837  0.876   -6.389  1.000 108.571 ? 184 ALA AAA N   1 
ATOM 1225 C CA  . ALA A 1 185 ? -11.201 1.231   -6.744  1.000 111.422 ? 184 ALA AAA CA  1 
ATOM 1226 C C   . ALA A 1 185 ? -12.176 0.090   -6.442  1.000 118.453 ? 184 ALA AAA C   1 
ATOM 1227 O O   . ALA A 1 185 ? -13.304 0.350   -6.022  1.000 96.974  ? 184 ALA AAA O   1 
ATOM 1228 C CB  . ALA A 1 185 ? -11.256 1.676   -8.179  1.000 109.143 ? 184 ALA AAA CB  1 
ATOM 1229 N N   . ARG A 1 186 ? -11.739 -1.167  -6.625  1.000 108.452 ? 185 ARG AAA N   1 
ATOM 1230 C CA  . ARG A 1 186 ? -12.587 -2.312  -6.314  1.000 116.407 ? 185 ARG AAA CA  1 
ATOM 1231 C C   . ARG A 1 186 ? -12.893 -2.376  -4.818  1.000 140.305 ? 185 ARG AAA C   1 
ATOM 1232 O O   . ARG A 1 186 ? -13.978 -2.816  -4.432  1.000 129.240 ? 185 ARG AAA O   1 
ATOM 1233 C CB  . ARG A 1 186 ? -11.973 -3.654  -6.729  1.000 86.672  ? 185 ARG AAA CB  1 
ATOM 1234 C CG  . ARG A 1 186 ? -11.084 -3.582  -7.959  1.000 119.929 ? 185 ARG AAA CG  1 
ATOM 1235 C CD  . ARG A 1 186 ? -10.758 -4.985  -8.429  1.000 132.879 ? 185 ARG AAA CD  1 
ATOM 1236 N NE  . ARG A 1 186 ? -11.587 -5.372  -9.564  1.000 163.478 ? 185 ARG AAA NE  1 
ATOM 1237 C CZ  . ARG A 1 186 ? -12.607 -6.226  -9.530  1.000 129.801 ? 185 ARG AAA CZ  1 
ATOM 1238 N NH1 . ARG A 1 186 ? -12.945 -6.828  -8.404  1.000 127.661 ? 185 ARG AAA NH1 1 
ATOM 1239 N NH2 . ARG A 1 186 ? -13.271 -6.495  -10.640 1.000 140.777 ? 185 ARG AAA NH2 1 
ATOM 1240 N N   . ASN A 1 187 ? -11.943 -1.938  -3.980  1.000 103.995 ? 186 ASN AAA N   1 
ATOM 1241 C CA  . ASN A 1 187 ? -12.097 -2.190  -2.554  1.000 108.033 ? 186 ASN AAA CA  1 
ATOM 1242 C C   . ASN A 1 187 ? -12.725 -1.019  -1.809  1.000 112.846 ? 186 ASN AAA C   1 
ATOM 1243 O O   . ASN A 1 187 ? -13.088 -1.165  -0.642  1.000 88.172  ? 186 ASN AAA O   1 
ATOM 1244 C CB  . ASN A 1 187 ? -10.808 -2.671  -1.913  1.000 104.789 ? 186 ASN AAA CB  1 
ATOM 1245 C CG  . ASN A 1 187 ? -10.416 -3.992  -2.527  1.000 102.888 ? 186 ASN AAA CG  1 
ATOM 1246 O OD1 . ASN A 1 187 ? -10.823 -5.038  -2.039  1.000 124.531 ? 186 ASN AAA OD1 1 
ATOM 1247 N ND2 . ASN A 1 187 ? -9.684  -3.945  -3.627  1.000 107.077 ? 186 ASN AAA ND2 1 
ATOM 1248 N N   . VAL A 1 188 ? -12.870 0.112   -2.504  1.000 97.390  ? 187 VAL AAA N   1 
ATOM 1249 C CA  . VAL A 1 188 ? -13.384 1.334   -1.913  1.000 91.354  ? 187 VAL AAA CA  1 
ATOM 1250 C C   . VAL A 1 188 ? -14.697 0.989   -1.214  1.000 91.114  ? 187 VAL AAA C   1 
ATOM 1251 O O   . VAL A 1 188 ? -15.525 0.308   -1.808  1.000 126.303 ? 187 VAL AAA O   1 
ATOM 1252 C CB  . VAL A 1 188 ? -13.548 2.366   -3.047  1.000 88.592  ? 187 VAL AAA CB  1 
ATOM 1253 C CG1 . VAL A 1 188 ? -14.297 3.624   -2.643  1.000 70.322  ? 187 VAL AAA CG1 1 
ATOM 1254 C CG2 . VAL A 1 188 ? -12.200 2.704   -3.662  1.000 74.766  ? 187 VAL AAA CG2 1 
ATOM 1255 N N   . PRO A 1 189 ? -14.958 1.419   0.045   1.000 95.294  ? 188 PRO AAA N   1 
ATOM 1256 C CA  . PRO A 1 189 ? -14.042 2.232   0.836   1.000 90.613  ? 188 PRO AAA CA  1 
ATOM 1257 C C   . PRO A 1 189 ? -13.339 1.429   1.922   1.000 94.555  ? 188 PRO AAA C   1 
ATOM 1258 O O   . PRO A 1 189 ? -13.181 1.895   3.050   1.000 109.002 ? 188 PRO AAA O   1 
ATOM 1259 C CB  . PRO A 1 189 ? -15.046 3.190   1.495   1.000 86.412  ? 188 PRO AAA CB  1 
ATOM 1260 C CG  . PRO A 1 189 ? -16.301 2.365   1.724   1.000 95.330  ? 188 PRO AAA CG  1 
ATOM 1261 C CD  . PRO A 1 189 ? -16.237 1.215   0.743   1.000 111.693 ? 188 PRO AAA CD  1 
ATOM 1262 N N   . LYS A 1 190 ? -12.919 0.215   1.587   1.000 100.481 ? 189 LYS AAA N   1 
ATOM 1263 C CA  . LYS A 1 190 ? -12.410 -0.635  2.646   1.000 121.415 ? 189 LYS AAA CA  1 
ATOM 1264 C C   . LYS A 1 190 ? -10.928 -0.358  2.872   1.000 106.612 ? 189 LYS AAA C   1 
ATOM 1265 O O   . LYS A 1 190 ? -10.450 -0.510  3.994   1.000 112.915 ? 189 LYS AAA O   1 
ATOM 1266 C CB  . LYS A 1 190 ? -12.794 -2.099  2.419   1.000 128.731 ? 189 LYS AAA CB  1 
ATOM 1267 C CG  . LYS A 1 190 ? -14.298 -2.347  2.424   1.000 143.156 ? 189 LYS AAA CG  1 
ATOM 1268 C CD  . LYS A 1 190 ? -14.685 -3.803  2.344   1.000 147.224 ? 189 LYS AAA CD  1 
ATOM 1269 C CE  . LYS A 1 190 ? -13.928 -4.542  1.261   1.000 153.965 ? 189 LYS AAA CE  1 
ATOM 1270 N NZ  . LYS A 1 190 ? -14.722 -5.667  0.716   1.000 161.294 ? 189 LYS AAA NZ  1 
ATOM 1271 N N   . PHE A 1 191 ? -10.235 0.091   1.818   1.000 95.210  ? 190 PHE AAA N   1 
ATOM 1272 C CA  . PHE A 1 191 ? -8.834  0.472   1.900   1.000 88.051  ? 190 PHE AAA CA  1 
ATOM 1273 C C   . PHE A 1 191 ? -8.666  1.895   2.441   1.000 97.743  ? 190 PHE AAA C   1 
ATOM 1274 O O   . PHE A 1 191 ? -9.421  2.802   2.086   1.000 99.838  ? 190 PHE AAA O   1 
ATOM 1275 C CB  . PHE A 1 191 ? -8.177  0.383   0.524   1.000 92.077  ? 190 PHE AAA CB  1 
ATOM 1276 C CG  . PHE A 1 191 ? -7.909  -1.016  0.029   1.000 103.295 ? 190 PHE AAA CG  1 
ATOM 1277 C CD1 . PHE A 1 191 ? -8.220  -2.122  0.807   1.000 97.776  ? 190 PHE AAA CD1 1 
ATOM 1278 C CD2 . PHE A 1 191 ? -7.298  -1.221  -1.201  1.000 100.134 ? 190 PHE AAA CD2 1 
ATOM 1279 C CE1 . PHE A 1 191 ? -7.958  -3.405  0.343   1.000 97.180  ? 190 PHE AAA CE1 1 
ATOM 1280 C CE2 . PHE A 1 191 ? -7.030  -2.503  -1.656  1.000 95.880  ? 190 PHE AAA CE2 1 
ATOM 1281 C CZ  . PHE A 1 191 ? -7.361  -3.593  -0.884  1.000 92.438  ? 190 PHE AAA CZ  1 
ATOM 1282 N N   . GLY A 1 192 ? -7.642  2.060   3.290   1.000 97.643  ? 191 GLY AAA N   1 
ATOM 1283 C CA  . GLY A 1 192 ? -7.247  3.328   3.878   1.000 99.050  ? 191 GLY AAA CA  1 
ATOM 1284 C C   . GLY A 1 192 ? -5.737  3.536   3.782   1.000 114.960 ? 191 GLY AAA C   1 
ATOM 1285 O O   . GLY A 1 192 ? -5.073  2.942   2.934   1.000 109.297 ? 191 GLY AAA O   1 
ATOM 1286 N N   . LEU A 1 193 ? -5.189  4.368   4.669   1.000 114.741 ? 192 LEU AAA N   1 
ATOM 1287 C CA  . LEU A 1 193 ? -3.830  4.842   4.458   1.000 88.439  ? 192 LEU AAA CA  1 
ATOM 1288 C C   . LEU A 1 193 ? -2.828  3.720   4.721   1.000 94.089  ? 192 LEU AAA C   1 
ATOM 1289 O O   . LEU A 1 193 ? -1.795  3.661   4.064   1.000 114.299 ? 192 LEU AAA O   1 
ATOM 1290 C CB  . LEU A 1 193 ? -3.565  6.085   5.310   1.000 78.085  ? 192 LEU AAA CB  1 
ATOM 1291 C CG  . LEU A 1 193 ? -4.546  7.235   5.096   1.000 92.645  ? 192 LEU AAA CG  1 
ATOM 1292 C CD1 . LEU A 1 193 ? -4.320  8.318   6.123   1.000 91.556  ? 192 LEU AAA CD1 1 
ATOM 1293 C CD2 . LEU A 1 193 ? -4.416  7.815   3.698   1.000 89.932  ? 192 LEU AAA CD2 1 
ATOM 1294 N N   . ALA A 1 194 ? -3.145  2.798   5.635   1.000 91.181  ? 193 ALA AAA N   1 
ATOM 1295 C CA  . ALA A 1 194 ? -2.250  1.670   5.850   1.000 94.033  ? 193 ALA AAA CA  1 
ATOM 1296 C C   . ALA A 1 194 ? -2.161  0.833   4.577   1.000 138.045 ? 193 ALA AAA C   1 
ATOM 1297 O O   . ALA A 1 194 ? -1.108  0.277   4.276   1.000 145.132 ? 193 ALA AAA O   1 
ATOM 1298 C CB  . ALA A 1 194 ? -2.678  0.823   7.027   1.000 98.300  ? 193 ALA AAA CB  1 
ATOM 1299 N N   . HIS A 1 195 ? -3.269  0.747   3.833   1.000 146.288 ? 194 HIS AAA N   1 
ATOM 1300 C CA  . HIS A 1 195 ? -3.248  0.039   2.563   1.000 106.214 ? 194 HIS AAA CA  1 
ATOM 1301 C C   . HIS A 1 195 ? -2.406  0.818   1.568   1.000 113.725 ? 194 HIS AAA C   1 
ATOM 1302 O O   . HIS A 1 195 ? -1.489  0.272   0.968   1.000 133.877 ? 194 HIS AAA O   1 
ATOM 1303 C CB  . HIS A 1 195 ? -4.663  -0.209  2.047   1.000 117.336 ? 194 HIS AAA CB  1 
ATOM 1304 C CG  . HIS A 1 195 ? -5.401  -1.174  2.903   1.000 130.107 ? 194 HIS AAA CG  1 
ATOM 1305 N ND1 . HIS A 1 195 ? -6.254  -0.758  3.914   1.000 106.463 ? 194 HIS AAA ND1 1 
ATOM 1306 C CD2 . HIS A 1 195 ? -5.374  -2.524  2.933   1.000 88.240  ? 194 HIS AAA CD2 1 
ATOM 1307 C CE1 . HIS A 1 195 ? -6.754  -1.820  4.510   1.000 97.202  ? 194 HIS AAA CE1 1 
ATOM 1308 N NE2 . HIS A 1 195 ? -6.233  -2.915  3.924   1.000 114.617 ? 194 HIS AAA NE2 1 
ATOM 1309 N N   . LEU A 1 196 ? -2.713  2.108   1.425   1.000 113.126 ? 195 LEU AAA N   1 
ATOM 1310 C CA  . LEU A 1 196 ? -1.923  2.977   0.573   1.000 99.625  ? 195 LEU AAA CA  1 
ATOM 1311 C C   . LEU A 1 196 ? -0.432  2.852   0.880   1.000 110.123 ? 195 LEU AAA C   1 
ATOM 1312 O O   . LEU A 1 196 ? 0.380   3.159   0.019   1.000 126.165 ? 195 LEU AAA O   1 
ATOM 1313 C CB  . LEU A 1 196 ? -2.373  4.416   0.804   1.000 105.659 ? 195 LEU AAA CB  1 
ATOM 1314 C CG  . LEU A 1 196 ? -1.424  5.475   0.259   1.000 97.538  ? 195 LEU AAA CG  1 
ATOM 1315 C CD1 . LEU A 1 196 ? -2.020  6.107   -0.989  1.000 91.565  ? 195 LEU AAA CD1 1 
ATOM 1316 C CD2 . LEU A 1 196 ? -1.171  6.538   1.311   1.000 147.792 ? 195 LEU AAA CD2 1 
ATOM 1317 N N   . MET A 1 197 ? -0.067  2.479   2.116   1.000 108.356 ? 196 MET AAA N   1 
ATOM 1318 C CA  . MET A 1 197 ? 1.344   2.284   2.414   1.000 118.714 ? 196 MET AAA CA  1 
ATOM 1319 C C   . MET A 1 197 ? 1.753   0.910   1.891   1.000 121.418 ? 196 MET AAA C   1 
ATOM 1320 O O   . MET A 1 197 ? 2.555   0.829   0.968   1.000 137.972 ? 196 MET AAA O   1 
ATOM 1321 C CB  . MET A 1 197 ? 1.694   2.448   3.907   1.000 130.766 ? 196 MET AAA CB  1 
ATOM 1322 C CG  . MET A 1 197 ? 2.517   3.719   4.276   1.000 88.316  ? 196 MET AAA CG  1 
ATOM 1323 S SD  . MET A 1 197 ? 2.016   5.205   3.326   1.000 124.807 ? 196 MET AAA SD  1 
ATOM 1324 C CE  . MET A 1 197 ? 3.159   6.452   3.902   1.000 92.409  ? 196 MET AAA CE  1 
ATOM 1325 N N   . ALA A 1 198 ? 1.118   -0.143  2.426   1.000 141.550 ? 197 ALA AAA N   1 
ATOM 1326 C CA  . ALA A 1 198 ? 1.522   -1.536  2.281   1.000 142.539 ? 197 ALA AAA CA  1 
ATOM 1327 C C   . ALA A 1 198 ? 1.411   -2.052  0.844   1.000 135.704 ? 197 ALA AAA C   1 
ATOM 1328 O O   . ALA A 1 198 ? 2.018   -3.065  0.508   1.000 148.414 ? 197 ALA AAA O   1 
ATOM 1329 C CB  . ALA A 1 198 ? 0.705   -2.395  3.213   1.000 124.037 ? 197 ALA AAA CB  1 
ATOM 1330 N N   . LEU A 1 199 ? 0.603   -1.387  0.015   1.000 141.755 ? 198 LEU AAA N   1 
ATOM 1331 C CA  . LEU A 1 199 ? 0.450   -1.801  -1.369  1.000 127.442 ? 198 LEU AAA CA  1 
ATOM 1332 C C   . LEU A 1 199 ? 1.123   -0.770  -2.269  1.000 118.573 ? 198 LEU AAA C   1 
ATOM 1333 O O   . LEU A 1 199 ? 1.808   -1.141  -3.213  1.000 173.830 ? 198 LEU AAA O   1 
ATOM 1334 C CB  . LEU A 1 199 ? -1.035  -2.023  -1.704  1.000 120.189 ? 198 LEU AAA CB  1 
ATOM 1335 C CG  . LEU A 1 199 ? -1.694  -3.199  -0.972  1.000 113.955 ? 198 LEU AAA CG  1 
ATOM 1336 C CD1 . LEU A 1 199 ? -3.188  -3.245  -1.233  1.000 117.069 ? 198 LEU AAA CD1 1 
ATOM 1337 C CD2 . LEU A 1 199 ? -1.056  -4.527  -1.357  1.000 111.992 ? 198 LEU AAA CD2 1 
ATOM 1338 N N   . GLY A 1 200 ? 0.968   0.517   -1.942  1.000 125.613 ? 199 GLY AAA N   1 
ATOM 1339 C CA  . GLY A 1 200 ? 1.505   1.597   -2.759  1.000 129.030 ? 199 GLY AAA CA  1 
ATOM 1340 C C   . GLY A 1 200 ? 3.009   1.798   -2.573  1.000 151.881 ? 199 GLY AAA C   1 
ATOM 1341 O O   . GLY A 1 200 ? 3.814   1.238   -3.316  1.000 189.910 ? 199 GLY AAA O   1 
ATOM 1342 N N   . LEU A 1 201 ? 3.364   2.624   -1.583  1.000 146.528 ? 200 LEU AAA N   1 
ATOM 1343 C CA  . LEU A 1 201 ? 4.731   2.952   -1.206  1.000 158.873 ? 200 LEU AAA CA  1 
ATOM 1344 C C   . LEU A 1 201 ? 5.590   1.698   -1.055  1.000 138.245 ? 200 LEU AAA C   1 
ATOM 1345 O O   . LEU A 1 201 ? 6.677   1.622   -1.619  1.000 158.677 ? 200 LEU AAA O   1 
ATOM 1346 C CB  . LEU A 1 201 ? 4.674   3.715   0.121   1.000 169.599 ? 200 LEU AAA CB  1 
ATOM 1347 C CG  . LEU A 1 201 ? 5.937   4.484   0.506   1.000 159.779 ? 200 LEU AAA CG  1 
ATOM 1348 C CD1 . LEU A 1 201 ? 6.352   5.444   -0.601  1.000 164.820 ? 200 LEU AAA CD1 1 
ATOM 1349 C CD2 . LEU A 1 201 ? 5.716   5.249   1.799   1.000 120.862 ? 200 LEU AAA CD2 1 
ATOM 1350 N N   . GLY A 1 202 ? 5.097   0.725   -0.281  1.000 154.400 ? 201 GLY AAA N   1 
ATOM 1351 C CA  . GLY A 1 202 ? 5.880   -0.425  0.147   1.000 169.892 ? 201 GLY AAA CA  1 
ATOM 1352 C C   . GLY A 1 202 ? 6.577   -1.125  -1.017  1.000 174.937 ? 201 GLY AAA C   1 
ATOM 1353 O O   . GLY A 1 202 ? 7.791   -1.316  -0.990  1.000 207.701 ? 201 GLY AAA O   1 
ATOM 1354 N N   . PRO A 1 203 ? 5.811   -1.588  -2.029  1.000 167.657 ? 202 PRO AAA N   1 
ATOM 1355 C CA  . PRO A 1 203 ? 6.362   -1.965  -3.333  1.000 170.094 ? 202 PRO AAA CA  1 
ATOM 1356 C C   . PRO A 1 203 ? 7.340   -0.982  -3.974  1.000 185.572 ? 202 PRO AAA C   1 
ATOM 1357 O O   . PRO A 1 203 ? 8.477   -1.349  -4.256  1.000 243.969 ? 202 PRO AAA O   1 
ATOM 1358 C CB  . PRO A 1 203 ? 5.077   -2.084  -4.162  1.000 158.007 ? 202 PRO AAA CB  1 
ATOM 1359 C CG  . PRO A 1 203 ? 4.124   -2.701  -3.178  1.000 155.741 ? 202 PRO AAA CG  1 
ATOM 1360 C CD  . PRO A 1 203 ? 4.377   -1.891  -1.925  1.000 180.116 ? 202 PRO AAA CD  1 
ATOM 1361 N N   . TRP A 1 204 ? 6.894   0.262   -4.192  1.000 154.492 ? 203 TRP AAA N   1 
ATOM 1362 C CA  . TRP A 1 204 ? 7.644   1.270   -4.933  1.000 140.504 ? 203 TRP AAA CA  1 
ATOM 1363 C C   . TRP A 1 204 ? 9.032   1.478   -4.330  1.000 149.328 ? 203 TRP AAA C   1 
ATOM 1364 O O   . TRP A 1 204 ? 9.960   1.881   -5.028  1.000 172.289 ? 203 TRP AAA O   1 
ATOM 1365 C CB  . TRP A 1 204 ? 6.833   2.568   -4.957  1.000 121.683 ? 203 TRP AAA CB  1 
ATOM 1366 C CG  . TRP A 1 204 ? 7.400   3.739   -5.698  1.000 135.800 ? 203 TRP AAA CG  1 
ATOM 1367 C CD1 . TRP A 1 204 ? 6.862   4.330   -6.805  1.000 146.070 ? 203 TRP AAA CD1 1 
ATOM 1368 C CD2 . TRP A 1 204 ? 8.532   4.544   -5.325  1.000 137.235 ? 203 TRP AAA CD2 1 
ATOM 1369 N NE1 . TRP A 1 204 ? 7.598   5.425   -7.170  1.000 137.940 ? 203 TRP AAA NE1 1 
ATOM 1370 C CE2 . TRP A 1 204 ? 8.636   5.575   -6.288  1.000 124.426 ? 203 TRP AAA CE2 1 
ATOM 1371 C CE3 . TRP A 1 204 ? 9.483   4.485   -4.297  1.000 145.479 ? 203 TRP AAA CE3 1 
ATOM 1372 C CZ2 . TRP A 1 204 ? 9.648   6.535   -6.242  1.000 126.331 ? 203 TRP AAA CZ2 1 
ATOM 1373 C CZ3 . TRP A 1 204 ? 10.486  5.431   -4.256  1.000 176.441 ? 203 TRP AAA CZ3 1 
ATOM 1374 C CH2 . TRP A 1 204 ? 10.562  6.444   -5.216  1.000 161.459 ? 203 TRP AAA CH2 1 
ATOM 1375 N N   . LEU A 1 205 ? 9.170   1.199   -3.032  1.000 143.483 ? 204 LEU AAA N   1 
ATOM 1376 C CA  . LEU A 1 205 ? 10.460  1.291   -2.372  1.000 184.382 ? 204 LEU AAA CA  1 
ATOM 1377 C C   . LEU A 1 205 ? 11.372  0.160   -2.840  1.000 200.683 ? 204 LEU AAA C   1 
ATOM 1378 O O   . LEU A 1 205 ? 12.506  0.412   -3.240  1.000 265.494 ? 204 LEU AAA O   1 
ATOM 1379 C CB  . LEU A 1 205 ? 10.263  1.263   -0.853  1.000 166.482 ? 204 LEU AAA CB  1 
ATOM 1380 C CG  . LEU A 1 205 ? 10.307  2.623   -0.157  1.000 153.912 ? 204 LEU AAA CG  1 
ATOM 1381 C CD1 . LEU A 1 205 ? 11.554  2.757   0.704   1.000 163.445 ? 204 LEU AAA CD1 1 
ATOM 1382 C CD2 . LEU A 1 205 ? 10.206  3.773   -1.153  1.000 101.686 ? 204 LEU AAA CD2 1 
ATOM 1383 N N   . ALA A 1 206 ? 10.863  -1.076  -2.806  1.000 197.409 ? 205 ALA AAA N   1 
ATOM 1384 C CA  . ALA A 1 206 ? 11.684  -2.246  -3.080  1.000 230.327 ? 205 ALA AAA CA  1 
ATOM 1385 C C   . ALA A 1 206 ? 12.122  -2.289  -4.546  1.000 226.700 ? 205 ALA AAA C   1 
ATOM 1386 O O   . ALA A 1 206 ? 12.941  -3.127  -4.921  1.000 211.882 ? 205 ALA AAA O   1 
ATOM 1387 C CB  . ALA A 1 206 ? 10.970  -3.506  -2.653  1.000 221.760 ? 205 ALA AAA CB  1 
ATOM 1388 N N   . VAL A 1 207 ? 11.589  -1.370  -5.362  1.000 175.287 ? 206 VAL AAA N   1 
ATOM 1389 C CA  . VAL A 1 207 ? 12.011  -1.224  -6.746  1.000 143.875 ? 206 VAL AAA CA  1 
ATOM 1390 C C   . VAL A 1 207 ? 13.010  -0.072  -6.832  1.000 181.779 ? 206 VAL AAA C   1 
ATOM 1391 O O   . VAL A 1 207 ? 14.211  -0.305  -6.970  1.000 212.456 ? 206 VAL AAA O   1 
ATOM 1392 C CB  . VAL A 1 207 ? 10.805  -1.035  -7.686  1.000 151.334 ? 206 VAL AAA CB  1 
ATOM 1393 C CG1 . VAL A 1 207 ? 11.223  -0.836  -9.135  1.000 151.354 ? 206 VAL AAA CG1 1 
ATOM 1394 C CG2 . VAL A 1 207 ? 9.820   -2.189  -7.566  1.000 170.665 ? 206 VAL AAA CG2 1 
ATOM 1395 N N   . GLU A 1 208 ? 12.506  1.161   -6.703  1.000 162.443 ? 207 GLU AAA N   1 
ATOM 1396 C CA  . GLU A 1 208 ? 13.303  2.359   -6.912  1.000 163.838 ? 207 GLU AAA CA  1 
ATOM 1397 C C   . GLU A 1 208 ? 14.568  2.349   -6.060  1.000 157.582 ? 207 GLU AAA C   1 
ATOM 1398 O O   . GLU A 1 208 ? 15.639  2.661   -6.566  1.000 169.386 ? 207 GLU AAA O   1 
ATOM 1399 C CB  . GLU A 1 208 ? 12.488  3.617   -6.616  1.000 212.058 ? 207 GLU AAA CB  1 
ATOM 1400 C CG  . GLU A 1 208 ? 11.212  3.711   -7.426  1.000 213.968 ? 207 GLU AAA CG  1 
ATOM 1401 C CD  . GLU A 1 208 ? 11.373  3.473   -8.914  1.000 190.171 ? 207 GLU AAA CD  1 
ATOM 1402 O OE1 . GLU A 1 208 ? 11.349  4.468   -9.672  1.000 174.401 ? 207 GLU AAA OE1 1 
ATOM 1403 O OE2 . GLU A 1 208 ? 11.493  2.290   -9.306  1.000 159.502 ? 207 GLU AAA OE2 1 
ATOM 1404 N N   . ILE A 1 209 ? 14.438  2.009   -4.771  1.000 196.377 ? 208 ILE AAA N   1 
ATOM 1405 C CA  . ILE A 1 209 ? 15.519  2.255   -3.827  1.000 247.621 ? 208 ILE AAA CA  1 
ATOM 1406 C C   . ILE A 1 209 ? 16.730  1.371   -4.138  1.000 272.258 ? 208 ILE AAA C   1 
ATOM 1407 O O   . ILE A 1 209 ? 17.851  1.874   -4.131  1.000 361.958 ? 208 ILE AAA O   1 
ATOM 1408 C CB  . ILE A 1 209 ? 15.052  2.234   -2.351  1.000 266.584 ? 208 ILE AAA CB  1 
ATOM 1409 C CG1 . ILE A 1 209 ? 13.948  3.266   -2.084  1.000 280.810 ? 208 ILE AAA CG1 1 
ATOM 1410 C CG2 . ILE A 1 209 ? 16.220  2.406   -1.389  1.000 257.729 ? 208 ILE AAA CG2 1 
ATOM 1411 C CD1 . ILE A 1 209 ? 14.229  4.659   -2.618  1.000 234.020 ? 208 ILE AAA CD1 1 
ATOM 1412 N N   . PRO A 1 210 ? 16.584  0.056   -4.439  1.000 240.219 ? 209 PRO AAA N   1 
ATOM 1413 C CA  . PRO A 1 210 ? 17.699  -0.727  -4.982  1.000 230.314 ? 209 PRO AAA CA  1 
ATOM 1414 C C   . PRO A 1 210 ? 18.361  -0.060  -6.188  1.000 236.710 ? 209 PRO AAA C   1 
ATOM 1415 O O   . PRO A 1 210 ? 19.584  -0.094  -6.320  1.000 251.866 ? 209 PRO AAA O   1 
ATOM 1416 C CB  . PRO A 1 210 ? 17.027  -2.036  -5.418  1.000 203.066 ? 209 PRO AAA CB  1 
ATOM 1417 C CG  . PRO A 1 210 ? 15.873  -2.186  -4.459  1.000 164.794 ? 209 PRO AAA CG  1 
ATOM 1418 C CD  . PRO A 1 210 ? 15.388  -0.772  -4.212  1.000 207.456 ? 209 PRO AAA CD  1 
ATOM 1419 N N   . ASP A 1 211 ? 17.534  0.564   -7.039  1.000 194.064 ? 210 ASP AAA N   1 
ATOM 1420 C CA  . ASP A 1 211 ? 17.956  1.159   -8.299  1.000 187.521 ? 210 ASP AAA CA  1 
ATOM 1421 C C   . ASP A 1 211 ? 18.777  2.430   -8.068  1.000 198.314 ? 210 ASP AAA C   1 
ATOM 1422 O O   . ASP A 1 211 ? 19.776  2.644   -8.748  1.000 221.230 ? 210 ASP AAA O   1 
ATOM 1423 C CB  . ASP A 1 211 ? 16.766  1.331   -9.252  1.000 164.244 ? 210 ASP AAA CB  1 
ATOM 1424 C CG  . ASP A 1 211 ? 16.690  2.688   -9.932  1.000 168.242 ? 210 ASP AAA CG  1 
ATOM 1425 O OD1 . ASP A 1 211 ? 17.560  2.969   -10.777 1.000 192.141 ? 210 ASP AAA OD1 1 
ATOM 1426 O OD2 . ASP A 1 211 ? 15.762  3.459   -9.608  1.000 158.229 ? 210 ASP AAA OD2 1 
ATOM 1427 N N   . LEU A 1 212 ? 18.357  3.271   -7.115  1.000 237.640 ? 211 LEU AAA N   1 
ATOM 1428 C CA  . LEU A 1 212 ? 19.010  4.555   -6.890  1.000 252.411 ? 211 LEU AAA CA  1 
ATOM 1429 C C   . LEU A 1 212 ? 20.279  4.392   -6.047  1.000 254.349 ? 211 LEU AAA C   1 
ATOM 1430 O O   . LEU A 1 212 ? 21.117  5.293   -6.022  1.000 248.137 ? 211 LEU AAA O   1 
ATOM 1431 C CB  . LEU A 1 212 ? 18.019  5.540   -6.256  1.000 271.478 ? 211 LEU AAA CB  1 
ATOM 1432 C CG  . LEU A 1 212 ? 16.732  5.800   -7.042  1.000 258.834 ? 211 LEU AAA CG  1 
ATOM 1433 C CD1 . LEU A 1 212 ? 15.841  6.798   -6.317  1.000 277.595 ? 211 LEU AAA CD1 1 
ATOM 1434 C CD2 . LEU A 1 212 ? 17.033  6.276   -8.454  1.000 213.324 ? 211 LEU AAA CD2 1 
ATOM 1435 N N   . ILE A 1 213 ? 20.412  3.245   -5.362  1.000 268.872 ? 212 ILE AAA N   1 
ATOM 1436 C CA  . ILE A 1 213 ? 21.589  2.923   -4.563  1.000 263.567 ? 212 ILE AAA CA  1 
ATOM 1437 C C   . ILE A 1 213 ? 22.724  2.529   -5.501  1.000 260.960 ? 212 ILE AAA C   1 
ATOM 1438 O O   . ILE A 1 213 ? 23.858  2.977   -5.337  1.000 264.291 ? 212 ILE AAA O   1 
ATOM 1439 C CB  . ILE A 1 213 ? 21.298  1.796   -3.546  1.000 267.492 ? 212 ILE AAA CB  1 
ATOM 1440 C CG1 . ILE A 1 213 ? 20.535  2.319   -2.328  1.000 294.109 ? 212 ILE AAA CG1 1 
ATOM 1441 C CG2 . ILE A 1 213 ? 22.579  1.082   -3.131  1.000 247.484 ? 212 ILE AAA CG2 1 
ATOM 1442 C CD1 . ILE A 1 213 ? 19.723  1.266   -1.621  1.000 260.171 ? 212 ILE AAA CD1 1 
ATOM 1443 N N   . GLN A 1 214 ? 22.393  1.667   -6.467  1.000 246.378 ? 213 GLN AAA N   1 
ATOM 1444 C CA  . GLN A 1 214 ? 23.364  1.176   -7.429  1.000 230.471 ? 213 GLN AAA CA  1 
ATOM 1445 C C   . GLN A 1 214 ? 23.673  2.261   -8.463  1.000 257.416 ? 213 GLN AAA C   1 
ATOM 1446 O O   . GLN A 1 214 ? 24.739  2.225   -9.072  1.000 319.264 ? 213 GLN AAA O   1 
ATOM 1447 C CB  . GLN A 1 214 ? 22.922  -0.171  -8.014  1.000 226.556 ? 213 GLN AAA CB  1 
ATOM 1448 C CG  . GLN A 1 214 ? 21.665  -0.107  -8.873  1.000 221.336 ? 213 GLN AAA CG  1 
ATOM 1449 C CD  . GLN A 1 214 ? 21.920  -0.390  -10.334 1.000 201.758 ? 213 GLN AAA CD  1 
ATOM 1450 O OE1 . GLN A 1 214 ? 22.549  -1.385  -10.691 1.000 195.026 ? 213 GLN AAA OE1 1 
ATOM 1451 N NE2 . GLN A 1 214 ? 21.403  0.473   -11.193 1.000 183.007 ? 213 GLN AAA NE2 1 
ATOM 1452 N N   . LYS A 1 215 ? 22.755  3.227   -8.640  1.000 241.012 ? 214 LYS AAA N   1 
ATOM 1453 C CA  . LYS A 1 215 ? 22.984  4.362   -9.529  1.000 228.014 ? 214 LYS AAA CA  1 
ATOM 1454 C C   . LYS A 1 215 ? 23.599  5.532   -8.760  1.000 277.507 ? 214 LYS AAA C   1 
ATOM 1455 O O   . LYS A 1 215 ? 23.914  6.567   -9.346  1.000 320.162 ? 214 LYS AAA O   1 
ATOM 1456 C CB  . LYS A 1 215 ? 21.710  4.778   -10.275 1.000 192.153 ? 214 LYS AAA CB  1 
ATOM 1457 C CG  . LYS A 1 215 ? 21.904  5.887   -11.304 1.000 159.050 ? 214 LYS AAA CG  1 
ATOM 1458 C CD  . LYS A 1 215 ? 20.715  6.102   -12.205 1.000 173.038 ? 214 LYS AAA CD  1 
ATOM 1459 C CE  . LYS A 1 215 ? 20.516  4.959   -13.177 1.000 155.290 ? 214 LYS AAA CE  1 
ATOM 1460 N NZ  . LYS A 1 215 ? 19.203  5.048   -13.858 1.000 154.971 ? 214 LYS AAA NZ  1 
ATOM 1461 N N   . GLY A 1 216 ? 23.747  5.367   -7.440  1.000 292.233 ? 215 GLY AAA N   1 
ATOM 1462 C CA  . GLY A 1 216 ? 24.553  6.263   -6.626  1.000 256.678 ? 215 GLY AAA CA  1 
ATOM 1463 C C   . GLY A 1 216 ? 23.935  7.647   -6.428  1.000 259.871 ? 215 GLY AAA C   1 
ATOM 1464 O O   . GLY A 1 216 ? 24.540  8.493   -5.770  1.000 224.148 ? 215 GLY AAA O   1 
ATOM 1465 N N   . VAL A 1 217 ? 22.741  7.871   -6.998  1.000 292.341 ? 216 VAL AAA N   1 
ATOM 1466 C CA  . VAL A 1 217 ? 21.993  9.098   -6.750  1.000 262.264 ? 216 VAL AAA CA  1 
ATOM 1467 C C   . VAL A 1 217 ? 21.705  9.199   -5.253  1.000 271.658 ? 216 VAL AAA C   1 
ATOM 1468 O O   . VAL A 1 217 ? 21.494  10.292  -4.731  1.000 255.966 ? 216 VAL AAA O   1 
ATOM 1469 C CB  . VAL A 1 217 ? 20.716  9.240   -7.608  1.000 216.055 ? 216 VAL AAA CB  1 
ATOM 1470 C CG1 . VAL A 1 217 ? 20.824  10.392  -8.597  1.000 200.146 ? 216 VAL AAA CG1 1 
ATOM 1471 C CG2 . VAL A 1 217 ? 20.311  7.951   -8.311  1.000 171.791 ? 216 VAL AAA CG2 1 
ATOM 1472 N N   . ILE A 1 218 ? 21.697  8.036   -4.586  1.000 293.653 ? 217 ILE AAA N   1 
ATOM 1473 C CA  . ILE A 1 218 ? 21.851  7.933   -3.143  1.000 282.804 ? 217 ILE AAA CA  1 
ATOM 1474 C C   . ILE A 1 218 ? 22.900  6.858   -2.851  1.000 270.666 ? 217 ILE AAA C   1 
ATOM 1475 O O   . ILE A 1 218 ? 23.043  5.901   -3.612  1.000 259.691 ? 217 ILE AAA O   1 
ATOM 1476 C CB  . ILE A 1 218 ? 20.511  7.667   -2.420  1.000 308.409 ? 217 ILE AAA CB  1 
ATOM 1477 C CG1 . ILE A 1 218 ? 19.920  6.294   -2.760  1.000 332.771 ? 217 ILE AAA CG1 1 
ATOM 1478 C CG2 . ILE A 1 218 ? 19.515  8.797   -2.656  1.000 301.425 ? 217 ILE AAA CG2 1 
ATOM 1479 C CD1 . ILE A 1 218 ? 18.926  5.784   -1.740  1.000 339.480 ? 217 ILE AAA CD1 1 
ATOM 1480 N N   . GLN A 1 219 ? 23.637  7.036   -1.748  1.000 268.081 ? 218 GLN AAA N   1 
ATOM 1481 C CA  . GLN A 1 219 ? 24.735  6.150   -1.396  1.000 226.735 ? 218 GLN AAA CA  1 
ATOM 1482 C C   . GLN A 1 219 ? 24.504  5.579   0.007   1.000 217.802 ? 218 GLN AAA C   1 
ATOM 1483 O O   . GLN A 1 219 ? 24.420  6.397   0.948   1.000 222.698 ? 218 GLN AAA O   1 
ATOM 1484 C CB  . GLN A 1 219 ? 26.071  6.894   -1.482  1.000 221.162 ? 218 GLN AAA CB  1 
ATOM 1485 C CG  . GLN A 1 219 ? 26.573  7.095   -2.906  1.000 230.031 ? 218 GLN AAA CG  1 
ATOM 1486 C CD  . GLN A 1 219 ? 27.535  8.252   -3.025  1.000 222.681 ? 218 GLN AAA CD  1 
ATOM 1487 O OE1 . GLN A 1 219 ? 27.140  9.406   -3.176  1.000 208.441 ? 218 GLN AAA OE1 1 
ATOM 1488 N NE2 . GLN A 1 219 ? 28.822  7.949   -2.977  1.000 223.178 ? 218 GLN AAA NE2 1 
# 
